data_1K8H
#
_entry.id   1K8H
#
_entity_poly.entity_id   1
_entity_poly.type   'polypeptide(L)'
_entity_poly.pdbx_seq_one_letter_code
;GKSDKIIPIAENKEAKAKYDILETYEAGIVLKGSEVKSLREKGTVSFKDSFVRIENGEAWLYNLYIAPYKHATIENHDPL
RKRKLLLHKREIMRLYGKVQEKGYTIIPLKLYWKNNKVKVLIALAKGKKLYDR
;
_entity_poly.pdbx_strand_id   A
#
# COMPACT_ATOMS: atom_id res chain seq x y z
N GLY A 1 20.46 -5.84 -11.42
CA GLY A 1 20.07 -4.40 -11.41
C GLY A 1 21.26 -3.48 -11.49
N LYS A 2 21.80 -3.30 -12.69
CA LYS A 2 22.96 -2.44 -12.89
C LYS A 2 22.53 -1.07 -13.41
N SER A 3 21.87 -1.05 -14.56
CA SER A 3 21.40 0.19 -15.16
C SER A 3 20.18 0.72 -14.43
N ASP A 4 19.54 1.74 -15.01
CA ASP A 4 18.34 2.32 -14.41
C ASP A 4 18.65 2.90 -13.04
N LYS A 5 17.63 3.48 -12.40
CA LYS A 5 17.79 4.07 -11.08
C LYS A 5 16.52 3.95 -10.27
N ILE A 6 15.71 2.93 -10.56
CA ILE A 6 14.46 2.71 -9.86
C ILE A 6 14.66 1.81 -8.65
N ILE A 7 14.04 2.18 -7.53
CA ILE A 7 14.17 1.40 -6.30
C ILE A 7 12.83 0.73 -5.94
N PRO A 8 12.83 -0.60 -5.78
CA PRO A 8 11.61 -1.36 -5.45
C PRO A 8 11.30 -1.34 -3.96
N ILE A 9 10.01 -1.26 -3.63
CA ILE A 9 9.57 -1.26 -2.25
C ILE A 9 8.31 -2.10 -2.09
N ALA A 10 7.99 -2.36 -0.85
CA ALA A 10 6.82 -3.16 -0.49
C ALA A 10 6.82 -4.51 -1.20
N GLU A 11 5.94 -5.40 -0.75
CA GLU A 11 5.84 -6.74 -1.33
C GLU A 11 4.75 -7.55 -0.64
N ASN A 12 4.13 -8.46 -1.40
CA ASN A 12 3.08 -9.31 -0.85
C ASN A 12 2.81 -10.50 -1.75
N LYS A 13 1.89 -11.36 -1.33
CA LYS A 13 1.54 -12.56 -2.11
C LYS A 13 0.55 -13.43 -1.34
N GLU A 14 0.68 -13.45 -0.02
CA GLU A 14 -0.20 -14.23 0.83
C GLU A 14 -1.67 -13.99 0.50
N ALA A 15 -2.05 -12.72 0.43
CA ALA A 15 -3.43 -12.35 0.13
C ALA A 15 -3.95 -13.09 -1.10
N LYS A 16 -3.20 -13.03 -2.19
CA LYS A 16 -3.60 -13.70 -3.43
C LYS A 16 -3.98 -15.16 -3.19
N ALA A 17 -3.13 -15.87 -2.47
CA ALA A 17 -3.38 -17.28 -2.18
C ALA A 17 -4.65 -17.49 -1.36
N LYS A 18 -4.62 -17.05 -0.10
CA LYS A 18 -5.76 -17.21 0.79
C LYS A 18 -6.97 -16.38 0.35
N TYR A 19 -6.75 -15.44 -0.55
CA TYR A 19 -7.83 -14.58 -1.05
C TYR A 19 -7.75 -14.43 -2.56
N ASP A 20 -8.86 -14.74 -3.23
CA ASP A 20 -8.93 -14.65 -4.69
C ASP A 20 -9.00 -13.20 -5.13
N ILE A 21 -8.07 -12.81 -6.00
CA ILE A 21 -8.01 -11.45 -6.52
C ILE A 21 -9.09 -11.22 -7.57
N LEU A 22 -9.80 -10.10 -7.46
CA LEU A 22 -10.87 -9.77 -8.40
C LEU A 22 -10.46 -8.59 -9.28
N GLU A 23 -10.38 -7.41 -8.67
CA GLU A 23 -10.00 -6.20 -9.39
C GLU A 23 -8.84 -5.49 -8.70
N THR A 24 -8.11 -4.68 -9.46
CA THR A 24 -6.97 -3.95 -8.91
C THR A 24 -7.05 -2.47 -9.27
N TYR A 25 -6.63 -1.62 -8.34
CA TYR A 25 -6.65 -0.18 -8.57
C TYR A 25 -5.23 0.39 -8.54
N GLU A 26 -5.09 1.66 -8.88
CA GLU A 26 -3.79 2.31 -8.90
C GLU A 26 -3.78 3.57 -8.06
N ALA A 27 -2.76 3.70 -7.22
CA ALA A 27 -2.61 4.86 -6.35
C ALA A 27 -1.20 5.41 -6.41
N GLY A 28 -1.05 6.71 -6.19
CA GLY A 28 0.28 7.31 -6.24
C GLY A 28 0.63 8.04 -4.96
N ILE A 29 1.77 7.67 -4.37
CA ILE A 29 2.23 8.29 -3.13
C ILE A 29 3.36 9.28 -3.41
N VAL A 30 3.22 10.49 -2.89
CA VAL A 30 4.22 11.53 -3.08
C VAL A 30 4.51 12.25 -1.78
N LEU A 31 5.78 12.26 -1.38
CA LEU A 31 6.20 12.91 -0.14
C LEU A 31 7.42 13.79 -0.39
N LYS A 32 7.98 14.33 0.70
CA LYS A 32 9.15 15.19 0.61
C LYS A 32 10.30 14.47 -0.08
N GLY A 33 11.51 15.03 0.03
CA GLY A 33 12.67 14.42 -0.60
C GLY A 33 13.52 13.66 0.39
N SER A 34 13.80 14.27 1.53
CA SER A 34 14.61 13.62 2.57
C SER A 34 14.05 12.26 2.94
N GLU A 35 12.74 12.20 3.12
CA GLU A 35 12.06 10.95 3.48
C GLU A 35 12.37 9.84 2.47
N VAL A 36 12.21 10.16 1.19
CA VAL A 36 12.46 9.21 0.12
C VAL A 36 13.82 8.53 0.27
N LYS A 37 14.86 9.34 0.47
CA LYS A 37 16.22 8.81 0.62
C LYS A 37 16.33 7.80 1.76
N SER A 38 15.81 8.15 2.93
CA SER A 38 15.88 7.28 4.10
C SER A 38 15.42 5.86 3.77
N LEU A 39 14.25 5.74 3.15
CA LEU A 39 13.71 4.44 2.79
C LEU A 39 14.50 3.80 1.66
N ARG A 40 14.74 4.56 0.60
CA ARG A 40 15.47 4.08 -0.57
C ARG A 40 16.77 3.38 -0.16
N GLU A 41 17.61 4.09 0.59
CA GLU A 41 18.89 3.54 1.03
C GLU A 41 18.68 2.30 1.91
N LYS A 42 17.81 2.42 2.91
CA LYS A 42 17.54 1.31 3.82
C LYS A 42 17.05 0.09 3.05
N GLY A 43 15.76 0.06 2.73
CA GLY A 43 15.20 -1.06 2.02
C GLY A 43 14.40 -1.99 2.91
N THR A 44 13.55 -1.40 3.75
CA THR A 44 12.73 -2.19 4.67
C THR A 44 11.39 -1.50 4.93
N VAL A 45 10.33 -2.28 4.99
CA VAL A 45 8.98 -1.76 5.23
C VAL A 45 8.11 -2.83 5.88
N SER A 46 6.81 -2.58 5.96
CA SER A 46 5.88 -3.54 6.56
C SER A 46 5.92 -4.86 5.82
N PHE A 47 5.45 -5.92 6.47
CA PHE A 47 5.44 -7.25 5.86
C PHE A 47 4.03 -7.81 5.80
N LYS A 48 3.47 -8.13 6.97
CA LYS A 48 2.12 -8.68 7.03
C LYS A 48 1.27 -7.96 8.08
N ASP A 49 1.49 -6.65 8.20
CA ASP A 49 0.74 -5.85 9.16
C ASP A 49 0.31 -4.51 8.55
N SER A 50 0.40 -4.41 7.23
CA SER A 50 0.02 -3.19 6.52
C SER A 50 -1.22 -3.43 5.66
N PHE A 51 -2.25 -2.63 5.87
CA PHE A 51 -3.49 -2.76 5.11
C PHE A 51 -3.82 -1.47 4.37
N VAL A 52 -4.71 -1.57 3.39
CA VAL A 52 -5.12 -0.42 2.60
C VAL A 52 -6.64 -0.26 2.60
N ARG A 53 -7.11 0.97 2.87
CA ARG A 53 -8.53 1.25 2.90
C ARG A 53 -8.86 2.45 2.02
N ILE A 54 -9.98 2.37 1.30
CA ILE A 54 -10.39 3.46 0.42
C ILE A 54 -11.39 4.37 1.12
N GLU A 55 -11.08 5.66 1.16
CA GLU A 55 -11.95 6.63 1.81
C GLU A 55 -12.01 7.93 1.00
N ASN A 56 -12.96 8.80 1.36
CA ASN A 56 -13.14 10.08 0.68
C ASN A 56 -13.31 9.88 -0.83
N GLY A 57 -12.21 10.02 -1.58
CA GLY A 57 -12.30 9.84 -3.03
C GLY A 57 -11.04 9.22 -3.63
N GLU A 58 -10.11 8.81 -2.78
CA GLU A 58 -8.87 8.20 -3.26
C GLU A 58 -8.45 7.05 -2.35
N ALA A 59 -7.45 6.30 -2.78
CA ALA A 59 -6.95 5.17 -2.00
C ALA A 59 -6.06 5.65 -0.86
N TRP A 60 -6.19 5.02 0.30
CA TRP A 60 -5.39 5.38 1.47
C TRP A 60 -4.51 4.22 1.89
N LEU A 61 -3.30 4.53 2.35
CA LEU A 61 -2.36 3.50 2.78
C LEU A 61 -2.07 3.58 4.27
N TYR A 62 -2.28 2.46 4.96
CA TYR A 62 -2.03 2.39 6.40
C TYR A 62 -1.05 1.26 6.71
N ASN A 63 0.03 1.60 7.40
CA ASN A 63 1.05 0.60 7.75
C ASN A 63 1.23 0.51 9.26
N LEU A 64 1.21 -0.72 9.77
CA LEU A 64 1.37 -0.96 11.20
C LEU A 64 2.60 -1.82 11.46
N TYR A 65 3.56 -1.77 10.54
CA TYR A 65 4.79 -2.55 10.68
C TYR A 65 5.98 -1.82 10.06
N ILE A 66 6.12 -0.53 10.37
CA ILE A 66 7.20 0.27 9.85
C ILE A 66 8.56 -0.27 10.30
N ALA A 67 9.35 -0.73 9.35
CA ALA A 67 10.68 -1.28 9.65
C ALA A 67 11.72 -0.18 9.78
N PRO A 68 11.72 0.81 8.86
CA PRO A 68 12.69 1.91 8.89
C PRO A 68 12.84 2.54 10.28
N TYR A 69 13.94 3.25 10.48
CA TYR A 69 14.21 3.89 11.77
C TYR A 69 14.59 5.36 11.57
N LYS A 70 13.63 6.24 11.83
CA LYS A 70 13.87 7.68 11.68
C LYS A 70 13.42 8.43 12.93
N HIS A 71 13.52 7.77 14.08
CA HIS A 71 13.13 8.39 15.35
C HIS A 71 14.18 8.13 16.42
N ALA A 72 14.98 9.16 16.70
CA ALA A 72 16.03 9.05 17.71
C ALA A 72 15.58 9.65 19.04
N THR A 73 14.75 10.70 18.96
CA THR A 73 14.25 11.36 20.15
C THR A 73 13.08 10.59 20.76
N ILE A 74 12.69 10.96 21.98
CA ILE A 74 11.60 10.30 22.66
C ILE A 74 10.31 11.10 22.53
N GLU A 75 10.14 11.75 21.39
CA GLU A 75 8.95 12.56 21.14
C GLU A 75 8.35 12.23 19.77
N ASN A 76 7.62 11.13 19.70
CA ASN A 76 7.00 10.72 18.44
C ASN A 76 5.63 10.08 18.69
N HIS A 77 4.92 9.76 17.62
CA HIS A 77 3.61 9.14 17.72
C HIS A 77 3.67 7.64 17.43
N ASP A 78 2.53 6.98 17.52
CA ASP A 78 2.47 5.55 17.26
C ASP A 78 2.94 5.22 15.84
N PRO A 79 3.54 4.04 15.65
CA PRO A 79 4.03 3.61 14.34
C PRO A 79 2.90 3.29 13.37
N LEU A 80 2.47 4.30 12.62
CA LEU A 80 1.38 4.13 11.66
C LEU A 80 1.78 4.72 10.31
N ARG A 81 2.23 5.96 10.31
CA ARG A 81 2.65 6.63 9.09
C ARG A 81 1.53 6.61 8.04
N LYS A 82 0.57 7.51 8.20
CA LYS A 82 -0.56 7.59 7.28
C LYS A 82 -0.17 8.37 6.02
N ARG A 83 -0.34 7.74 4.86
CA ARG A 83 0.00 8.39 3.59
C ARG A 83 -1.19 8.41 2.66
N LYS A 84 -1.38 9.52 1.95
CA LYS A 84 -2.48 9.66 1.02
C LYS A 84 -2.01 9.49 -0.42
N LEU A 85 -2.64 8.56 -1.14
CA LEU A 85 -2.29 8.29 -2.53
C LEU A 85 -3.45 8.66 -3.45
N LEU A 86 -3.15 9.49 -4.45
CA LEU A 86 -4.16 9.95 -5.41
C LEU A 86 -4.97 8.78 -5.97
N LEU A 87 -5.99 9.10 -6.76
CA LEU A 87 -6.85 8.10 -7.37
C LEU A 87 -7.82 8.77 -8.36
N HIS A 88 -8.95 8.14 -8.63
CA HIS A 88 -9.94 8.70 -9.56
C HIS A 88 -11.14 9.25 -8.79
N LYS A 89 -12.25 9.42 -9.49
CA LYS A 89 -13.48 9.94 -8.88
C LYS A 89 -14.60 8.92 -8.96
N ARG A 90 -14.87 8.45 -10.17
CA ARG A 90 -15.93 7.46 -10.39
C ARG A 90 -15.51 6.10 -9.84
N GLU A 91 -14.31 5.67 -10.22
CA GLU A 91 -13.78 4.37 -9.79
C GLU A 91 -13.76 4.25 -8.27
N ILE A 92 -13.13 5.21 -7.59
CA ILE A 92 -13.03 5.19 -6.14
C ILE A 92 -14.39 4.93 -5.48
N MET A 93 -15.40 5.69 -5.90
CA MET A 93 -16.74 5.54 -5.35
C MET A 93 -17.29 4.15 -5.60
N ARG A 94 -17.21 3.70 -6.84
CA ARG A 94 -17.71 2.38 -7.23
C ARG A 94 -17.09 1.28 -6.37
N LEU A 95 -15.77 1.19 -6.39
CA LEU A 95 -15.05 0.16 -5.63
C LEU A 95 -15.50 0.15 -4.16
N TYR A 96 -15.54 1.32 -3.54
CA TYR A 96 -15.94 1.44 -2.14
C TYR A 96 -17.25 0.70 -1.86
N GLY A 97 -18.26 0.97 -2.68
CA GLY A 97 -19.56 0.34 -2.49
C GLY A 97 -19.55 -1.16 -2.67
N LYS A 98 -19.37 -1.62 -3.91
CA LYS A 98 -19.37 -3.05 -4.21
C LYS A 98 -18.38 -3.83 -3.34
N VAL A 99 -17.10 -3.53 -3.48
CA VAL A 99 -16.04 -4.21 -2.73
C VAL A 99 -16.35 -4.29 -1.23
N GLN A 100 -16.71 -3.17 -0.63
CA GLN A 100 -16.97 -3.12 0.80
C GLN A 100 -18.26 -3.85 1.21
N GLU A 101 -19.40 -3.33 0.79
CA GLU A 101 -20.69 -3.90 1.15
C GLU A 101 -20.87 -5.36 0.73
N LYS A 102 -20.64 -5.65 -0.55
CA LYS A 102 -20.80 -7.01 -1.06
C LYS A 102 -20.09 -8.02 -0.16
N GLY A 103 -18.84 -7.75 0.16
CA GLY A 103 -18.09 -8.64 1.01
C GLY A 103 -16.66 -8.83 0.52
N TYR A 104 -15.97 -7.73 0.28
CA TYR A 104 -14.59 -7.79 -0.20
C TYR A 104 -13.67 -6.94 0.67
N THR A 105 -12.37 -7.11 0.49
CA THR A 105 -11.38 -6.36 1.26
C THR A 105 -10.29 -5.81 0.36
N ILE A 106 -9.54 -4.83 0.87
CA ILE A 106 -8.46 -4.21 0.12
C ILE A 106 -7.14 -4.31 0.86
N ILE A 107 -6.11 -4.76 0.15
CA ILE A 107 -4.79 -4.92 0.73
C ILE A 107 -3.70 -4.37 -0.19
N PRO A 108 -2.54 -4.02 0.37
CA PRO A 108 -1.41 -3.49 -0.40
C PRO A 108 -0.57 -4.59 -1.03
N LEU A 109 0.13 -4.26 -2.11
CA LEU A 109 0.99 -5.21 -2.79
C LEU A 109 2.42 -4.69 -2.89
N LYS A 110 2.79 -4.14 -4.05
CA LYS A 110 4.14 -3.62 -4.24
C LYS A 110 4.13 -2.16 -4.69
N LEU A 111 4.83 -1.33 -3.93
CA LEU A 111 4.95 0.08 -4.24
C LEU A 111 6.42 0.44 -4.31
N TYR A 112 6.83 1.00 -5.43
CA TYR A 112 8.22 1.39 -5.64
C TYR A 112 8.28 2.78 -6.25
N TRP A 113 9.38 3.50 -6.05
CA TRP A 113 9.46 4.84 -6.64
C TRP A 113 10.53 4.92 -7.73
N LYS A 114 10.09 5.34 -8.90
CA LYS A 114 10.96 5.49 -10.05
C LYS A 114 11.05 6.96 -10.40
N ASN A 115 12.19 7.38 -10.93
CA ASN A 115 12.40 8.78 -11.28
C ASN A 115 12.58 9.61 -10.01
N ASN A 116 11.59 9.54 -9.11
CA ASN A 116 11.68 10.29 -7.85
C ASN A 116 10.49 10.06 -6.91
N LYS A 117 9.44 9.35 -7.35
CA LYS A 117 8.29 9.14 -6.47
C LYS A 117 7.73 7.73 -6.56
N VAL A 118 6.94 7.37 -5.54
CA VAL A 118 6.36 6.03 -5.41
C VAL A 118 4.95 5.87 -5.97
N LYS A 119 4.73 4.69 -6.52
CA LYS A 119 3.45 4.27 -7.05
C LYS A 119 3.10 2.94 -6.38
N VAL A 120 1.94 2.88 -5.73
CA VAL A 120 1.53 1.67 -5.02
C VAL A 120 0.41 0.95 -5.76
N LEU A 121 0.55 -0.37 -5.88
CA LEU A 121 -0.46 -1.17 -6.56
C LEU A 121 -1.33 -1.90 -5.53
N ILE A 122 -2.63 -1.71 -5.62
CA ILE A 122 -3.56 -2.34 -4.69
C ILE A 122 -4.43 -3.38 -5.38
N ALA A 123 -4.75 -4.46 -4.66
CA ALA A 123 -5.58 -5.52 -5.20
C ALA A 123 -6.70 -5.89 -4.25
N LEU A 124 -7.83 -6.30 -4.81
CA LEU A 124 -8.99 -6.70 -4.01
C LEU A 124 -9.12 -8.21 -3.95
N ALA A 125 -9.22 -8.74 -2.74
CA ALA A 125 -9.34 -10.18 -2.55
C ALA A 125 -10.46 -10.53 -1.57
N LYS A 126 -11.05 -11.71 -1.73
CA LYS A 126 -12.13 -12.15 -0.85
C LYS A 126 -11.62 -13.19 0.14
N GLY A 127 -12.39 -13.40 1.21
CA GLY A 127 -12.01 -14.38 2.21
C GLY A 127 -12.16 -15.80 1.72
N LYS A 128 -11.30 -16.20 0.78
CA LYS A 128 -11.35 -17.56 0.22
C LYS A 128 -12.69 -17.81 -0.46
N LYS A 129 -12.69 -18.76 -1.40
CA LYS A 129 -13.89 -19.10 -2.14
C LYS A 129 -13.64 -20.28 -3.08
N LEU A 130 -14.66 -20.62 -3.87
CA LEU A 130 -14.54 -21.72 -4.82
C LEU A 130 -14.34 -23.05 -4.09
N TYR A 131 -13.10 -23.30 -3.66
CA TYR A 131 -12.78 -24.53 -2.95
C TYR A 131 -12.77 -24.31 -1.44
N ASP A 132 -13.74 -24.90 -0.74
CA ASP A 132 -13.83 -24.77 0.70
C ASP A 132 -13.09 -25.88 1.41
N ARG A 133 -11.88 -25.59 1.88
CA ARG A 133 -11.06 -26.57 2.58
C ARG A 133 -10.67 -26.07 3.97
N GLY A 1 26.17 7.97 -14.95
CA GLY A 1 25.26 8.31 -16.10
C GLY A 1 23.84 7.82 -15.88
N LYS A 2 23.00 8.01 -16.88
CA LYS A 2 21.61 7.58 -16.80
C LYS A 2 21.48 6.09 -17.05
N SER A 3 21.29 5.33 -15.98
CA SER A 3 21.16 3.88 -16.08
C SER A 3 19.86 3.39 -15.43
N ASP A 4 18.87 4.29 -15.35
CA ASP A 4 17.58 3.96 -14.76
C ASP A 4 17.75 3.47 -13.32
N LYS A 5 17.41 4.33 -12.37
CA LYS A 5 17.52 3.99 -10.96
C LYS A 5 16.15 3.76 -10.34
N ILE A 6 15.78 2.49 -10.18
CA ILE A 6 14.49 2.14 -9.59
C ILE A 6 14.67 1.46 -8.24
N ILE A 7 13.96 1.96 -7.24
CA ILE A 7 14.04 1.40 -5.89
C ILE A 7 12.72 0.76 -5.48
N PRO A 8 12.74 -0.53 -5.08
CA PRO A 8 11.55 -1.26 -4.67
C PRO A 8 11.15 -0.98 -3.22
N ILE A 9 9.85 -0.93 -2.97
CA ILE A 9 9.33 -0.70 -1.64
C ILE A 9 8.15 -1.61 -1.38
N ALA A 10 7.79 -1.71 -0.13
CA ALA A 10 6.67 -2.55 0.32
C ALA A 10 6.84 -3.99 -0.14
N GLU A 11 6.07 -4.90 0.45
CA GLU A 11 6.13 -6.31 0.12
C GLU A 11 5.15 -7.11 0.96
N ASN A 12 4.01 -7.47 0.37
CA ASN A 12 2.99 -8.24 1.07
C ASN A 12 2.53 -9.43 0.22
N LYS A 13 1.68 -10.27 0.82
CA LYS A 13 1.16 -11.44 0.12
C LYS A 13 -0.08 -11.98 0.83
N GLU A 14 -0.86 -11.08 1.41
CA GLU A 14 -2.08 -11.46 2.12
C GLU A 14 -3.04 -12.20 1.20
N ALA A 15 -3.30 -11.62 0.03
CA ALA A 15 -4.20 -12.23 -0.95
C ALA A 15 -3.79 -13.66 -1.27
N LYS A 16 -2.58 -13.81 -1.82
CA LYS A 16 -2.06 -15.13 -2.18
C LYS A 16 -2.14 -16.10 -1.00
N ALA A 17 -1.67 -15.65 0.16
CA ALA A 17 -1.68 -16.48 1.37
C ALA A 17 -3.06 -17.10 1.61
N LYS A 18 -4.06 -16.25 1.78
CA LYS A 18 -5.42 -16.72 2.04
C LYS A 18 -6.45 -15.66 1.63
N TYR A 19 -6.68 -15.54 0.33
CA TYR A 19 -7.64 -14.58 -0.19
C TYR A 19 -7.66 -14.58 -1.71
N ASP A 20 -8.82 -14.82 -2.30
CA ASP A 20 -8.96 -14.86 -3.75
C ASP A 20 -8.90 -13.44 -4.32
N ILE A 21 -7.99 -13.22 -5.27
CA ILE A 21 -7.83 -11.91 -5.89
C ILE A 21 -8.83 -11.72 -7.02
N LEU A 22 -9.22 -10.47 -7.25
CA LEU A 22 -10.17 -10.15 -8.31
C LEU A 22 -9.64 -9.01 -9.19
N GLU A 23 -9.58 -7.80 -8.63
CA GLU A 23 -9.10 -6.63 -9.36
C GLU A 23 -8.13 -5.83 -8.52
N THR A 24 -7.35 -4.97 -9.16
CA THR A 24 -6.36 -4.14 -8.46
C THR A 24 -6.41 -2.70 -8.95
N TYR A 25 -5.96 -1.78 -8.10
CA TYR A 25 -5.94 -0.36 -8.44
C TYR A 25 -4.52 0.20 -8.34
N GLU A 26 -4.31 1.38 -8.92
CA GLU A 26 -2.99 2.01 -8.89
C GLU A 26 -3.07 3.44 -8.35
N ALA A 27 -2.20 3.76 -7.40
CA ALA A 27 -2.17 5.09 -6.81
C ALA A 27 -0.74 5.56 -6.61
N GLY A 28 -0.57 6.85 -6.34
CA GLY A 28 0.76 7.40 -6.12
C GLY A 28 0.86 8.11 -4.79
N ILE A 29 1.83 7.70 -3.97
CA ILE A 29 2.00 8.31 -2.66
C ILE A 29 2.81 9.60 -2.75
N VAL A 30 2.59 10.50 -1.80
CA VAL A 30 3.29 11.78 -1.76
C VAL A 30 4.29 11.82 -0.61
N LEU A 31 5.55 11.59 -0.92
CA LEU A 31 6.61 11.60 0.09
C LEU A 31 6.60 12.90 0.88
N LYS A 32 7.12 12.86 2.10
CA LYS A 32 7.17 14.03 2.95
C LYS A 32 8.13 13.83 4.12
N GLY A 33 9.42 13.77 3.82
CA GLY A 33 10.42 13.59 4.85
C GLY A 33 10.26 12.28 5.58
N SER A 34 11.38 11.56 5.76
CA SER A 34 11.38 10.27 6.45
C SER A 34 10.98 9.13 5.51
N GLU A 35 9.97 9.37 4.67
CA GLU A 35 9.51 8.35 3.74
C GLU A 35 10.59 8.00 2.71
N VAL A 36 11.17 9.04 2.11
CA VAL A 36 12.21 8.87 1.10
C VAL A 36 13.32 7.93 1.58
N LYS A 37 13.92 8.25 2.71
CA LYS A 37 15.02 7.45 3.26
C LYS A 37 14.57 6.09 3.76
N SER A 38 13.54 6.06 4.59
CA SER A 38 13.05 4.80 5.15
C SER A 38 12.84 3.75 4.06
N LEU A 39 12.02 4.08 3.07
CA LEU A 39 11.74 3.18 1.96
C LEU A 39 12.98 2.88 1.14
N ARG A 40 13.72 3.93 0.75
CA ARG A 40 14.92 3.75 -0.05
C ARG A 40 15.83 2.68 0.57
N GLU A 41 16.07 2.82 1.87
CA GLU A 41 16.92 1.90 2.62
C GLU A 41 16.50 0.45 2.38
N LYS A 42 15.32 0.08 2.86
CA LYS A 42 14.84 -1.30 2.70
C LYS A 42 13.35 -1.44 2.98
N GLY A 43 12.54 -1.04 2.01
CA GLY A 43 11.08 -1.13 2.15
C GLY A 43 10.58 -0.69 3.51
N THR A 44 9.38 -1.13 3.85
CA THR A 44 8.78 -0.78 5.14
C THR A 44 7.96 -1.94 5.68
N VAL A 45 7.23 -1.69 6.77
CA VAL A 45 6.38 -2.71 7.40
C VAL A 45 7.16 -4.00 7.70
N SER A 46 6.62 -4.82 8.59
CA SER A 46 7.26 -6.07 8.95
C SER A 46 6.43 -7.26 8.49
N PHE A 47 5.19 -7.35 9.00
CA PHE A 47 4.30 -8.44 8.63
C PHE A 47 2.89 -8.18 9.16
N LYS A 48 1.93 -8.16 8.24
CA LYS A 48 0.53 -7.93 8.60
C LYS A 48 0.35 -6.58 9.29
N ASP A 49 -0.89 -6.27 9.67
CA ASP A 49 -1.22 -5.00 10.34
C ASP A 49 -1.34 -3.85 9.33
N SER A 50 -0.90 -4.07 8.11
CA SER A 50 -0.97 -3.05 7.07
C SER A 50 -2.10 -3.35 6.09
N PHE A 51 -3.01 -2.39 5.91
CA PHE A 51 -4.13 -2.56 5.01
C PHE A 51 -4.34 -1.30 4.16
N VAL A 52 -5.11 -1.44 3.09
CA VAL A 52 -5.39 -0.32 2.20
C VAL A 52 -6.90 -0.12 2.01
N ARG A 53 -7.34 1.13 2.16
CA ARG A 53 -8.75 1.46 2.00
C ARG A 53 -8.93 2.61 1.01
N ILE A 54 -9.93 2.49 0.13
CA ILE A 54 -10.19 3.52 -0.86
C ILE A 54 -11.42 4.34 -0.49
N GLU A 55 -11.24 5.66 -0.41
CA GLU A 55 -12.34 6.55 -0.05
C GLU A 55 -12.24 7.86 -0.83
N ASN A 56 -13.25 8.72 -0.67
CA ASN A 56 -13.30 10.01 -1.34
C ASN A 56 -13.18 9.84 -2.86
N GLY A 57 -12.00 10.12 -3.41
CA GLY A 57 -11.82 10.00 -4.85
C GLY A 57 -10.43 9.48 -5.22
N GLU A 58 -9.66 9.05 -4.23
CA GLU A 58 -8.32 8.52 -4.49
C GLU A 58 -8.04 7.33 -3.58
N ALA A 59 -6.94 6.62 -3.87
CA ALA A 59 -6.56 5.46 -3.06
C ALA A 59 -5.90 5.90 -1.77
N TRP A 60 -6.23 5.22 -0.67
CA TRP A 60 -5.66 5.54 0.63
C TRP A 60 -4.95 4.32 1.22
N LEU A 61 -3.83 4.55 1.90
CA LEU A 61 -3.08 3.46 2.51
C LEU A 61 -2.93 3.65 4.01
N TYR A 62 -3.22 2.60 4.77
CA TYR A 62 -3.10 2.65 6.22
C TYR A 62 -2.18 1.55 6.72
N ASN A 63 -1.16 1.94 7.48
CA ASN A 63 -0.20 0.98 8.02
C ASN A 63 -0.09 1.10 9.53
N LEU A 64 -0.23 -0.03 10.23
CA LEU A 64 -0.13 -0.04 11.69
C LEU A 64 1.25 -0.49 12.13
N TYR A 65 1.89 -1.32 11.31
CA TYR A 65 3.22 -1.83 11.62
C TYR A 65 4.28 -1.15 10.76
N ILE A 66 5.06 -0.26 11.38
CA ILE A 66 6.11 0.46 10.66
C ILE A 66 7.30 -0.44 10.40
N ALA A 67 8.32 0.10 9.74
CA ALA A 67 9.52 -0.66 9.41
C ALA A 67 10.50 -0.66 10.59
N PRO A 68 11.45 -1.62 10.60
CA PRO A 68 12.43 -1.73 11.67
C PRO A 68 13.55 -0.69 11.54
N TYR A 69 13.16 0.57 11.54
CA TYR A 69 14.12 1.67 11.42
C TYR A 69 14.94 1.81 12.70
N LYS A 70 16.04 2.55 12.62
CA LYS A 70 16.90 2.78 13.78
C LYS A 70 17.98 3.80 13.47
N HIS A 71 17.75 5.03 13.90
CA HIS A 71 18.71 6.11 13.67
C HIS A 71 18.78 7.05 14.87
N ALA A 72 19.96 7.62 15.09
CA ALA A 72 20.16 8.53 16.21
C ALA A 72 19.81 9.96 15.82
N THR A 73 19.26 10.72 16.77
CA THR A 73 18.89 12.11 16.52
C THR A 73 17.83 12.19 15.42
N ILE A 74 16.91 11.24 15.42
CA ILE A 74 15.85 11.21 14.42
C ILE A 74 14.47 11.26 15.09
N GLU A 75 14.33 10.53 16.19
CA GLU A 75 13.06 10.49 16.92
C GLU A 75 11.95 9.89 16.06
N ASN A 76 11.27 8.89 16.59
CA ASN A 76 10.18 8.24 15.88
C ASN A 76 8.99 9.18 15.73
N HIS A 77 8.72 9.95 16.78
CA HIS A 77 7.61 10.90 16.77
C HIS A 77 6.27 10.17 16.78
N ASP A 78 5.96 9.48 15.69
CA ASP A 78 4.71 8.74 15.60
C ASP A 78 4.82 7.60 14.58
N PRO A 79 4.91 6.34 15.05
CA PRO A 79 5.03 5.17 14.18
C PRO A 79 3.92 5.13 13.13
N LEU A 80 2.68 5.11 13.58
CA LEU A 80 1.53 5.07 12.68
C LEU A 80 1.38 6.39 11.94
N ARG A 81 1.41 6.33 10.62
CA ARG A 81 1.27 7.52 9.79
C ARG A 81 0.47 7.22 8.53
N LYS A 82 -0.71 7.80 8.42
CA LYS A 82 -1.57 7.59 7.26
C LYS A 82 -0.92 8.17 5.99
N ARG A 83 -1.10 7.48 4.87
CA ARG A 83 -0.55 7.93 3.61
C ARG A 83 -1.65 8.21 2.59
N LYS A 84 -1.58 9.35 1.93
CA LYS A 84 -2.58 9.74 0.95
C LYS A 84 -2.04 9.57 -0.47
N LEU A 85 -2.77 8.80 -1.28
CA LEU A 85 -2.37 8.56 -2.66
C LEU A 85 -3.41 9.15 -3.61
N LEU A 86 -3.01 9.34 -4.87
CA LEU A 86 -3.90 9.92 -5.88
C LEU A 86 -4.42 8.84 -6.83
N LEU A 87 -5.63 9.07 -7.36
CA LEU A 87 -6.26 8.14 -8.29
C LEU A 87 -6.94 8.91 -9.42
N HIS A 88 -8.20 8.60 -9.71
CA HIS A 88 -8.92 9.29 -10.79
C HIS A 88 -10.24 9.87 -10.26
N LYS A 89 -11.29 9.05 -10.21
CA LYS A 89 -12.60 9.49 -9.73
C LYS A 89 -13.64 8.41 -9.93
N ARG A 90 -14.04 8.19 -11.18
CA ARG A 90 -15.05 7.18 -11.51
C ARG A 90 -14.65 5.81 -10.97
N GLU A 91 -13.42 5.40 -11.26
CA GLU A 91 -12.91 4.12 -10.81
C GLU A 91 -13.12 3.93 -9.32
N ILE A 92 -12.71 4.92 -8.54
CA ILE A 92 -12.86 4.86 -7.08
C ILE A 92 -14.30 4.57 -6.67
N MET A 93 -15.24 5.32 -7.23
CA MET A 93 -16.65 5.16 -6.93
C MET A 93 -17.07 3.69 -7.05
N ARG A 94 -16.79 3.10 -8.20
CA ARG A 94 -17.13 1.70 -8.45
C ARG A 94 -16.49 0.79 -7.41
N LEU A 95 -15.19 0.97 -7.19
CA LEU A 95 -14.44 0.17 -6.23
C LEU A 95 -15.14 0.13 -4.87
N TYR A 96 -15.25 1.28 -4.23
CA TYR A 96 -15.90 1.37 -2.92
C TYR A 96 -17.26 0.68 -2.90
N GLY A 97 -18.14 1.08 -3.80
CA GLY A 97 -19.48 0.51 -3.85
C GLY A 97 -19.49 -1.00 -4.03
N LYS A 98 -19.10 -1.46 -5.22
CA LYS A 98 -19.10 -2.89 -5.52
C LYS A 98 -18.31 -3.71 -4.50
N VAL A 99 -17.02 -3.47 -4.43
CA VAL A 99 -16.15 -4.19 -3.51
C VAL A 99 -16.70 -4.21 -2.08
N GLN A 100 -16.67 -3.08 -1.41
CA GLN A 100 -17.12 -2.97 -0.03
C GLN A 100 -18.55 -3.50 0.18
N GLU A 101 -19.53 -2.77 -0.35
CA GLU A 101 -20.94 -3.13 -0.18
C GLU A 101 -21.24 -4.59 -0.51
N LYS A 102 -20.96 -5.00 -1.75
CA LYS A 102 -21.24 -6.36 -2.18
C LYS A 102 -20.68 -7.37 -1.17
N GLY A 103 -19.43 -7.20 -0.80
CA GLY A 103 -18.80 -8.10 0.16
C GLY A 103 -17.37 -8.40 -0.18
N TYR A 104 -16.57 -7.35 -0.32
CA TYR A 104 -15.15 -7.51 -0.64
C TYR A 104 -14.28 -6.58 0.19
N THR A 105 -12.97 -6.80 0.14
CA THR A 105 -12.01 -5.99 0.89
C THR A 105 -10.81 -5.65 0.02
N ILE A 106 -10.01 -4.69 0.48
CA ILE A 106 -8.83 -4.26 -0.27
C ILE A 106 -7.58 -4.30 0.60
N ILE A 107 -6.51 -4.83 0.03
CA ILE A 107 -5.25 -4.94 0.74
C ILE A 107 -4.09 -4.45 -0.13
N PRO A 108 -3.03 -3.91 0.51
CA PRO A 108 -1.86 -3.41 -0.22
C PRO A 108 -0.87 -4.52 -0.56
N LEU A 109 -0.09 -4.30 -1.62
CA LEU A 109 0.89 -5.30 -2.05
C LEU A 109 2.30 -4.70 -2.09
N LYS A 110 2.76 -4.32 -3.28
CA LYS A 110 4.10 -3.75 -3.43
C LYS A 110 4.08 -2.39 -4.12
N LEU A 111 4.75 -1.44 -3.50
CA LEU A 111 4.87 -0.09 -4.03
C LEU A 111 6.34 0.27 -4.14
N TYR A 112 6.76 0.71 -5.31
CA TYR A 112 8.14 1.09 -5.55
C TYR A 112 8.20 2.45 -6.22
N TRP A 113 9.19 3.28 -5.90
CA TRP A 113 9.26 4.60 -6.53
C TRP A 113 10.32 4.66 -7.62
N LYS A 114 9.86 5.05 -8.81
CA LYS A 114 10.72 5.18 -9.97
C LYS A 114 10.74 6.64 -10.40
N ASN A 115 11.82 7.07 -11.02
CA ASN A 115 11.95 8.45 -11.46
C ASN A 115 12.14 9.37 -10.24
N ASN A 116 11.20 9.32 -9.30
CA ASN A 116 11.31 10.14 -8.10
C ASN A 116 10.18 9.91 -7.08
N LYS A 117 9.12 9.19 -7.47
CA LYS A 117 8.02 8.96 -6.53
C LYS A 117 7.49 7.52 -6.56
N VAL A 118 6.70 7.20 -5.54
CA VAL A 118 6.17 5.84 -5.35
C VAL A 118 4.79 5.61 -5.97
N LYS A 119 4.64 4.39 -6.48
CA LYS A 119 3.40 3.91 -7.03
C LYS A 119 3.04 2.60 -6.32
N VAL A 120 1.86 2.53 -5.73
CA VAL A 120 1.46 1.34 -4.98
C VAL A 120 0.42 0.51 -5.73
N LEU A 121 0.57 -0.80 -5.67
CA LEU A 121 -0.36 -1.71 -6.30
C LEU A 121 -1.16 -2.47 -5.24
N ILE A 122 -2.47 -2.39 -5.32
CA ILE A 122 -3.33 -3.06 -4.34
C ILE A 122 -4.36 -3.96 -5.02
N ALA A 123 -4.58 -5.13 -4.43
CA ALA A 123 -5.54 -6.09 -4.98
C ALA A 123 -6.66 -6.37 -3.98
N LEU A 124 -7.90 -6.31 -4.44
CA LEU A 124 -9.04 -6.56 -3.59
C LEU A 124 -9.42 -8.03 -3.61
N ALA A 125 -9.49 -8.64 -2.43
CA ALA A 125 -9.84 -10.05 -2.32
C ALA A 125 -11.27 -10.21 -1.82
N LYS A 126 -11.81 -11.42 -1.97
CA LYS A 126 -13.17 -11.71 -1.54
C LYS A 126 -13.20 -12.80 -0.48
N GLY A 127 -14.17 -12.70 0.43
CA GLY A 127 -14.31 -13.68 1.49
C GLY A 127 -13.04 -13.84 2.32
N LYS A 128 -12.30 -14.91 2.06
CA LYS A 128 -11.06 -15.19 2.78
C LYS A 128 -10.44 -16.50 2.32
N LYS A 129 -11.26 -17.54 2.28
CA LYS A 129 -10.80 -18.87 1.86
C LYS A 129 -11.94 -19.87 1.86
N LEU A 130 -12.76 -19.83 0.82
CA LEU A 130 -13.89 -20.74 0.71
C LEU A 130 -13.49 -22.03 -0.02
N TYR A 131 -12.54 -21.91 -0.94
CA TYR A 131 -12.06 -23.06 -1.70
C TYR A 131 -10.61 -23.37 -1.36
N ASP A 132 -10.33 -24.64 -1.08
CA ASP A 132 -8.97 -25.07 -0.73
C ASP A 132 -8.68 -26.44 -1.32
N ARG A 133 -7.82 -26.48 -2.34
CA ARG A 133 -7.46 -27.74 -2.98
C ARG A 133 -6.02 -28.13 -2.63
N GLY A 1 21.51 3.59 -3.42
CA GLY A 1 22.50 4.39 -4.19
C GLY A 1 22.24 4.35 -5.69
N LYS A 2 23.11 3.65 -6.41
CA LYS A 2 22.97 3.53 -7.85
C LYS A 2 23.05 4.91 -8.52
N SER A 3 23.28 4.91 -9.83
CA SER A 3 23.38 6.16 -10.58
C SER A 3 22.16 6.35 -11.47
N ASP A 4 21.68 5.26 -12.05
CA ASP A 4 20.51 5.31 -12.93
C ASP A 4 19.72 4.00 -12.85
N LYS A 5 19.58 3.48 -11.63
CA LYS A 5 18.83 2.25 -11.42
C LYS A 5 17.55 2.50 -10.64
N ILE A 6 16.66 1.51 -10.63
CA ILE A 6 15.39 1.63 -9.92
C ILE A 6 15.45 0.94 -8.56
N ILE A 7 14.57 1.35 -7.65
CA ILE A 7 14.53 0.76 -6.32
C ILE A 7 13.15 0.19 -5.99
N PRO A 8 13.09 -1.09 -5.61
CA PRO A 8 11.82 -1.76 -5.28
C PRO A 8 11.43 -1.56 -3.82
N ILE A 9 10.13 -1.43 -3.57
CA ILE A 9 9.63 -1.27 -2.23
C ILE A 9 8.36 -2.09 -2.04
N ALA A 10 8.01 -2.27 -0.79
CA ALA A 10 6.83 -3.04 -0.39
C ALA A 10 6.87 -4.45 -0.97
N GLU A 11 6.10 -5.35 -0.37
CA GLU A 11 6.05 -6.73 -0.82
C GLU A 11 5.06 -7.55 0.01
N ASN A 12 4.23 -8.32 -0.68
CA ASN A 12 3.23 -9.15 -0.02
C ASN A 12 2.45 -9.99 -1.03
N LYS A 13 2.25 -11.27 -0.71
CA LYS A 13 1.52 -12.17 -1.60
C LYS A 13 0.36 -12.84 -0.85
N GLU A 14 -0.39 -12.04 -0.10
CA GLU A 14 -1.51 -12.56 0.66
C GLU A 14 -2.66 -12.96 -0.26
N ALA A 15 -3.02 -12.08 -1.18
CA ALA A 15 -4.11 -12.33 -2.12
C ALA A 15 -3.94 -13.69 -2.81
N LYS A 16 -2.85 -13.84 -3.55
CA LYS A 16 -2.56 -15.08 -4.26
C LYS A 16 -2.73 -16.29 -3.34
N ALA A 17 -2.11 -16.22 -2.16
CA ALA A 17 -2.18 -17.31 -1.19
C ALA A 17 -3.62 -17.77 -0.96
N LYS A 18 -4.48 -16.84 -0.56
CA LYS A 18 -5.89 -17.16 -0.29
C LYS A 18 -6.81 -16.11 -0.90
N TYR A 19 -6.94 -14.97 -0.23
CA TYR A 19 -7.79 -13.88 -0.69
C TYR A 19 -7.68 -13.69 -2.21
N ASP A 20 -8.70 -14.15 -2.92
CA ASP A 20 -8.71 -14.05 -4.37
C ASP A 20 -8.93 -12.62 -4.82
N ILE A 21 -8.02 -12.13 -5.65
CA ILE A 21 -8.08 -10.76 -6.16
C ILE A 21 -9.14 -10.62 -7.25
N LEU A 22 -9.99 -9.62 -7.12
CA LEU A 22 -11.05 -9.37 -8.10
C LEU A 22 -10.67 -8.20 -9.01
N GLU A 23 -10.91 -6.98 -8.53
CA GLU A 23 -10.58 -5.78 -9.29
C GLU A 23 -9.41 -5.07 -8.63
N THR A 24 -8.71 -4.21 -9.37
CA THR A 24 -7.58 -3.49 -8.81
C THR A 24 -7.55 -2.03 -9.24
N TYR A 25 -6.75 -1.23 -8.52
CA TYR A 25 -6.61 0.19 -8.84
C TYR A 25 -5.16 0.63 -8.58
N GLU A 26 -4.84 1.88 -8.92
CA GLU A 26 -3.48 2.38 -8.74
C GLU A 26 -3.49 3.73 -8.03
N ALA A 27 -2.47 3.95 -7.21
CA ALA A 27 -2.35 5.21 -6.47
C ALA A 27 -0.91 5.73 -6.53
N GLY A 28 -0.75 7.04 -6.37
CA GLY A 28 0.57 7.63 -6.41
C GLY A 28 0.90 8.40 -5.14
N ILE A 29 2.00 8.05 -4.51
CA ILE A 29 2.43 8.72 -3.29
C ILE A 29 3.20 10.00 -3.60
N VAL A 30 3.01 11.02 -2.75
CA VAL A 30 3.68 12.30 -2.95
C VAL A 30 4.91 12.46 -2.05
N LEU A 31 5.11 11.48 -1.15
CA LEU A 31 6.25 11.52 -0.24
C LEU A 31 6.21 12.75 0.65
N LYS A 32 7.12 12.78 1.63
CA LYS A 32 7.21 13.90 2.56
C LYS A 32 8.67 14.22 2.92
N GLY A 33 9.60 13.71 2.13
CA GLY A 33 11.01 13.96 2.38
C GLY A 33 11.75 12.72 2.89
N SER A 34 11.72 12.51 4.19
CA SER A 34 12.40 11.37 4.80
C SER A 34 12.08 10.07 4.08
N GLU A 35 10.92 10.02 3.45
CA GLU A 35 10.49 8.82 2.72
C GLU A 35 11.52 8.40 1.69
N VAL A 36 11.97 9.36 0.88
CA VAL A 36 12.96 9.10 -0.17
C VAL A 36 14.16 8.30 0.34
N LYS A 37 14.86 8.86 1.32
CA LYS A 37 16.06 8.21 1.87
C LYS A 37 15.75 6.94 2.66
N SER A 38 14.81 7.02 3.58
CA SER A 38 14.45 5.87 4.41
C SER A 38 14.21 4.62 3.57
N LEU A 39 13.33 4.75 2.59
CA LEU A 39 12.98 3.63 1.72
C LEU A 39 14.15 3.27 0.79
N ARG A 40 14.73 4.26 0.13
CA ARG A 40 15.84 4.02 -0.79
C ARG A 40 16.91 3.15 -0.14
N GLU A 41 17.32 3.53 1.07
CA GLU A 41 18.33 2.80 1.81
C GLU A 41 17.94 1.33 1.98
N LYS A 42 16.88 1.07 2.74
CA LYS A 42 16.42 -0.30 2.96
C LYS A 42 15.13 -0.32 3.78
N GLY A 43 14.02 -0.02 3.13
CA GLY A 43 12.74 -0.03 3.82
C GLY A 43 12.17 -1.43 3.96
N THR A 44 11.07 -1.55 4.69
CA THR A 44 10.42 -2.84 4.89
C THR A 44 9.00 -2.67 5.38
N VAL A 45 8.04 -3.17 4.60
CA VAL A 45 6.63 -3.07 4.95
C VAL A 45 5.91 -4.40 4.72
N SER A 46 6.57 -5.49 5.07
CA SER A 46 6.00 -6.82 4.89
C SER A 46 5.56 -7.41 6.23
N PHE A 47 4.25 -7.51 6.43
CA PHE A 47 3.69 -8.05 7.66
C PHE A 47 2.22 -8.41 7.49
N LYS A 48 1.56 -8.69 8.60
CA LYS A 48 0.14 -9.05 8.57
C LYS A 48 -0.68 -8.09 9.42
N ASP A 49 -0.26 -6.83 9.47
CA ASP A 49 -0.96 -5.81 10.25
C ASP A 49 -1.10 -4.51 9.48
N SER A 50 -0.89 -4.58 8.16
CA SER A 50 -0.99 -3.40 7.31
C SER A 50 -2.05 -3.59 6.23
N PHE A 51 -3.01 -2.66 6.18
CA PHE A 51 -4.09 -2.73 5.20
C PHE A 51 -4.29 -1.37 4.54
N VAL A 52 -4.98 -1.37 3.40
CA VAL A 52 -5.25 -0.15 2.66
C VAL A 52 -6.74 0.02 2.39
N ARG A 53 -7.26 1.22 2.64
CA ARG A 53 -8.67 1.51 2.42
C ARG A 53 -8.83 2.78 1.60
N ILE A 54 -9.80 2.79 0.70
CA ILE A 54 -10.06 3.95 -0.14
C ILE A 54 -11.24 4.77 0.39
N GLU A 55 -11.01 6.06 0.59
CA GLU A 55 -12.04 6.96 1.09
C GLU A 55 -12.14 8.22 0.24
N ASN A 56 -13.30 8.87 0.29
CA ASN A 56 -13.54 10.09 -0.47
C ASN A 56 -13.37 9.84 -1.97
N GLY A 57 -12.14 9.98 -2.47
CA GLY A 57 -11.90 9.77 -3.89
C GLY A 57 -10.46 9.41 -4.20
N GLU A 58 -9.66 9.13 -3.17
CA GLU A 58 -8.25 8.77 -3.37
C GLU A 58 -7.88 7.55 -2.54
N ALA A 59 -6.93 6.77 -3.03
CA ALA A 59 -6.49 5.58 -2.32
C ALA A 59 -5.67 5.94 -1.09
N TRP A 60 -6.09 5.44 0.06
CA TRP A 60 -5.40 5.71 1.33
C TRP A 60 -4.84 4.41 1.90
N LEU A 61 -3.59 4.46 2.38
CA LEU A 61 -2.97 3.27 2.95
C LEU A 61 -2.63 3.48 4.42
N TYR A 62 -2.96 2.47 5.24
CA TYR A 62 -2.69 2.54 6.67
C TYR A 62 -1.86 1.33 7.09
N ASN A 63 -0.73 1.59 7.73
CA ASN A 63 0.16 0.52 8.19
C ASN A 63 0.33 0.55 9.71
N LEU A 64 0.07 -0.59 10.34
CA LEU A 64 0.19 -0.69 11.79
C LEU A 64 1.52 -1.34 12.17
N TYR A 65 2.04 -2.18 11.28
CA TYR A 65 3.31 -2.86 11.53
C TYR A 65 4.37 -2.40 10.53
N ILE A 66 5.36 -1.68 11.03
CA ILE A 66 6.45 -1.17 10.19
C ILE A 66 7.81 -1.53 10.77
N ALA A 67 8.78 -1.79 9.90
CA ALA A 67 10.12 -2.15 10.32
C ALA A 67 11.01 -0.91 10.43
N PRO A 68 11.10 -0.12 9.34
CA PRO A 68 11.93 1.09 9.32
C PRO A 68 11.63 2.03 10.48
N TYR A 69 12.66 2.69 10.99
CA TYR A 69 12.51 3.61 12.10
C TYR A 69 13.73 4.52 12.24
N LYS A 70 14.37 4.81 11.10
CA LYS A 70 15.55 5.66 11.09
C LYS A 70 15.17 7.12 10.82
N HIS A 71 16.09 8.03 11.13
CA HIS A 71 15.85 9.45 10.91
C HIS A 71 14.65 9.92 11.72
N ALA A 72 14.43 9.29 12.87
CA ALA A 72 13.32 9.65 13.75
C ALA A 72 13.81 10.09 15.12
N THR A 73 14.99 10.72 15.15
CA THR A 73 15.57 11.20 16.40
C THR A 73 14.76 12.37 16.96
N ILE A 74 14.17 13.16 16.07
CA ILE A 74 13.37 14.31 16.49
C ILE A 74 11.90 13.92 16.67
N GLU A 75 11.37 14.19 17.85
CA GLU A 75 9.99 13.88 18.17
C GLU A 75 9.73 12.37 18.06
N ASN A 76 8.50 11.96 18.35
CA ASN A 76 8.12 10.55 18.28
C ASN A 76 7.76 10.16 16.85
N HIS A 77 7.69 8.85 16.61
CA HIS A 77 7.35 8.34 15.28
C HIS A 77 6.10 7.49 15.33
N ASP A 78 5.94 6.70 16.39
CA ASP A 78 4.79 5.83 16.55
C ASP A 78 4.71 4.81 15.42
N PRO A 79 4.82 3.51 15.75
CA PRO A 79 4.77 2.43 14.75
C PRO A 79 3.40 2.33 14.07
N LEU A 80 3.02 3.38 13.37
CA LEU A 80 1.74 3.41 12.67
C LEU A 80 1.83 4.27 11.41
N ARG A 81 1.88 5.59 11.61
CA ARG A 81 1.97 6.53 10.49
C ARG A 81 0.92 6.23 9.43
N LYS A 82 0.95 7.02 8.35
CA LYS A 82 -0.01 6.84 7.25
C LYS A 82 0.50 7.53 5.99
N ARG A 83 0.07 7.03 4.84
CA ARG A 83 0.48 7.60 3.56
C ARG A 83 -0.74 7.93 2.69
N LYS A 84 -0.61 8.95 1.85
CA LYS A 84 -1.69 9.37 0.97
C LYS A 84 -1.31 9.18 -0.50
N LEU A 85 -2.26 8.69 -1.29
CA LEU A 85 -2.04 8.45 -2.71
C LEU A 85 -3.22 8.96 -3.53
N LEU A 86 -2.92 9.72 -4.58
CA LEU A 86 -3.96 10.28 -5.44
C LEU A 86 -4.67 9.19 -6.24
N LEU A 87 -5.61 9.60 -7.09
CA LEU A 87 -6.38 8.67 -7.91
C LEU A 87 -7.13 9.44 -9.01
N HIS A 88 -8.22 8.85 -9.53
CA HIS A 88 -9.00 9.50 -10.58
C HIS A 88 -10.20 10.22 -9.98
N LYS A 89 -11.30 9.48 -9.75
CA LYS A 89 -12.50 10.08 -9.18
C LYS A 89 -13.66 9.08 -9.16
N ARG A 90 -14.09 8.65 -10.34
CA ARG A 90 -15.20 7.71 -10.45
C ARG A 90 -14.82 6.31 -9.95
N GLU A 91 -13.69 5.80 -10.42
CA GLU A 91 -13.23 4.47 -10.03
C GLU A 91 -13.23 4.30 -8.50
N ILE A 92 -12.65 5.26 -7.81
CA ILE A 92 -12.58 5.21 -6.35
C ILE A 92 -13.97 5.09 -5.72
N MET A 93 -14.89 5.94 -6.15
CA MET A 93 -16.25 5.93 -5.63
C MET A 93 -16.91 4.56 -5.79
N ARG A 94 -17.13 4.16 -7.04
CA ARG A 94 -17.77 2.87 -7.33
C ARG A 94 -17.09 1.72 -6.60
N LEU A 95 -15.77 1.60 -6.77
CA LEU A 95 -15.01 0.53 -6.12
C LEU A 95 -15.29 0.46 -4.62
N TYR A 96 -14.99 1.56 -3.92
CA TYR A 96 -15.21 1.63 -2.47
C TYR A 96 -16.61 1.17 -2.08
N GLY A 97 -17.62 1.73 -2.75
CA GLY A 97 -19.00 1.38 -2.45
C GLY A 97 -19.27 -0.10 -2.51
N LYS A 98 -18.88 -0.75 -3.60
CA LYS A 98 -19.11 -2.19 -3.78
C LYS A 98 -18.26 -3.03 -2.84
N VAL A 99 -16.94 -2.88 -2.93
CA VAL A 99 -16.02 -3.65 -2.11
C VAL A 99 -16.39 -3.62 -0.62
N GLN A 100 -16.62 -2.42 -0.12
CA GLN A 100 -16.94 -2.23 1.30
C GLN A 100 -18.34 -2.73 1.68
N GLU A 101 -19.35 -2.34 0.91
CA GLU A 101 -20.73 -2.72 1.22
C GLU A 101 -21.03 -4.19 1.00
N LYS A 102 -20.83 -4.67 -0.22
CA LYS A 102 -21.13 -6.07 -0.53
C LYS A 102 -20.51 -7.00 0.50
N GLY A 103 -19.23 -6.78 0.79
CA GLY A 103 -18.54 -7.60 1.76
C GLY A 103 -17.14 -7.97 1.31
N TYR A 104 -16.36 -6.96 0.99
CA TYR A 104 -14.98 -7.20 0.53
C TYR A 104 -13.99 -6.27 1.23
N THR A 105 -12.72 -6.64 1.17
CA THR A 105 -11.66 -5.86 1.79
C THR A 105 -10.60 -5.46 0.77
N ILE A 106 -9.73 -4.52 1.14
CA ILE A 106 -8.68 -4.05 0.25
C ILE A 106 -7.31 -4.14 0.90
N ILE A 107 -6.36 -4.66 0.13
CA ILE A 107 -4.99 -4.82 0.62
C ILE A 107 -3.97 -4.34 -0.41
N PRO A 108 -2.77 -3.92 0.05
CA PRO A 108 -1.72 -3.42 -0.83
C PRO A 108 -0.81 -4.55 -1.33
N LEU A 109 -0.01 -4.26 -2.35
CA LEU A 109 0.90 -5.25 -2.89
C LEU A 109 2.34 -4.73 -2.90
N LYS A 110 2.82 -4.28 -4.06
CA LYS A 110 4.19 -3.78 -4.18
C LYS A 110 4.23 -2.37 -4.77
N LEU A 111 4.93 -1.49 -4.07
CA LEU A 111 5.11 -0.12 -4.50
C LEU A 111 6.60 0.19 -4.56
N TYR A 112 7.06 0.65 -5.71
CA TYR A 112 8.47 0.98 -5.92
C TYR A 112 8.58 2.30 -6.64
N TRP A 113 9.72 3.00 -6.51
CA TRP A 113 9.84 4.29 -7.20
C TRP A 113 10.87 4.25 -8.33
N LYS A 114 10.41 4.59 -9.51
CA LYS A 114 11.25 4.63 -10.70
C LYS A 114 11.42 6.08 -11.12
N ASN A 115 12.59 6.42 -11.65
CA ASN A 115 12.85 7.79 -12.06
C ASN A 115 13.05 8.67 -10.82
N ASN A 116 12.07 8.67 -9.92
CA ASN A 116 12.20 9.46 -8.70
C ASN A 116 11.00 9.31 -7.75
N LYS A 117 9.91 8.66 -8.17
CA LYS A 117 8.76 8.52 -7.28
C LYS A 117 8.12 7.14 -7.32
N VAL A 118 7.35 6.84 -6.27
CA VAL A 118 6.72 5.53 -6.09
C VAL A 118 5.34 5.39 -6.71
N LYS A 119 5.08 4.18 -7.18
CA LYS A 119 3.81 3.77 -7.72
C LYS A 119 3.37 2.53 -6.94
N VAL A 120 2.19 2.57 -6.34
CA VAL A 120 1.70 1.45 -5.53
C VAL A 120 0.55 0.72 -6.21
N LEU A 121 0.71 -0.59 -6.38
CA LEU A 121 -0.32 -1.39 -7.00
C LEU A 121 -1.12 -2.10 -5.91
N ILE A 122 -2.44 -1.92 -5.93
CA ILE A 122 -3.29 -2.54 -4.92
C ILE A 122 -4.41 -3.36 -5.57
N ALA A 123 -4.81 -4.42 -4.87
CA ALA A 123 -5.84 -5.31 -5.37
C ALA A 123 -6.97 -5.48 -4.35
N LEU A 124 -8.13 -5.89 -4.85
CA LEU A 124 -9.30 -6.10 -4.01
C LEU A 124 -9.49 -7.58 -3.72
N ALA A 125 -9.56 -7.94 -2.44
CA ALA A 125 -9.73 -9.33 -2.05
C ALA A 125 -11.19 -9.63 -1.72
N LYS A 126 -11.61 -10.86 -1.96
CA LYS A 126 -12.98 -11.28 -1.69
C LYS A 126 -13.01 -12.48 -0.74
N GLY A 127 -14.09 -12.60 0.02
CA GLY A 127 -14.22 -13.70 0.96
C GLY A 127 -14.09 -15.05 0.29
N LYS A 128 -12.97 -15.73 0.54
CA LYS A 128 -12.73 -17.04 -0.04
C LYS A 128 -11.52 -17.71 0.61
N LYS A 129 -11.61 -19.02 0.81
CA LYS A 129 -10.52 -19.78 1.43
C LYS A 129 -10.46 -21.18 0.84
N LEU A 130 -11.55 -21.93 0.98
CA LEU A 130 -11.62 -23.30 0.47
C LEU A 130 -10.61 -24.19 1.18
N TYR A 131 -11.09 -25.27 1.78
CA TYR A 131 -10.23 -26.21 2.49
C TYR A 131 -10.80 -27.62 2.44
N ASP A 132 -9.96 -28.61 2.73
CA ASP A 132 -10.40 -30.00 2.72
C ASP A 132 -10.87 -30.41 1.34
N ARG A 133 -10.86 -31.71 1.07
CA ARG A 133 -11.30 -32.23 -0.23
C ARG A 133 -10.44 -31.67 -1.36
N GLY A 1 21.36 7.36 -19.14
CA GLY A 1 21.61 8.55 -18.28
C GLY A 1 20.67 8.62 -17.09
N LYS A 2 21.10 8.07 -15.96
CA LYS A 2 20.29 8.06 -14.76
C LYS A 2 21.11 8.50 -13.55
N SER A 3 20.47 9.18 -12.60
CA SER A 3 21.14 9.65 -11.40
C SER A 3 21.24 8.53 -10.37
N ASP A 4 20.17 7.76 -10.22
CA ASP A 4 20.14 6.66 -9.27
C ASP A 4 19.46 5.44 -9.87
N LYS A 5 19.31 4.39 -9.07
CA LYS A 5 18.68 3.17 -9.52
C LYS A 5 17.28 3.02 -8.93
N ILE A 6 16.50 2.09 -9.47
CA ILE A 6 15.15 1.86 -8.99
C ILE A 6 15.15 0.99 -7.74
N ILE A 7 14.34 1.37 -6.75
CA ILE A 7 14.27 0.62 -5.50
C ILE A 7 12.89 -0.02 -5.33
N PRO A 8 12.86 -1.35 -5.13
CA PRO A 8 11.62 -2.10 -4.95
C PRO A 8 11.18 -2.18 -3.49
N ILE A 9 9.86 -2.16 -3.27
CA ILE A 9 9.32 -2.24 -1.92
C ILE A 9 8.04 -3.07 -1.92
N ALA A 10 7.55 -3.30 -0.72
CA ALA A 10 6.33 -4.06 -0.51
C ALA A 10 6.39 -5.42 -1.23
N GLU A 11 5.37 -6.24 -1.00
CA GLU A 11 5.29 -7.55 -1.62
C GLU A 11 4.00 -8.27 -1.24
N ASN A 12 3.59 -9.24 -2.05
CA ASN A 12 2.37 -9.98 -1.79
C ASN A 12 2.60 -11.48 -1.91
N LYS A 13 1.71 -12.26 -1.28
CA LYS A 13 1.80 -13.72 -1.31
C LYS A 13 0.73 -14.33 -0.42
N GLU A 14 0.46 -13.68 0.70
CA GLU A 14 -0.55 -14.16 1.64
C GLU A 14 -1.96 -14.03 1.05
N ALA A 15 -2.26 -12.85 0.51
CA ALA A 15 -3.56 -12.60 -0.09
C ALA A 15 -3.96 -13.69 -1.07
N LYS A 16 -3.16 -13.87 -2.11
CA LYS A 16 -3.43 -14.89 -3.12
C LYS A 16 -3.72 -16.24 -2.47
N ALA A 17 -2.84 -16.65 -1.55
CA ALA A 17 -2.97 -17.92 -0.86
C ALA A 17 -4.37 -18.13 -0.27
N LYS A 18 -4.75 -17.32 0.72
CA LYS A 18 -6.05 -17.46 1.37
C LYS A 18 -7.06 -16.42 0.90
N TYR A 19 -6.91 -15.92 -0.31
CA TYR A 19 -7.83 -14.92 -0.85
C TYR A 19 -7.80 -14.93 -2.38
N ASP A 20 -8.95 -15.16 -2.99
CA ASP A 20 -9.06 -15.21 -4.44
C ASP A 20 -8.99 -13.80 -5.03
N ILE A 21 -8.13 -13.61 -6.02
CA ILE A 21 -7.98 -12.31 -6.67
C ILE A 21 -9.06 -12.09 -7.72
N LEU A 22 -9.45 -10.84 -7.89
CA LEU A 22 -10.48 -10.49 -8.88
C LEU A 22 -10.03 -9.31 -9.73
N GLU A 23 -10.14 -8.11 -9.17
CA GLU A 23 -9.74 -6.89 -9.89
C GLU A 23 -8.64 -6.17 -9.13
N THR A 24 -7.99 -5.21 -9.80
CA THR A 24 -6.92 -4.44 -9.18
C THR A 24 -7.03 -2.96 -9.52
N TYR A 25 -6.36 -2.14 -8.72
CA TYR A 25 -6.37 -0.69 -8.92
C TYR A 25 -4.96 -0.12 -8.81
N GLU A 26 -4.82 1.17 -9.07
CA GLU A 26 -3.51 1.82 -9.00
C GLU A 26 -3.51 3.02 -8.05
N ALA A 27 -2.57 3.03 -7.12
CA ALA A 27 -2.45 4.11 -6.15
C ALA A 27 -1.06 4.74 -6.21
N GLY A 28 -1.01 6.05 -6.41
CA GLY A 28 0.25 6.75 -6.49
C GLY A 28 0.51 7.62 -5.28
N ILE A 29 1.65 7.40 -4.62
CA ILE A 29 2.01 8.17 -3.43
C ILE A 29 2.72 9.46 -3.82
N VAL A 30 2.70 10.44 -2.91
CA VAL A 30 3.33 11.72 -3.15
C VAL A 30 3.60 12.46 -1.84
N LEU A 31 4.88 12.70 -1.55
CA LEU A 31 5.27 13.40 -0.33
C LEU A 31 6.77 13.66 -0.31
N LYS A 32 7.26 14.22 0.79
CA LYS A 32 8.68 14.52 0.94
C LYS A 32 8.97 15.11 2.32
N GLY A 33 10.05 14.64 2.94
CA GLY A 33 10.41 15.12 4.26
C GLY A 33 11.40 14.21 4.97
N SER A 34 11.32 12.91 4.70
CA SER A 34 12.22 11.93 5.32
C SER A 34 11.88 10.52 4.88
N GLU A 35 10.60 10.28 4.61
CA GLU A 35 10.13 8.97 4.18
C GLU A 35 10.97 8.41 3.04
N VAL A 36 11.20 9.24 2.01
CA VAL A 36 11.97 8.83 0.84
C VAL A 36 13.30 8.16 1.22
N LYS A 37 14.13 8.87 1.96
CA LYS A 37 15.44 8.35 2.36
C LYS A 37 15.33 7.23 3.39
N SER A 38 14.57 7.47 4.44
CA SER A 38 14.41 6.47 5.51
C SER A 38 14.08 5.10 4.95
N LEU A 39 13.05 5.04 4.11
CA LEU A 39 12.62 3.78 3.51
C LEU A 39 13.62 3.27 2.47
N ARG A 40 14.04 4.12 1.54
CA ARG A 40 14.98 3.70 0.49
C ARG A 40 16.18 2.98 1.09
N GLU A 41 16.80 3.59 2.09
CA GLU A 41 17.97 3.00 2.75
C GLU A 41 17.60 1.78 3.57
N LYS A 42 16.64 1.94 4.47
CA LYS A 42 16.20 0.83 5.33
C LYS A 42 15.86 -0.41 4.50
N GLY A 43 14.66 -0.42 3.91
CA GLY A 43 14.24 -1.55 3.11
C GLY A 43 13.69 -2.68 3.95
N THR A 44 12.96 -2.33 5.00
CA THR A 44 12.37 -3.33 5.89
C THR A 44 10.88 -3.06 6.12
N VAL A 45 10.36 -2.06 5.43
CA VAL A 45 8.95 -1.70 5.57
C VAL A 45 8.05 -2.67 4.81
N SER A 46 6.76 -2.66 5.13
CA SER A 46 5.79 -3.53 4.48
C SER A 46 5.94 -4.98 4.97
N PHE A 47 5.36 -5.92 4.25
CA PHE A 47 5.42 -7.33 4.60
C PHE A 47 4.65 -7.61 5.88
N LYS A 48 3.49 -8.25 5.74
CA LYS A 48 2.65 -8.59 6.88
C LYS A 48 2.18 -7.33 7.60
N ASP A 49 1.01 -7.42 8.23
CA ASP A 49 0.44 -6.30 8.96
C ASP A 49 0.25 -5.08 8.05
N SER A 50 0.02 -5.34 6.77
CA SER A 50 -0.18 -4.27 5.80
C SER A 50 -1.51 -4.42 5.08
N PHE A 51 -2.33 -3.36 5.13
CA PHE A 51 -3.63 -3.38 4.50
C PHE A 51 -3.89 -2.07 3.76
N VAL A 52 -4.82 -2.09 2.80
CA VAL A 52 -5.16 -0.90 2.04
C VAL A 52 -6.66 -0.62 2.09
N ARG A 53 -7.00 0.64 2.36
CA ARG A 53 -8.39 1.06 2.43
C ARG A 53 -8.63 2.27 1.54
N ILE A 54 -9.74 2.26 0.82
CA ILE A 54 -10.08 3.37 -0.08
C ILE A 54 -10.97 4.39 0.62
N GLU A 55 -10.52 5.64 0.62
CA GLU A 55 -11.29 6.71 1.24
C GLU A 55 -11.99 7.55 0.18
N ASN A 56 -13.21 7.99 0.49
CA ASN A 56 -14.00 8.80 -0.44
C ASN A 56 -13.14 9.83 -1.16
N GLY A 57 -12.63 9.46 -2.32
CA GLY A 57 -11.79 10.37 -3.08
C GLY A 57 -10.70 9.66 -3.85
N GLU A 58 -9.75 9.05 -3.12
CA GLU A 58 -8.65 8.34 -3.75
C GLU A 58 -8.27 7.10 -2.94
N ALA A 59 -7.34 6.31 -3.47
CA ALA A 59 -6.88 5.11 -2.79
C ALA A 59 -5.96 5.46 -1.63
N TRP A 60 -6.23 4.88 -0.47
CA TRP A 60 -5.41 5.14 0.73
C TRP A 60 -4.64 3.88 1.13
N LEU A 61 -3.43 4.08 1.66
CA LEU A 61 -2.59 2.97 2.07
C LEU A 61 -2.41 2.96 3.59
N TYR A 62 -2.68 1.81 4.21
CA TYR A 62 -2.53 1.66 5.65
C TYR A 62 -1.38 0.71 5.98
N ASN A 63 -0.44 1.18 6.78
CA ASN A 63 0.70 0.36 7.17
C ASN A 63 0.79 0.21 8.68
N LEU A 64 0.91 -1.04 9.13
CA LEU A 64 1.01 -1.33 10.57
C LEU A 64 2.35 -1.96 10.91
N TYR A 65 3.01 -2.55 9.91
CA TYR A 65 4.30 -3.19 10.11
C TYR A 65 5.45 -2.23 9.77
N ILE A 66 5.89 -1.47 10.77
CA ILE A 66 6.98 -0.52 10.57
C ILE A 66 8.17 -0.86 11.46
N ALA A 67 9.33 -1.04 10.84
CA ALA A 67 10.55 -1.38 11.57
C ALA A 67 11.46 -0.15 11.71
N PRO A 68 11.87 0.18 12.95
CA PRO A 68 12.74 1.32 13.21
C PRO A 68 14.19 1.05 12.83
N TYR A 69 14.82 2.04 12.18
CA TYR A 69 16.21 1.90 11.76
C TYR A 69 17.04 3.08 12.23
N LYS A 70 16.55 4.29 11.95
CA LYS A 70 17.24 5.51 12.35
C LYS A 70 17.32 5.62 13.87
N HIS A 71 18.38 6.25 14.36
CA HIS A 71 18.58 6.43 15.79
C HIS A 71 18.14 7.83 16.23
N ALA A 72 17.12 8.36 15.56
CA ALA A 72 16.62 9.69 15.88
C ALA A 72 15.18 9.62 16.41
N THR A 73 14.26 9.18 15.55
CA THR A 73 12.86 9.07 15.92
C THR A 73 12.29 10.43 16.32
N ILE A 74 12.34 11.37 15.38
CA ILE A 74 11.83 12.72 15.61
C ILE A 74 10.41 12.87 15.07
N GLU A 75 9.92 14.10 15.05
CA GLU A 75 8.57 14.40 14.57
C GLU A 75 7.56 13.40 15.11
N ASN A 76 7.37 13.40 16.44
CA ASN A 76 6.43 12.50 17.08
C ASN A 76 6.79 11.05 16.81
N HIS A 77 5.97 10.13 17.31
CA HIS A 77 6.19 8.71 17.12
C HIS A 77 4.91 8.00 16.67
N ASP A 78 4.87 7.61 15.41
CA ASP A 78 3.71 6.93 14.86
C ASP A 78 4.04 5.47 14.51
N PRO A 79 3.48 4.51 15.27
CA PRO A 79 3.73 3.08 15.04
C PRO A 79 2.89 2.52 13.88
N LEU A 80 2.14 3.38 13.22
CA LEU A 80 1.30 2.94 12.10
C LEU A 80 1.48 3.86 10.89
N ARG A 81 1.37 5.17 11.13
CA ARG A 81 1.52 6.14 10.05
C ARG A 81 0.46 5.92 8.97
N LYS A 82 0.50 6.75 7.93
CA LYS A 82 -0.46 6.64 6.84
C LYS A 82 0.05 7.38 5.60
N ARG A 83 -0.31 6.85 4.43
CA ARG A 83 0.11 7.46 3.17
C ARG A 83 -1.10 7.71 2.26
N LYS A 84 -1.12 8.88 1.62
CA LYS A 84 -2.21 9.25 0.74
C LYS A 84 -1.82 9.04 -0.72
N LEU A 85 -2.64 8.28 -1.44
CA LEU A 85 -2.39 7.99 -2.85
C LEU A 85 -3.49 8.56 -3.73
N LEU A 86 -3.12 9.41 -4.67
CA LEU A 86 -4.08 10.03 -5.59
C LEU A 86 -4.77 8.98 -6.46
N LEU A 87 -5.94 9.34 -6.98
CA LEU A 87 -6.71 8.44 -7.83
C LEU A 87 -7.61 9.24 -8.77
N HIS A 88 -8.60 8.56 -9.37
CA HIS A 88 -9.53 9.21 -10.28
C HIS A 88 -10.80 9.61 -9.54
N LYS A 89 -11.87 9.87 -10.30
CA LYS A 89 -13.14 10.27 -9.70
C LYS A 89 -14.17 9.14 -9.82
N ARG A 90 -14.31 8.60 -11.02
CA ARG A 90 -15.25 7.51 -11.26
C ARG A 90 -14.78 6.21 -10.62
N GLU A 91 -13.52 5.86 -10.87
CA GLU A 91 -12.92 4.65 -10.32
C GLU A 91 -13.13 4.54 -8.82
N ILE A 92 -12.61 5.51 -8.07
CA ILE A 92 -12.73 5.52 -6.62
C ILE A 92 -14.18 5.29 -6.17
N MET A 93 -15.11 6.05 -6.74
CA MET A 93 -16.52 5.92 -6.39
C MET A 93 -16.96 4.46 -6.43
N ARG A 94 -16.69 3.80 -7.54
CA ARG A 94 -17.05 2.40 -7.71
C ARG A 94 -16.39 1.54 -6.63
N LEU A 95 -15.10 1.74 -6.45
CA LEU A 95 -14.33 0.98 -5.45
C LEU A 95 -15.03 1.00 -4.10
N TYR A 96 -15.25 2.19 -3.55
CA TYR A 96 -15.90 2.33 -2.25
C TYR A 96 -17.19 1.51 -2.15
N GLY A 97 -18.21 1.94 -2.89
CA GLY A 97 -19.50 1.26 -2.86
C GLY A 97 -19.44 -0.23 -3.15
N LYS A 98 -19.16 -0.57 -4.42
CA LYS A 98 -19.12 -1.97 -4.84
C LYS A 98 -18.26 -2.85 -3.94
N VAL A 99 -16.98 -2.57 -3.87
CA VAL A 99 -16.05 -3.37 -3.06
C VAL A 99 -16.54 -3.61 -1.64
N GLN A 100 -16.56 -2.55 -0.83
CA GLN A 100 -16.95 -2.65 0.58
C GLN A 100 -18.36 -3.23 0.77
N GLU A 101 -19.35 -2.68 0.08
CA GLU A 101 -20.73 -3.11 0.24
C GLU A 101 -20.99 -4.56 -0.20
N LYS A 102 -20.76 -4.85 -1.47
CA LYS A 102 -20.99 -6.19 -1.99
C LYS A 102 -20.34 -7.23 -1.08
N GLY A 103 -19.07 -7.00 -0.75
CA GLY A 103 -18.36 -7.92 0.11
C GLY A 103 -16.95 -8.15 -0.37
N TYR A 104 -16.20 -7.07 -0.55
CA TYR A 104 -14.83 -7.17 -1.03
C TYR A 104 -13.85 -6.49 -0.08
N THR A 105 -12.58 -6.86 -0.21
CA THR A 105 -11.53 -6.28 0.63
C THR A 105 -10.34 -5.84 -0.23
N ILE A 106 -9.65 -4.78 0.21
CA ILE A 106 -8.51 -4.27 -0.53
C ILE A 106 -7.22 -4.47 0.25
N ILE A 107 -6.21 -4.98 -0.44
CA ILE A 107 -4.92 -5.25 0.17
C ILE A 107 -3.78 -4.75 -0.71
N PRO A 108 -2.63 -4.42 -0.10
CA PRO A 108 -1.46 -3.93 -0.82
C PRO A 108 -0.66 -5.06 -1.46
N LEU A 109 -0.11 -4.79 -2.64
CA LEU A 109 0.69 -5.78 -3.34
C LEU A 109 2.16 -5.37 -3.35
N LYS A 110 2.64 -4.78 -4.44
CA LYS A 110 4.02 -4.34 -4.54
C LYS A 110 4.10 -2.86 -4.89
N LEU A 111 4.80 -2.10 -4.05
CA LEU A 111 4.99 -0.69 -4.27
C LEU A 111 6.47 -0.35 -4.27
N TYR A 112 6.93 0.26 -5.35
CA TYR A 112 8.33 0.65 -5.49
C TYR A 112 8.41 2.07 -6.06
N TRP A 113 9.50 2.80 -5.77
CA TRP A 113 9.60 4.15 -6.32
C TRP A 113 10.72 4.29 -7.34
N LYS A 114 10.34 4.72 -8.53
CA LYS A 114 11.27 4.93 -9.62
C LYS A 114 11.44 6.43 -9.83
N ASN A 115 12.64 6.85 -10.17
CA ASN A 115 12.91 8.27 -10.36
C ASN A 115 12.95 8.97 -9.00
N ASN A 116 11.89 8.81 -8.20
CA ASN A 116 11.84 9.41 -6.87
C ASN A 116 10.55 9.13 -6.11
N LYS A 117 9.53 8.53 -6.74
CA LYS A 117 8.29 8.25 -6.01
C LYS A 117 7.72 6.86 -6.29
N VAL A 118 6.93 6.39 -5.32
CA VAL A 118 6.35 5.04 -5.37
C VAL A 118 4.99 4.93 -6.03
N LYS A 119 4.80 3.75 -6.61
CA LYS A 119 3.55 3.36 -7.23
C LYS A 119 3.15 2.03 -6.58
N VAL A 120 1.95 1.97 -6.00
CA VAL A 120 1.50 0.78 -5.31
C VAL A 120 0.39 0.06 -6.06
N LEU A 121 0.48 -1.25 -6.16
CA LEU A 121 -0.54 -2.05 -6.83
C LEU A 121 -1.43 -2.73 -5.80
N ILE A 122 -2.73 -2.49 -5.90
CA ILE A 122 -3.68 -3.08 -4.95
C ILE A 122 -4.57 -4.13 -5.63
N ALA A 123 -4.83 -5.21 -4.91
CA ALA A 123 -5.67 -6.28 -5.44
C ALA A 123 -6.86 -6.54 -4.52
N LEU A 124 -8.05 -6.67 -5.11
CA LEU A 124 -9.26 -6.92 -4.34
C LEU A 124 -9.61 -8.40 -4.37
N ALA A 125 -9.76 -8.99 -3.18
CA ALA A 125 -10.10 -10.41 -3.08
C ALA A 125 -11.49 -10.60 -2.48
N LYS A 126 -12.13 -11.71 -2.83
CA LYS A 126 -13.47 -12.01 -2.33
C LYS A 126 -13.43 -13.23 -1.42
N GLY A 127 -14.09 -13.14 -0.27
CA GLY A 127 -14.12 -14.24 0.67
C GLY A 127 -13.76 -13.81 2.07
N LYS A 128 -12.54 -13.28 2.24
CA LYS A 128 -12.08 -12.83 3.55
C LYS A 128 -12.03 -13.99 4.54
N LYS A 129 -11.14 -13.87 5.53
CA LYS A 129 -10.97 -14.89 6.56
C LYS A 129 -10.99 -16.30 5.96
N LEU A 130 -11.14 -17.30 6.83
CA LEU A 130 -11.17 -18.69 6.39
C LEU A 130 -12.45 -19.00 5.64
N TYR A 131 -12.33 -19.71 4.52
CA TYR A 131 -13.48 -20.07 3.71
C TYR A 131 -13.21 -21.33 2.90
N ASP A 132 -12.04 -21.38 2.27
CA ASP A 132 -11.65 -22.53 1.46
C ASP A 132 -10.62 -23.39 2.19
N ARG A 133 -10.48 -24.64 1.74
CA ARG A 133 -9.53 -25.56 2.36
C ARG A 133 -8.18 -25.49 1.68
N GLY A 1 25.61 5.61 -17.67
CA GLY A 1 24.28 5.60 -17.00
C GLY A 1 23.21 4.94 -17.84
N LYS A 2 23.51 3.74 -18.34
CA LYS A 2 22.55 3.01 -19.17
C LYS A 2 21.27 2.72 -18.39
N SER A 3 20.19 3.38 -18.80
CA SER A 3 18.90 3.19 -18.15
C SER A 3 18.96 3.60 -16.67
N ASP A 4 17.81 3.96 -16.11
CA ASP A 4 17.75 4.37 -14.72
C ASP A 4 17.54 3.17 -13.80
N LYS A 5 17.76 3.36 -12.50
CA LYS A 5 17.61 2.30 -11.53
C LYS A 5 16.47 2.61 -10.56
N ILE A 6 15.41 1.79 -10.62
CA ILE A 6 14.25 1.98 -9.75
C ILE A 6 14.41 1.21 -8.45
N ILE A 7 13.83 1.74 -7.37
CA ILE A 7 13.91 1.10 -6.07
C ILE A 7 12.57 0.47 -5.69
N PRO A 8 12.57 -0.84 -5.38
CA PRO A 8 11.36 -1.57 -5.01
C PRO A 8 11.02 -1.47 -3.53
N ILE A 9 9.73 -1.51 -3.22
CA ILE A 9 9.26 -1.45 -1.85
C ILE A 9 8.06 -2.38 -1.66
N ALA A 10 7.62 -2.46 -0.43
CA ALA A 10 6.49 -3.30 -0.05
C ALA A 10 6.77 -4.77 -0.34
N GLU A 11 6.57 -5.17 -1.60
CA GLU A 11 6.80 -6.55 -2.01
C GLU A 11 6.17 -7.55 -1.03
N ASN A 12 4.96 -8.01 -1.35
CA ASN A 12 4.27 -8.96 -0.49
C ASN A 12 3.47 -9.96 -1.31
N LYS A 13 2.99 -11.02 -0.65
CA LYS A 13 2.21 -12.05 -1.32
C LYS A 13 1.17 -12.63 -0.37
N GLU A 14 0.59 -11.77 0.47
CA GLU A 14 -0.43 -12.19 1.43
C GLU A 14 -1.73 -12.57 0.72
N ALA A 15 -2.20 -11.69 -0.16
CA ALA A 15 -3.43 -11.93 -0.90
C ALA A 15 -3.45 -13.31 -1.54
N LYS A 16 -2.55 -13.53 -2.49
CA LYS A 16 -2.47 -14.81 -3.18
C LYS A 16 -2.42 -15.98 -2.19
N ALA A 17 -1.54 -15.87 -1.20
CA ALA A 17 -1.38 -16.91 -0.20
C ALA A 17 -2.71 -17.32 0.42
N LYS A 18 -3.43 -16.36 0.97
CA LYS A 18 -4.72 -16.64 1.59
C LYS A 18 -5.75 -15.56 1.25
N TYR A 19 -6.13 -15.51 -0.02
CA TYR A 19 -7.11 -14.53 -0.49
C TYR A 19 -7.27 -14.62 -2.00
N ASP A 20 -8.49 -14.91 -2.45
CA ASP A 20 -8.78 -15.02 -3.87
C ASP A 20 -8.81 -13.64 -4.51
N ILE A 21 -8.00 -13.46 -5.56
CA ILE A 21 -7.93 -12.18 -6.26
C ILE A 21 -8.90 -12.12 -7.43
N LEU A 22 -9.40 -10.93 -7.72
CA LEU A 22 -10.35 -10.74 -8.82
C LEU A 22 -9.97 -9.49 -9.63
N GLU A 23 -10.15 -8.33 -9.02
CA GLU A 23 -9.83 -7.06 -9.68
C GLU A 23 -8.74 -6.33 -8.90
N THR A 24 -8.17 -5.29 -9.51
CA THR A 24 -7.12 -4.52 -8.86
C THR A 24 -7.26 -3.02 -9.15
N TYR A 25 -6.49 -2.22 -8.43
CA TYR A 25 -6.52 -0.77 -8.61
C TYR A 25 -5.11 -0.20 -8.63
N GLU A 26 -4.97 1.03 -9.10
CA GLU A 26 -3.66 1.68 -9.18
C GLU A 26 -3.66 3.01 -8.42
N ALA A 27 -2.72 3.15 -7.49
CA ALA A 27 -2.60 4.37 -6.70
C ALA A 27 -1.16 4.87 -6.69
N GLY A 28 -0.99 6.17 -6.64
CA GLY A 28 0.35 6.74 -6.61
C GLY A 28 0.58 7.65 -5.42
N ILE A 29 1.62 7.35 -4.64
CA ILE A 29 1.94 8.15 -3.47
C ILE A 29 2.84 9.33 -3.83
N VAL A 30 2.69 10.43 -3.12
CA VAL A 30 3.49 11.62 -3.36
C VAL A 30 3.81 12.35 -2.06
N LEU A 31 5.08 12.37 -1.68
CA LEU A 31 5.52 13.04 -0.47
C LEU A 31 7.02 13.31 -0.50
N LYS A 32 7.48 14.15 0.42
CA LYS A 32 8.90 14.50 0.50
C LYS A 32 9.29 14.89 1.92
N GLY A 33 10.37 14.30 2.41
CA GLY A 33 10.83 14.60 3.75
C GLY A 33 11.95 13.67 4.21
N SER A 34 11.64 12.82 5.17
CA SER A 34 12.62 11.88 5.70
C SER A 34 12.24 10.43 5.38
N GLU A 35 10.99 10.21 4.99
CA GLU A 35 10.50 8.89 4.65
C GLU A 35 11.15 8.37 3.37
N VAL A 36 11.12 9.19 2.32
CA VAL A 36 11.70 8.82 1.03
C VAL A 36 13.12 8.28 1.18
N LYS A 37 13.96 9.04 1.86
CA LYS A 37 15.36 8.66 2.04
C LYS A 37 15.53 7.49 3.00
N SER A 38 14.89 7.56 4.17
CA SER A 38 15.01 6.50 5.17
C SER A 38 14.75 5.12 4.57
N LEU A 39 13.62 4.96 3.89
CA LEU A 39 13.26 3.69 3.29
C LEU A 39 14.15 3.38 2.10
N ARG A 40 14.33 4.35 1.19
CA ARG A 40 15.16 4.16 0.00
C ARG A 40 16.51 3.54 0.38
N GLU A 41 17.16 4.14 1.37
CA GLU A 41 18.46 3.66 1.84
C GLU A 41 18.40 2.19 2.24
N LYS A 42 17.62 1.89 3.28
CA LYS A 42 17.50 0.51 3.73
C LYS A 42 16.52 0.39 4.89
N GLY A 43 15.23 0.39 4.57
CA GLY A 43 14.21 0.28 5.59
C GLY A 43 14.14 -1.12 6.19
N THR A 44 13.69 -1.21 7.44
CA THR A 44 13.58 -2.51 8.11
C THR A 44 12.13 -2.87 8.39
N VAL A 45 11.88 -4.15 8.63
CA VAL A 45 10.54 -4.63 8.91
C VAL A 45 10.57 -5.81 9.89
N SER A 46 9.85 -5.68 10.99
CA SER A 46 9.80 -6.72 12.00
C SER A 46 8.36 -6.94 12.50
N PHE A 47 7.40 -6.69 11.63
CA PHE A 47 5.99 -6.86 11.97
C PHE A 47 5.09 -6.53 10.79
N LYS A 48 4.97 -7.48 9.86
CA LYS A 48 4.13 -7.29 8.68
C LYS A 48 2.70 -6.91 9.08
N ASP A 49 2.19 -5.85 8.45
CA ASP A 49 0.84 -5.39 8.73
C ASP A 49 0.47 -4.21 7.82
N SER A 50 0.08 -4.53 6.59
CA SER A 50 -0.30 -3.51 5.62
C SER A 50 -1.72 -3.75 5.10
N PHE A 51 -2.57 -2.73 5.23
CA PHE A 51 -3.94 -2.81 4.77
C PHE A 51 -4.30 -1.58 3.92
N VAL A 52 -5.17 -1.80 2.92
CA VAL A 52 -5.59 -0.70 2.05
C VAL A 52 -7.11 -0.57 2.03
N ARG A 53 -7.59 0.64 2.27
CA ARG A 53 -9.02 0.91 2.27
C ARG A 53 -9.34 2.10 1.38
N ILE A 54 -10.45 2.03 0.66
CA ILE A 54 -10.86 3.12 -0.22
C ILE A 54 -11.77 4.11 0.51
N GLU A 55 -11.38 5.37 0.50
CA GLU A 55 -12.16 6.41 1.17
C GLU A 55 -12.24 7.67 0.32
N ASN A 56 -13.20 8.54 0.63
CA ASN A 56 -13.40 9.79 -0.09
C ASN A 56 -13.52 9.53 -1.60
N GLY A 57 -12.41 9.57 -2.31
CA GLY A 57 -12.45 9.34 -3.75
C GLY A 57 -11.13 8.84 -4.31
N GLU A 58 -10.21 8.42 -3.43
CA GLU A 58 -8.92 7.91 -3.87
C GLU A 58 -8.52 6.70 -3.04
N ALA A 59 -7.50 5.98 -3.51
CA ALA A 59 -7.02 4.80 -2.81
C ALA A 59 -6.15 5.19 -1.63
N TRP A 60 -6.50 4.72 -0.44
CA TRP A 60 -5.74 5.02 0.77
C TRP A 60 -4.93 3.82 1.22
N LEU A 61 -3.70 4.06 1.65
CA LEU A 61 -2.82 2.99 2.10
C LEU A 61 -2.38 3.20 3.54
N TYR A 62 -2.62 2.20 4.39
CA TYR A 62 -2.24 2.27 5.79
C TYR A 62 -1.35 1.08 6.15
N ASN A 63 -0.17 1.37 6.69
CA ASN A 63 0.77 0.31 7.05
C ASN A 63 1.40 0.57 8.41
N LEU A 64 2.08 -0.44 8.94
CA LEU A 64 2.74 -0.33 10.24
C LEU A 64 3.69 -1.50 10.46
N TYR A 65 4.52 -1.80 9.46
CA TYR A 65 5.46 -2.90 9.54
C TYR A 65 6.91 -2.41 9.50
N ILE A 66 7.13 -1.28 8.82
CA ILE A 66 8.46 -0.72 8.70
C ILE A 66 9.06 -0.42 10.07
N ALA A 67 10.38 -0.29 10.12
CA ALA A 67 11.07 0.00 11.38
C ALA A 67 12.21 1.00 11.17
N PRO A 68 11.90 2.30 11.19
CA PRO A 68 12.89 3.36 11.01
C PRO A 68 14.01 3.29 12.05
N TYR A 69 14.73 4.40 12.22
CA TYR A 69 15.81 4.46 13.19
C TYR A 69 15.41 5.26 14.42
N LYS A 70 16.30 5.30 15.40
CA LYS A 70 16.03 6.03 16.64
C LYS A 70 16.99 7.21 16.79
N HIS A 71 16.92 7.89 17.94
CA HIS A 71 17.78 9.04 18.20
C HIS A 71 17.50 10.17 17.22
N ALA A 72 16.70 11.14 17.67
CA ALA A 72 16.36 12.28 16.82
C ALA A 72 16.24 13.55 17.65
N THR A 73 15.13 13.69 18.37
CA THR A 73 14.90 14.87 19.20
C THR A 73 13.57 14.76 19.95
N ILE A 74 12.56 14.25 19.26
CA ILE A 74 11.24 14.09 19.86
C ILE A 74 10.59 12.77 19.44
N GLU A 75 10.58 11.80 20.34
CA GLU A 75 9.99 10.50 20.06
C GLU A 75 10.67 9.85 18.86
N ASN A 76 10.41 8.56 18.67
CA ASN A 76 11.00 7.82 17.56
C ASN A 76 10.01 7.68 16.39
N HIS A 77 9.00 8.55 16.38
CA HIS A 77 8.00 8.54 15.32
C HIS A 77 7.35 7.16 15.22
N ASP A 78 6.34 7.05 14.36
CA ASP A 78 5.64 5.79 14.15
C ASP A 78 6.19 5.05 12.93
N PRO A 79 5.95 3.74 12.84
CA PRO A 79 6.44 2.92 11.72
C PRO A 79 5.96 3.45 10.37
N LEU A 80 4.67 3.32 10.11
CA LEU A 80 4.11 3.81 8.84
C LEU A 80 2.80 4.55 9.09
N ARG A 81 2.68 5.74 8.48
CA ARG A 81 1.47 6.55 8.63
C ARG A 81 0.59 6.47 7.40
N LYS A 82 -0.61 7.04 7.49
CA LYS A 82 -1.55 7.03 6.38
C LYS A 82 -0.97 7.74 5.16
N ARG A 83 -1.00 7.06 4.02
CA ARG A 83 -0.48 7.62 2.78
C ARG A 83 -1.58 7.74 1.74
N LYS A 84 -1.77 8.96 1.21
CA LYS A 84 -2.79 9.21 0.21
C LYS A 84 -2.24 8.96 -1.20
N LEU A 85 -3.03 8.27 -2.01
CA LEU A 85 -2.62 7.97 -3.39
C LEU A 85 -3.70 8.42 -4.38
N LEU A 86 -3.27 9.08 -5.46
CA LEU A 86 -4.19 9.56 -6.48
C LEU A 86 -5.03 8.43 -7.05
N LEU A 87 -6.12 8.79 -7.72
CA LEU A 87 -7.01 7.81 -8.32
C LEU A 87 -8.12 8.51 -9.12
N HIS A 88 -8.87 7.72 -9.89
CA HIS A 88 -9.95 8.27 -10.70
C HIS A 88 -11.06 8.84 -9.82
N LYS A 89 -12.18 9.18 -10.44
CA LYS A 89 -13.32 9.74 -9.72
C LYS A 89 -14.53 8.82 -9.82
N ARG A 90 -14.81 8.34 -11.02
CA ARG A 90 -15.93 7.45 -11.24
C ARG A 90 -15.66 6.07 -10.64
N GLU A 91 -14.49 5.52 -10.96
CA GLU A 91 -14.09 4.21 -10.46
C GLU A 91 -14.08 4.14 -8.93
N ILE A 92 -13.39 5.08 -8.31
CA ILE A 92 -13.30 5.13 -6.85
C ILE A 92 -14.67 5.02 -6.19
N MET A 93 -15.61 5.82 -6.65
CA MET A 93 -16.96 5.82 -6.08
C MET A 93 -17.58 4.43 -6.10
N ARG A 94 -17.84 3.91 -7.30
CA ARG A 94 -18.45 2.59 -7.44
C ARG A 94 -17.69 1.52 -6.67
N LEU A 95 -16.38 1.44 -6.90
CA LEU A 95 -15.53 0.45 -6.23
C LEU A 95 -15.74 0.46 -4.71
N TYR A 96 -15.55 1.62 -4.09
CA TYR A 96 -15.70 1.74 -2.65
C TYR A 96 -17.03 1.17 -2.17
N GLY A 97 -18.12 1.56 -2.82
CA GLY A 97 -19.43 1.08 -2.44
C GLY A 97 -19.58 -0.43 -2.55
N LYS A 98 -19.60 -0.93 -3.78
CA LYS A 98 -19.76 -2.36 -4.03
C LYS A 98 -18.79 -3.20 -3.20
N VAL A 99 -17.50 -2.96 -3.38
CA VAL A 99 -16.47 -3.70 -2.66
C VAL A 99 -16.72 -3.76 -1.14
N GLN A 100 -16.99 -2.61 -0.55
CA GLN A 100 -17.20 -2.53 0.90
C GLN A 100 -18.50 -3.18 1.37
N GLU A 101 -19.63 -2.61 0.99
CA GLU A 101 -20.95 -3.10 1.42
C GLU A 101 -21.24 -4.53 0.97
N LYS A 102 -21.07 -4.80 -0.32
CA LYS A 102 -21.35 -6.13 -0.86
C LYS A 102 -20.69 -7.22 -0.03
N GLY A 103 -19.41 -7.05 0.25
CA GLY A 103 -18.69 -8.03 1.05
C GLY A 103 -17.31 -8.32 0.50
N TYR A 104 -16.55 -7.25 0.25
CA TYR A 104 -15.20 -7.41 -0.28
C TYR A 104 -14.20 -6.55 0.49
N THR A 105 -12.92 -6.86 0.32
CA THR A 105 -11.86 -6.11 1.00
C THR A 105 -10.70 -5.81 0.06
N ILE A 106 -9.90 -4.81 0.43
CA ILE A 106 -8.76 -4.42 -0.39
C ILE A 106 -7.46 -4.52 0.39
N ILE A 107 -6.42 -5.01 -0.27
CA ILE A 107 -5.12 -5.17 0.36
C ILE A 107 -3.99 -4.69 -0.55
N PRO A 108 -2.85 -4.30 0.04
CA PRO A 108 -1.69 -3.81 -0.71
C PRO A 108 -0.81 -4.93 -1.23
N LEU A 109 -0.06 -4.64 -2.29
CA LEU A 109 0.84 -5.63 -2.87
C LEU A 109 2.28 -5.10 -2.90
N LYS A 110 2.72 -4.58 -4.05
CA LYS A 110 4.08 -4.05 -4.17
C LYS A 110 4.08 -2.61 -4.65
N LEU A 111 4.78 -1.77 -3.91
CA LEU A 111 4.91 -0.36 -4.24
C LEU A 111 6.39 0.01 -4.32
N TYR A 112 6.77 0.57 -5.46
CA TYR A 112 8.15 0.98 -5.71
C TYR A 112 8.20 2.41 -6.24
N TRP A 113 9.20 3.20 -5.84
CA TRP A 113 9.28 4.57 -6.33
C TRP A 113 10.39 4.78 -7.35
N LYS A 114 9.99 5.27 -8.52
CA LYS A 114 10.91 5.54 -9.60
C LYS A 114 10.93 7.03 -9.85
N ASN A 115 12.08 7.56 -10.24
CA ASN A 115 12.21 8.99 -10.47
C ASN A 115 12.22 9.73 -9.13
N ASN A 116 11.20 9.50 -8.29
CA ASN A 116 11.15 10.14 -6.99
C ASN A 116 9.93 9.74 -6.15
N LYS A 117 8.95 9.04 -6.73
CA LYS A 117 7.77 8.66 -5.95
C LYS A 117 7.30 7.23 -6.23
N VAL A 118 6.52 6.69 -5.30
CA VAL A 118 6.05 5.30 -5.37
C VAL A 118 4.68 5.13 -6.00
N LYS A 119 4.49 3.95 -6.57
CA LYS A 119 3.24 3.52 -7.14
C LYS A 119 2.89 2.20 -6.46
N VAL A 120 1.72 2.12 -5.85
CA VAL A 120 1.32 0.91 -5.12
C VAL A 120 0.20 0.18 -5.84
N LEU A 121 0.36 -1.12 -6.00
CA LEU A 121 -0.66 -1.94 -6.64
C LEU A 121 -1.49 -2.66 -5.58
N ILE A 122 -2.80 -2.47 -5.63
CA ILE A 122 -3.69 -3.11 -4.66
C ILE A 122 -4.54 -4.19 -5.30
N ALA A 123 -4.67 -5.32 -4.63
CA ALA A 123 -5.44 -6.43 -5.13
C ALA A 123 -6.70 -6.66 -4.28
N LEU A 124 -7.84 -6.66 -4.94
CA LEU A 124 -9.12 -6.88 -4.25
C LEU A 124 -9.44 -8.36 -4.18
N ALA A 125 -9.67 -8.86 -2.97
CA ALA A 125 -9.99 -10.28 -2.79
C ALA A 125 -11.25 -10.46 -1.97
N LYS A 126 -11.86 -11.63 -2.10
CA LYS A 126 -13.09 -11.94 -1.37
C LYS A 126 -12.78 -12.60 -0.03
N GLY A 127 -13.62 -12.34 0.96
CA GLY A 127 -13.43 -12.91 2.28
C GLY A 127 -13.60 -14.41 2.28
N LYS A 128 -12.48 -15.13 2.26
CA LYS A 128 -12.50 -16.59 2.25
C LYS A 128 -13.20 -17.12 1.00
N LYS A 129 -13.48 -18.42 0.99
CA LYS A 129 -14.15 -19.04 -0.15
C LYS A 129 -15.33 -19.90 0.32
N LEU A 130 -16.51 -19.63 -0.24
CA LEU A 130 -17.70 -20.37 0.12
C LEU A 130 -18.46 -20.82 -1.13
N TYR A 131 -17.71 -21.04 -2.22
CA TYR A 131 -18.30 -21.48 -3.47
C TYR A 131 -17.94 -22.92 -3.78
N ASP A 132 -18.45 -23.43 -4.90
CA ASP A 132 -18.16 -24.80 -5.30
C ASP A 132 -18.63 -25.80 -4.24
N ARG A 133 -19.77 -26.43 -4.49
CA ARG A 133 -20.33 -27.40 -3.55
C ARG A 133 -19.83 -28.80 -3.88
N GLY A 1 21.69 -1.19 -18.43
CA GLY A 1 22.10 -0.80 -17.06
C GLY A 1 21.00 -1.02 -16.04
N LYS A 2 21.39 -1.42 -14.83
CA LYS A 2 20.44 -1.66 -13.76
C LYS A 2 20.43 -0.52 -12.76
N SER A 3 20.72 0.69 -13.24
CA SER A 3 20.74 1.86 -12.39
C SER A 3 19.93 3.00 -13.01
N ASP A 4 19.53 3.96 -12.18
CA ASP A 4 18.74 5.09 -12.65
C ASP A 4 17.44 4.63 -13.29
N LYS A 5 16.81 3.63 -12.68
CA LYS A 5 15.56 3.09 -13.17
C LYS A 5 14.53 2.98 -12.05
N ILE A 6 13.51 2.15 -12.26
CA ILE A 6 12.45 1.96 -11.26
C ILE A 6 12.96 1.14 -10.09
N ILE A 7 12.82 1.69 -8.89
CA ILE A 7 13.25 1.00 -7.67
C ILE A 7 12.09 0.26 -7.01
N PRO A 8 12.24 -1.05 -6.78
CA PRO A 8 11.19 -1.87 -6.16
C PRO A 8 11.08 -1.66 -4.66
N ILE A 9 9.85 -1.56 -4.15
CA ILE A 9 9.62 -1.37 -2.74
C ILE A 9 8.43 -2.19 -2.27
N ALA A 10 8.29 -2.25 -0.97
CA ALA A 10 7.21 -2.97 -0.30
C ALA A 10 7.39 -4.48 -0.48
N GLU A 11 6.91 -5.01 -1.60
CA GLU A 11 7.01 -6.44 -1.89
C GLU A 11 6.41 -7.28 -0.77
N ASN A 12 5.25 -7.88 -1.04
CA ASN A 12 4.58 -8.72 -0.05
C ASN A 12 3.40 -9.44 -0.67
N LYS A 13 3.52 -10.76 -0.81
CA LYS A 13 2.46 -11.58 -1.40
C LYS A 13 1.67 -12.30 -0.31
N GLU A 14 1.57 -11.67 0.86
CA GLU A 14 0.84 -12.25 1.98
C GLU A 14 -0.65 -12.26 1.72
N ALA A 15 -1.19 -11.11 1.30
CA ALA A 15 -2.62 -10.99 1.02
C ALA A 15 -3.09 -12.07 0.06
N LYS A 16 -2.38 -12.24 -1.04
CA LYS A 16 -2.73 -13.25 -2.05
C LYS A 16 -2.85 -14.63 -1.43
N ALA A 17 -1.84 -15.03 -0.66
CA ALA A 17 -1.85 -16.34 -0.01
C ALA A 17 -3.06 -16.54 0.88
N LYS A 18 -3.13 -15.79 1.98
CA LYS A 18 -4.23 -15.91 2.92
C LYS A 18 -5.56 -15.44 2.31
N TYR A 19 -5.48 -14.67 1.23
CA TYR A 19 -6.68 -14.16 0.58
C TYR A 19 -6.52 -14.15 -0.93
N ASP A 20 -7.49 -14.74 -1.63
CA ASP A 20 -7.46 -14.79 -3.09
C ASP A 20 -7.77 -13.43 -3.69
N ILE A 21 -6.86 -12.95 -4.54
CA ILE A 21 -7.03 -11.65 -5.19
C ILE A 21 -7.63 -11.81 -6.58
N LEU A 22 -8.44 -10.83 -6.98
CA LEU A 22 -9.09 -10.86 -8.29
C LEU A 22 -8.95 -9.52 -9.00
N GLU A 23 -9.21 -8.44 -8.27
CA GLU A 23 -9.12 -7.09 -8.84
C GLU A 23 -8.15 -6.22 -8.03
N THR A 24 -7.53 -5.25 -8.70
CA THR A 24 -6.59 -4.36 -8.03
C THR A 24 -6.74 -2.92 -8.56
N TYR A 25 -6.05 -1.99 -7.91
CA TYR A 25 -6.10 -0.59 -8.31
C TYR A 25 -4.72 0.04 -8.30
N GLU A 26 -4.63 1.27 -8.81
CA GLU A 26 -3.35 1.97 -8.86
C GLU A 26 -3.44 3.35 -8.20
N ALA A 27 -2.48 3.63 -7.32
CA ALA A 27 -2.44 4.91 -6.62
C ALA A 27 -1.03 5.47 -6.61
N GLY A 28 -0.90 6.79 -6.46
CA GLY A 28 0.42 7.41 -6.43
C GLY A 28 0.64 8.22 -5.18
N ILE A 29 1.71 7.92 -4.46
CA ILE A 29 2.02 8.65 -3.23
C ILE A 29 3.03 9.76 -3.47
N VAL A 30 3.21 10.62 -2.46
CA VAL A 30 4.13 11.74 -2.55
C VAL A 30 4.61 12.15 -1.16
N LEU A 31 5.90 12.42 -1.03
CA LEU A 31 6.48 12.82 0.25
C LEU A 31 7.54 13.90 0.06
N LYS A 32 8.21 14.25 1.16
CA LYS A 32 9.25 15.28 1.12
C LYS A 32 10.63 14.69 0.84
N GLY A 33 11.62 15.56 0.74
CA GLY A 33 12.98 15.12 0.47
C GLY A 33 13.66 14.52 1.69
N SER A 34 13.46 13.21 1.87
CA SER A 34 14.06 12.50 3.01
C SER A 34 13.56 11.07 3.03
N GLU A 35 12.26 10.89 2.76
CA GLU A 35 11.65 9.58 2.75
C GLU A 35 12.13 8.78 1.54
N VAL A 36 12.12 9.43 0.38
CA VAL A 36 12.52 8.78 -0.87
C VAL A 36 13.86 8.05 -0.74
N LYS A 37 14.85 8.74 -0.19
CA LYS A 37 16.19 8.16 -0.03
C LYS A 37 16.20 7.01 0.97
N SER A 38 15.62 7.22 2.14
CA SER A 38 15.59 6.19 3.18
C SER A 38 15.10 4.85 2.63
N LEU A 39 13.97 4.86 1.95
CA LEU A 39 13.40 3.64 1.38
C LEU A 39 14.23 3.13 0.20
N ARG A 40 14.55 4.02 -0.74
CA ARG A 40 15.32 3.65 -1.93
C ARG A 40 16.56 2.84 -1.54
N GLU A 41 17.39 3.39 -0.66
CA GLU A 41 18.61 2.72 -0.23
C GLU A 41 18.30 1.34 0.35
N LYS A 42 17.50 1.28 1.42
CA LYS A 42 17.15 0.00 2.03
C LYS A 42 16.31 0.20 3.29
N GLY A 43 15.02 0.49 3.09
CA GLY A 43 14.14 0.70 4.23
C GLY A 43 12.97 -0.27 4.23
N THR A 44 12.32 -0.41 5.40
CA THR A 44 11.20 -1.31 5.54
C THR A 44 9.94 -0.55 5.97
N VAL A 45 8.83 -0.83 5.32
CA VAL A 45 7.56 -0.17 5.63
C VAL A 45 6.41 -1.17 5.66
N SER A 46 6.55 -2.22 6.45
CA SER A 46 5.52 -3.25 6.56
C SER A 46 5.94 -4.35 7.54
N PHE A 47 4.95 -4.91 8.25
CA PHE A 47 5.23 -5.98 9.21
C PHE A 47 3.97 -6.79 9.49
N LYS A 48 3.24 -7.12 8.43
CA LYS A 48 2.02 -7.91 8.55
C LYS A 48 0.94 -7.18 9.34
N ASP A 49 0.93 -5.85 9.25
CA ASP A 49 -0.06 -5.05 9.95
C ASP A 49 -0.43 -3.78 9.16
N SER A 50 -0.07 -3.75 7.90
CA SER A 50 -0.37 -2.60 7.04
C SER A 50 -1.47 -2.95 6.04
N PHE A 51 -2.51 -2.11 5.98
CA PHE A 51 -3.63 -2.33 5.07
C PHE A 51 -3.96 -1.05 4.30
N VAL A 52 -4.82 -1.18 3.30
CA VAL A 52 -5.23 -0.04 2.49
C VAL A 52 -6.74 0.13 2.47
N ARG A 53 -7.19 1.35 2.76
CA ARG A 53 -8.62 1.66 2.77
C ARG A 53 -8.91 2.83 1.85
N ILE A 54 -9.81 2.63 0.89
CA ILE A 54 -10.17 3.68 -0.05
C ILE A 54 -11.29 4.55 0.49
N GLU A 55 -11.05 5.86 0.54
CA GLU A 55 -12.05 6.80 1.05
C GLU A 55 -12.00 8.12 0.27
N ASN A 56 -12.94 9.01 0.59
CA ASN A 56 -13.03 10.31 -0.05
C ASN A 56 -13.10 10.17 -1.58
N GLY A 57 -11.95 10.19 -2.24
CA GLY A 57 -11.93 10.08 -3.68
C GLY A 57 -10.72 9.32 -4.22
N GLU A 58 -9.79 8.95 -3.34
CA GLU A 58 -8.60 8.24 -3.77
C GLU A 58 -8.21 7.15 -2.78
N ALA A 59 -7.28 6.30 -3.17
CA ALA A 59 -6.82 5.21 -2.33
C ALA A 59 -5.92 5.72 -1.21
N TRP A 60 -6.26 5.35 0.02
CA TRP A 60 -5.48 5.78 1.19
C TRP A 60 -4.67 4.61 1.73
N LEU A 61 -3.48 4.92 2.26
CA LEU A 61 -2.61 3.88 2.79
C LEU A 61 -2.24 4.16 4.24
N TYR A 62 -2.52 3.19 5.11
CA TYR A 62 -2.19 3.30 6.52
C TYR A 62 -1.39 2.08 6.98
N ASN A 63 -0.31 2.33 7.71
CA ASN A 63 0.54 1.25 8.19
C ASN A 63 0.62 1.23 9.71
N LEU A 64 0.28 0.08 10.30
CA LEU A 64 0.32 -0.08 11.74
C LEU A 64 1.55 -0.88 12.17
N TYR A 65 2.55 -0.93 11.30
CA TYR A 65 3.78 -1.66 11.60
C TYR A 65 4.85 -1.37 10.54
N ILE A 66 5.68 -0.37 10.81
CA ILE A 66 6.75 0.00 9.90
C ILE A 66 8.10 0.04 10.60
N ALA A 67 9.18 0.08 9.83
CA ALA A 67 10.52 0.12 10.39
C ALA A 67 11.27 1.38 9.96
N PRO A 68 11.11 2.48 10.73
CA PRO A 68 11.78 3.76 10.43
C PRO A 68 13.27 3.60 10.24
N TYR A 69 13.93 4.68 9.82
CA TYR A 69 15.38 4.66 9.61
C TYR A 69 16.11 5.25 10.80
N LYS A 70 15.48 6.20 11.47
CA LYS A 70 16.07 6.85 12.64
C LYS A 70 15.98 5.96 13.87
N HIS A 71 16.91 6.13 14.80
CA HIS A 71 16.93 5.34 16.02
C HIS A 71 16.36 6.14 17.19
N ALA A 72 15.05 6.04 17.39
CA ALA A 72 14.38 6.74 18.48
C ALA A 72 13.82 5.76 19.50
N THR A 73 13.90 6.14 20.77
CA THR A 73 13.39 5.29 21.85
C THR A 73 12.50 6.08 22.81
N ILE A 74 11.95 7.19 22.32
CA ILE A 74 11.09 8.03 23.14
C ILE A 74 10.07 8.78 22.28
N GLU A 75 9.09 8.06 21.75
CA GLU A 75 8.07 8.66 20.91
C GLU A 75 7.01 7.63 20.52
N ASN A 76 5.81 8.11 20.22
CA ASN A 76 4.71 7.22 19.82
C ASN A 76 4.21 7.58 18.43
N HIS A 77 3.97 8.86 18.21
CA HIS A 77 3.48 9.34 16.91
C HIS A 77 4.60 9.35 15.88
N ASP A 78 4.80 8.21 15.23
CA ASP A 78 5.84 8.08 14.20
C ASP A 78 5.56 6.89 13.29
N PRO A 79 5.61 5.66 13.82
CA PRO A 79 5.35 4.45 13.04
C PRO A 79 4.01 4.49 12.34
N LEU A 80 2.93 4.56 13.11
CA LEU A 80 1.59 4.61 12.55
C LEU A 80 1.33 5.94 11.87
N ARG A 81 1.65 6.02 10.58
CA ARG A 81 1.45 7.25 9.82
C ARG A 81 0.31 7.08 8.83
N LYS A 82 0.20 8.01 7.89
CA LYS A 82 -0.86 7.97 6.88
C LYS A 82 -0.45 8.71 5.62
N ARG A 83 -0.51 8.02 4.48
CA ARG A 83 -0.15 8.61 3.20
C ARG A 83 -1.37 8.70 2.29
N LYS A 84 -1.42 9.78 1.49
CA LYS A 84 -2.54 9.98 0.58
C LYS A 84 -2.12 9.74 -0.86
N LEU A 85 -2.83 8.86 -1.56
CA LEU A 85 -2.54 8.55 -2.94
C LEU A 85 -3.63 9.12 -3.86
N LEU A 86 -3.26 9.38 -5.11
CA LEU A 86 -4.19 9.91 -6.09
C LEU A 86 -5.12 8.83 -6.65
N LEU A 87 -6.14 9.26 -7.37
CA LEU A 87 -7.11 8.34 -7.97
C LEU A 87 -8.18 9.12 -8.76
N HIS A 88 -9.39 8.58 -8.83
CA HIS A 88 -10.48 9.24 -9.54
C HIS A 88 -11.73 9.33 -8.66
N LYS A 89 -12.72 10.08 -9.14
CA LYS A 89 -13.96 10.26 -8.39
C LYS A 89 -14.92 9.10 -8.66
N ARG A 90 -14.97 8.65 -9.91
CA ARG A 90 -15.85 7.54 -10.28
C ARG A 90 -15.35 6.23 -9.70
N GLU A 91 -14.06 5.95 -9.90
CA GLU A 91 -13.43 4.72 -9.43
C GLU A 91 -13.65 4.51 -7.93
N ILE A 92 -13.37 5.53 -7.13
CA ILE A 92 -13.52 5.41 -5.68
C ILE A 92 -14.89 4.84 -5.29
N MET A 93 -15.95 5.41 -5.86
CA MET A 93 -17.31 4.95 -5.57
C MET A 93 -17.46 3.45 -5.80
N ARG A 94 -17.14 3.01 -7.01
CA ARG A 94 -17.25 1.61 -7.37
C ARG A 94 -16.48 0.71 -6.39
N LEU A 95 -15.22 1.08 -6.14
CA LEU A 95 -14.37 0.32 -5.22
C LEU A 95 -15.03 0.16 -3.85
N TYR A 96 -15.41 1.28 -3.25
CA TYR A 96 -16.03 1.27 -1.92
C TYR A 96 -17.24 0.34 -1.88
N GLY A 97 -18.31 0.73 -2.57
CA GLY A 97 -19.53 -0.06 -2.57
C GLY A 97 -19.32 -1.54 -2.87
N LYS A 98 -18.97 -1.84 -4.11
CA LYS A 98 -18.77 -3.22 -4.54
C LYS A 98 -17.86 -4.01 -3.60
N VAL A 99 -16.61 -3.59 -3.49
CA VAL A 99 -15.64 -4.29 -2.64
C VAL A 99 -16.15 -4.53 -1.22
N GLN A 100 -16.25 -3.44 -0.44
CA GLN A 100 -16.68 -3.54 0.95
C GLN A 100 -18.03 -4.23 1.12
N GLU A 101 -19.09 -3.57 0.67
CA GLU A 101 -20.45 -4.10 0.82
C GLU A 101 -20.60 -5.54 0.36
N LYS A 102 -20.29 -5.81 -0.91
CA LYS A 102 -20.42 -7.16 -1.45
C LYS A 102 -19.74 -8.17 -0.53
N GLY A 103 -18.50 -7.88 -0.16
CA GLY A 103 -17.77 -8.77 0.73
C GLY A 103 -16.32 -8.90 0.33
N TYR A 104 -15.63 -7.77 0.25
CA TYR A 104 -14.21 -7.78 -0.13
C TYR A 104 -13.40 -6.79 0.71
N THR A 105 -12.08 -6.93 0.65
CA THR A 105 -11.18 -6.07 1.39
C THR A 105 -10.02 -5.62 0.51
N ILE A 106 -9.40 -4.50 0.88
CA ILE A 106 -8.28 -3.96 0.11
C ILE A 106 -7.00 -3.93 0.95
N ILE A 107 -5.94 -4.52 0.42
CA ILE A 107 -4.65 -4.56 1.11
C ILE A 107 -3.51 -4.18 0.16
N PRO A 108 -2.42 -3.59 0.70
CA PRO A 108 -1.27 -3.17 -0.11
C PRO A 108 -0.37 -4.35 -0.47
N LEU A 109 0.15 -4.33 -1.70
CA LEU A 109 1.03 -5.40 -2.17
C LEU A 109 2.45 -4.87 -2.39
N LYS A 110 2.75 -4.41 -3.61
CA LYS A 110 4.08 -3.90 -3.92
C LYS A 110 4.00 -2.49 -4.49
N LEU A 111 4.74 -1.59 -3.88
CA LEU A 111 4.81 -0.21 -4.29
C LEU A 111 6.26 0.16 -4.56
N TYR A 112 6.52 0.64 -5.76
CA TYR A 112 7.86 1.04 -6.16
C TYR A 112 7.80 2.38 -6.88
N TRP A 113 8.88 3.14 -6.87
CA TRP A 113 8.85 4.44 -7.53
C TRP A 113 9.68 4.45 -8.81
N LYS A 114 9.01 4.81 -9.89
CA LYS A 114 9.64 4.91 -11.20
C LYS A 114 9.69 6.35 -11.64
N ASN A 115 10.69 6.70 -12.43
CA ASN A 115 10.84 8.08 -12.88
C ASN A 115 11.33 8.95 -11.72
N ASN A 116 10.54 8.99 -10.64
CA ASN A 116 10.91 9.78 -9.47
C ASN A 116 9.94 9.65 -8.30
N LYS A 117 8.80 8.96 -8.47
CA LYS A 117 7.85 8.84 -7.36
C LYS A 117 7.22 7.46 -7.22
N VAL A 118 6.64 7.25 -6.04
CA VAL A 118 6.04 5.96 -5.65
C VAL A 118 4.60 5.73 -6.11
N LYS A 119 4.38 4.52 -6.60
CA LYS A 119 3.08 4.05 -7.02
C LYS A 119 2.82 2.74 -6.28
N VAL A 120 1.72 2.66 -5.55
CA VAL A 120 1.40 1.45 -4.78
C VAL A 120 0.25 0.69 -5.41
N LEU A 121 0.43 -0.62 -5.55
CA LEU A 121 -0.60 -1.49 -6.11
C LEU A 121 -1.38 -2.17 -4.98
N ILE A 122 -2.70 -2.01 -5.00
CA ILE A 122 -3.54 -2.61 -3.97
C ILE A 122 -4.29 -3.82 -4.52
N ALA A 123 -4.11 -4.95 -3.84
CA ALA A 123 -4.77 -6.18 -4.25
C ALA A 123 -6.01 -6.45 -3.41
N LEU A 124 -7.14 -6.62 -4.08
CA LEU A 124 -8.40 -6.89 -3.39
C LEU A 124 -8.70 -8.38 -3.37
N ALA A 125 -8.91 -8.92 -2.18
CA ALA A 125 -9.20 -10.34 -2.03
C ALA A 125 -10.40 -10.57 -1.12
N LYS A 126 -10.96 -11.78 -1.21
CA LYS A 126 -12.12 -12.13 -0.39
C LYS A 126 -11.69 -12.91 0.84
N GLY A 127 -12.48 -12.80 1.90
CA GLY A 127 -12.16 -13.50 3.14
C GLY A 127 -12.80 -14.88 3.20
N LYS A 128 -12.28 -15.81 2.41
CA LYS A 128 -12.79 -17.17 2.38
C LYS A 128 -11.97 -18.05 1.44
N LYS A 129 -12.18 -19.36 1.54
CA LYS A 129 -11.46 -20.30 0.70
C LYS A 129 -12.42 -21.02 -0.26
N LEU A 130 -12.17 -20.86 -1.56
CA LEU A 130 -13.01 -21.49 -2.57
C LEU A 130 -12.74 -22.99 -2.65
N TYR A 131 -13.80 -23.77 -2.83
CA TYR A 131 -13.69 -25.22 -2.91
C TYR A 131 -13.31 -25.65 -4.33
N ASP A 132 -13.93 -25.02 -5.32
CA ASP A 132 -13.66 -25.32 -6.72
C ASP A 132 -14.44 -24.40 -7.65
N ARG A 133 -14.00 -24.30 -8.89
CA ARG A 133 -14.66 -23.45 -9.88
C ARG A 133 -14.46 -23.99 -11.29
N GLY A 1 24.71 8.10 -21.10
CA GLY A 1 23.89 9.08 -20.35
C GLY A 1 22.52 8.54 -20.00
N LYS A 2 22.42 7.22 -19.87
CA LYS A 2 21.15 6.58 -19.53
C LYS A 2 21.36 5.53 -18.44
N SER A 3 21.39 5.97 -17.19
CA SER A 3 21.58 5.07 -16.05
C SER A 3 20.53 5.32 -14.99
N ASP A 4 19.44 4.56 -15.03
CA ASP A 4 18.36 4.70 -14.06
C ASP A 4 18.60 3.81 -12.85
N LYS A 5 17.95 4.14 -11.74
CA LYS A 5 18.09 3.37 -10.52
C LYS A 5 16.96 3.65 -9.55
N ILE A 6 15.88 2.86 -9.65
CA ILE A 6 14.73 3.03 -8.79
C ILE A 6 14.86 2.19 -7.52
N ILE A 7 13.99 2.44 -6.55
CA ILE A 7 14.01 1.71 -5.29
C ILE A 7 12.71 0.94 -5.07
N PRO A 8 12.79 -0.38 -4.86
CA PRO A 8 11.63 -1.23 -4.64
C PRO A 8 11.22 -1.32 -3.17
N ILE A 9 9.91 -1.35 -2.92
CA ILE A 9 9.40 -1.44 -1.57
C ILE A 9 8.20 -2.37 -1.53
N ALA A 10 7.82 -2.71 -0.32
CA ALA A 10 6.69 -3.59 -0.06
C ALA A 10 6.84 -4.92 -0.79
N GLU A 11 6.14 -5.94 -0.29
CA GLU A 11 6.19 -7.27 -0.89
C GLU A 11 5.33 -8.25 -0.10
N ASN A 12 4.20 -8.65 -0.68
CA ASN A 12 3.29 -9.58 -0.02
C ASN A 12 2.74 -10.59 -1.02
N LYS A 13 2.29 -11.73 -0.52
CA LYS A 13 1.74 -12.79 -1.35
C LYS A 13 0.81 -13.69 -0.54
N GLU A 14 0.19 -13.13 0.49
CA GLU A 14 -0.72 -13.87 1.33
C GLU A 14 -2.00 -14.21 0.59
N ALA A 15 -2.61 -13.20 -0.04
CA ALA A 15 -3.85 -13.39 -0.78
C ALA A 15 -3.76 -14.57 -1.74
N LYS A 16 -2.72 -14.56 -2.58
CA LYS A 16 -2.53 -15.64 -3.55
C LYS A 16 -2.65 -17.00 -2.89
N ALA A 17 -1.96 -17.18 -1.77
CA ALA A 17 -2.00 -18.44 -1.04
C ALA A 17 -3.44 -18.91 -0.80
N LYS A 18 -4.28 -18.01 -0.30
CA LYS A 18 -5.68 -18.34 -0.04
C LYS A 18 -6.63 -17.39 -0.76
N TYR A 19 -6.72 -16.15 -0.28
CA TYR A 19 -7.60 -15.15 -0.88
C TYR A 19 -7.29 -14.97 -2.36
N ASP A 20 -8.16 -15.52 -3.19
CA ASP A 20 -7.99 -15.43 -4.64
C ASP A 20 -8.27 -14.01 -5.13
N ILE A 21 -7.29 -13.44 -5.83
CA ILE A 21 -7.42 -12.08 -6.34
C ILE A 21 -8.17 -12.06 -7.67
N LEU A 22 -8.81 -10.93 -7.97
CA LEU A 22 -9.57 -10.79 -9.21
C LEU A 22 -9.16 -9.53 -9.96
N GLU A 23 -9.53 -8.37 -9.41
CA GLU A 23 -9.19 -7.08 -10.03
C GLU A 23 -8.25 -6.28 -9.14
N THR A 24 -7.44 -5.42 -9.77
CA THR A 24 -6.49 -4.60 -9.03
C THR A 24 -6.48 -3.15 -9.53
N TYR A 25 -5.99 -2.25 -8.70
CA TYR A 25 -5.91 -0.84 -9.07
C TYR A 25 -4.53 -0.26 -8.72
N GLU A 26 -4.29 0.99 -9.09
CA GLU A 26 -3.01 1.63 -8.81
C GLU A 26 -3.18 2.95 -8.08
N ALA A 27 -2.43 3.13 -7.02
CA ALA A 27 -2.49 4.36 -6.23
C ALA A 27 -1.11 4.99 -6.13
N GLY A 28 -1.00 6.25 -6.53
CA GLY A 28 0.28 6.94 -6.46
C GLY A 28 0.38 7.83 -5.24
N ILE A 29 1.42 7.62 -4.44
CA ILE A 29 1.61 8.41 -3.24
C ILE A 29 2.42 9.67 -3.52
N VAL A 30 2.22 10.70 -2.71
CA VAL A 30 2.94 11.95 -2.86
C VAL A 30 3.14 12.66 -1.53
N LEU A 31 4.38 12.69 -1.07
CA LEU A 31 4.70 13.33 0.21
C LEU A 31 6.14 13.86 0.19
N LYS A 32 6.47 14.66 1.21
CA LYS A 32 7.81 15.23 1.31
C LYS A 32 8.31 15.18 2.75
N GLY A 33 9.63 15.32 2.92
CA GLY A 33 10.21 15.29 4.24
C GLY A 33 11.39 14.34 4.33
N SER A 34 11.50 13.65 5.46
CA SER A 34 12.60 12.71 5.67
C SER A 34 12.16 11.26 5.41
N GLU A 35 10.88 11.09 5.07
CA GLU A 35 10.33 9.77 4.79
C GLU A 35 10.98 9.15 3.55
N VAL A 36 11.03 9.92 2.48
CA VAL A 36 11.61 9.46 1.22
C VAL A 36 12.99 8.83 1.42
N LYS A 37 13.91 9.58 2.03
CA LYS A 37 15.27 9.10 2.26
C LYS A 37 15.33 7.99 3.31
N SER A 38 14.74 8.24 4.47
CA SER A 38 14.76 7.27 5.57
C SER A 38 14.34 5.88 5.10
N LEU A 39 13.21 5.81 4.41
CA LEU A 39 12.69 4.56 3.89
C LEU A 39 13.55 4.01 2.76
N ARG A 40 13.86 4.86 1.78
CA ARG A 40 14.66 4.47 0.63
C ARG A 40 15.94 3.74 1.05
N GLU A 41 16.69 4.33 1.97
CA GLU A 41 17.94 3.74 2.42
C GLU A 41 17.73 2.47 3.24
N LYS A 42 16.83 2.54 4.23
CA LYS A 42 16.56 1.38 5.08
C LYS A 42 15.88 0.25 4.32
N GLY A 43 14.57 0.36 4.15
CA GLY A 43 13.82 -0.66 3.44
C GLY A 43 12.79 -1.33 4.33
N THR A 44 12.05 -0.52 5.10
CA THR A 44 11.04 -1.04 6.02
C THR A 44 9.64 -0.76 5.48
N VAL A 45 8.65 -0.74 6.38
CA VAL A 45 7.25 -0.49 6.02
C VAL A 45 6.72 -1.53 5.03
N SER A 46 5.46 -1.90 5.20
CA SER A 46 4.83 -2.88 4.33
C SER A 46 5.58 -4.21 4.37
N PHE A 47 5.27 -5.03 5.38
CA PHE A 47 5.92 -6.33 5.53
C PHE A 47 4.89 -7.40 5.88
N LYS A 48 4.18 -7.20 6.97
CA LYS A 48 3.15 -8.16 7.41
C LYS A 48 2.17 -7.50 8.37
N ASP A 49 1.95 -6.20 8.20
CA ASP A 49 1.03 -5.47 9.05
C ASP A 49 0.50 -4.23 8.33
N SER A 50 0.48 -4.28 7.00
CA SER A 50 0.00 -3.15 6.20
C SER A 50 -1.23 -3.54 5.39
N PHE A 51 -2.20 -2.64 5.32
CA PHE A 51 -3.44 -2.88 4.59
C PHE A 51 -3.82 -1.64 3.78
N VAL A 52 -4.67 -1.83 2.77
CA VAL A 52 -5.11 -0.73 1.92
C VAL A 52 -6.63 -0.64 1.89
N ARG A 53 -7.14 0.55 2.20
CA ARG A 53 -8.58 0.79 2.21
C ARG A 53 -8.94 1.97 1.31
N ILE A 54 -9.91 1.76 0.42
CA ILE A 54 -10.34 2.81 -0.49
C ILE A 54 -11.30 3.78 0.20
N GLU A 55 -10.96 5.06 0.16
CA GLU A 55 -11.79 6.08 0.78
C GLU A 55 -12.36 7.01 -0.28
N ASN A 56 -13.64 7.38 -0.10
CA ASN A 56 -14.34 8.28 -1.04
C ASN A 56 -13.40 9.32 -1.62
N GLY A 57 -12.83 9.01 -2.78
CA GLY A 57 -11.92 9.92 -3.43
C GLY A 57 -10.80 9.21 -4.16
N GLU A 58 -9.88 8.62 -3.41
CA GLU A 58 -8.75 7.89 -4.00
C GLU A 58 -8.38 6.68 -3.15
N ALA A 59 -7.43 5.88 -3.64
CA ALA A 59 -6.99 4.71 -2.91
C ALA A 59 -6.14 5.14 -1.72
N TRP A 60 -6.52 4.69 -0.52
CA TRP A 60 -5.80 5.04 0.69
C TRP A 60 -4.94 3.87 1.17
N LEU A 61 -3.82 4.20 1.82
CA LEU A 61 -2.92 3.17 2.32
C LEU A 61 -2.64 3.35 3.81
N TYR A 62 -2.75 2.26 4.55
CA TYR A 62 -2.49 2.28 5.99
C TYR A 62 -1.42 1.25 6.35
N ASN A 63 -0.36 1.70 7.01
CA ASN A 63 0.73 0.82 7.40
C ASN A 63 1.00 0.89 8.89
N LEU A 64 1.23 -0.26 9.50
CA LEU A 64 1.51 -0.34 10.93
C LEU A 64 2.93 -0.85 11.18
N TYR A 65 3.47 -1.58 10.21
CA TYR A 65 4.82 -2.12 10.33
C TYR A 65 5.85 -1.15 9.74
N ILE A 66 5.77 0.11 10.16
CA ILE A 66 6.69 1.13 9.68
C ILE A 66 7.79 1.42 10.71
N ALA A 67 8.50 2.53 10.52
CA ALA A 67 9.58 2.92 11.43
C ALA A 67 10.84 2.09 11.18
N PRO A 68 11.72 2.56 10.30
CA PRO A 68 12.97 1.86 9.97
C PRO A 68 13.89 1.74 11.17
N TYR A 69 14.03 2.85 11.85
CA TYR A 69 14.87 2.93 13.05
C TYR A 69 16.33 2.65 12.70
N LYS A 70 17.23 3.49 13.22
CA LYS A 70 18.65 3.33 12.97
C LYS A 70 19.45 4.37 13.75
N HIS A 71 19.31 4.36 15.07
CA HIS A 71 20.01 5.30 15.93
C HIS A 71 19.65 6.73 15.57
N ALA A 72 20.04 7.66 16.44
CA ALA A 72 19.77 9.09 16.22
C ALA A 72 18.26 9.35 16.21
N THR A 73 17.85 10.37 16.94
CA THR A 73 16.45 10.75 17.03
C THR A 73 15.61 9.59 17.59
N ILE A 74 15.25 9.72 18.86
CA ILE A 74 14.45 8.68 19.51
C ILE A 74 13.29 9.30 20.29
N GLU A 75 12.79 10.43 19.80
CA GLU A 75 11.68 11.12 20.45
C GLU A 75 10.35 10.74 19.81
N ASN A 76 9.44 10.18 20.60
CA ASN A 76 8.13 9.77 20.10
C ASN A 76 8.26 8.66 19.07
N HIS A 77 8.58 9.04 17.83
CA HIS A 77 8.74 8.08 16.75
C HIS A 77 7.48 7.23 16.59
N ASP A 78 6.42 7.85 16.08
CA ASP A 78 5.15 7.15 15.88
C ASP A 78 5.32 6.00 14.89
N PRO A 79 5.16 4.75 15.34
CA PRO A 79 5.30 3.58 14.48
C PRO A 79 4.04 3.29 13.67
N LEU A 80 3.52 4.31 12.99
CA LEU A 80 2.31 4.18 12.18
C LEU A 80 1.90 5.52 11.58
N ARG A 81 1.70 5.54 10.27
CA ARG A 81 1.30 6.76 9.58
C ARG A 81 0.51 6.44 8.32
N LYS A 82 -0.63 7.10 8.16
CA LYS A 82 -1.49 6.88 7.00
C LYS A 82 -1.02 7.72 5.81
N ARG A 83 -1.11 7.15 4.61
CA ARG A 83 -0.70 7.85 3.40
C ARG A 83 -1.86 7.94 2.41
N LYS A 84 -1.92 9.04 1.66
CA LYS A 84 -2.98 9.24 0.70
C LYS A 84 -2.48 9.11 -0.74
N LEU A 85 -3.17 8.28 -1.53
CA LEU A 85 -2.79 8.08 -2.93
C LEU A 85 -3.86 8.65 -3.85
N LEU A 86 -3.59 8.63 -5.15
CA LEU A 86 -4.52 9.16 -6.14
C LEU A 86 -5.22 8.04 -6.91
N LEU A 87 -6.32 8.41 -7.57
CA LEU A 87 -7.12 7.48 -8.36
C LEU A 87 -7.61 8.17 -9.64
N HIS A 88 -8.73 7.69 -10.20
CA HIS A 88 -9.28 8.29 -11.42
C HIS A 88 -10.50 9.15 -11.10
N LYS A 89 -11.69 8.54 -11.13
CA LYS A 89 -12.93 9.26 -10.85
C LYS A 89 -14.07 8.27 -10.67
N ARG A 90 -14.47 7.62 -11.77
CA ARG A 90 -15.53 6.62 -11.74
C ARG A 90 -15.03 5.38 -11.01
N GLU A 91 -13.85 4.92 -11.43
CA GLU A 91 -13.21 3.74 -10.86
C GLU A 91 -13.18 3.79 -9.33
N ILE A 92 -12.74 4.92 -8.77
CA ILE A 92 -12.64 5.06 -7.31
C ILE A 92 -13.92 4.59 -6.64
N MET A 93 -15.03 5.27 -6.94
CA MET A 93 -16.32 4.92 -6.34
C MET A 93 -16.67 3.46 -6.57
N ARG A 94 -16.57 3.02 -7.82
CA ARG A 94 -16.89 1.64 -8.18
C ARG A 94 -16.18 0.65 -7.25
N LEU A 95 -14.88 0.84 -7.07
CA LEU A 95 -14.09 -0.04 -6.22
C LEU A 95 -14.65 -0.11 -4.80
N TYR A 96 -14.90 1.06 -4.21
CA TYR A 96 -15.43 1.13 -2.85
C TYR A 96 -16.79 0.45 -2.73
N GLY A 97 -17.74 0.89 -3.55
CA GLY A 97 -19.09 0.35 -3.52
C GLY A 97 -19.17 -1.15 -3.74
N LYS A 98 -18.58 -1.63 -4.85
CA LYS A 98 -18.62 -3.05 -5.17
C LYS A 98 -17.77 -3.90 -4.22
N VAL A 99 -16.47 -3.69 -4.25
CA VAL A 99 -15.56 -4.46 -3.42
C VAL A 99 -15.99 -4.52 -1.95
N GLN A 100 -16.26 -3.38 -1.36
CA GLN A 100 -16.63 -3.31 0.06
C GLN A 100 -18.02 -3.89 0.35
N GLU A 101 -19.03 -3.46 -0.40
CA GLU A 101 -20.40 -3.91 -0.17
C GLU A 101 -20.65 -5.37 -0.53
N LYS A 102 -20.39 -5.74 -1.77
CA LYS A 102 -20.61 -7.11 -2.22
C LYS A 102 -20.00 -8.11 -1.26
N GLY A 103 -18.74 -7.89 -0.90
CA GLY A 103 -18.07 -8.80 0.03
C GLY A 103 -16.64 -9.06 -0.37
N TYR A 104 -15.89 -7.99 -0.60
CA TYR A 104 -14.48 -8.12 -1.00
C TYR A 104 -13.58 -7.25 -0.13
N THR A 105 -12.30 -7.56 -0.14
CA THR A 105 -11.32 -6.82 0.64
C THR A 105 -10.12 -6.44 -0.22
N ILE A 106 -9.48 -5.32 0.11
CA ILE A 106 -8.33 -4.84 -0.64
C ILE A 106 -7.08 -4.79 0.22
N ILE A 107 -5.99 -5.32 -0.31
CA ILE A 107 -4.73 -5.34 0.41
C ILE A 107 -3.58 -4.85 -0.48
N PRO A 108 -2.54 -4.24 0.12
CA PRO A 108 -1.39 -3.72 -0.63
C PRO A 108 -0.38 -4.81 -0.93
N LEU A 109 0.08 -4.85 -2.18
CA LEU A 109 1.05 -5.84 -2.60
C LEU A 109 2.47 -5.26 -2.62
N LYS A 110 2.88 -4.70 -3.77
CA LYS A 110 4.21 -4.11 -3.89
C LYS A 110 4.15 -2.65 -4.32
N LEU A 111 4.76 -1.80 -3.52
CA LEU A 111 4.83 -0.38 -3.82
C LEU A 111 6.29 0.09 -3.81
N TYR A 112 6.69 0.68 -4.91
CA TYR A 112 8.07 1.18 -5.07
C TYR A 112 8.04 2.58 -5.64
N TRP A 113 9.05 3.41 -5.35
CA TRP A 113 9.05 4.76 -5.91
C TRP A 113 10.15 4.97 -6.93
N LYS A 114 9.73 5.39 -8.12
CA LYS A 114 10.63 5.67 -9.22
C LYS A 114 10.64 7.17 -9.47
N ASN A 115 11.78 7.71 -9.86
CA ASN A 115 11.88 9.14 -10.09
C ASN A 115 11.89 9.88 -8.76
N ASN A 116 10.87 9.63 -7.93
CA ASN A 116 10.80 10.27 -6.62
C ASN A 116 9.57 9.87 -5.79
N LYS A 117 8.60 9.15 -6.38
CA LYS A 117 7.42 8.77 -5.61
C LYS A 117 6.98 7.33 -5.86
N VAL A 118 6.21 6.80 -4.90
CA VAL A 118 5.77 5.40 -4.93
C VAL A 118 4.42 5.17 -5.59
N LYS A 119 4.32 3.99 -6.18
CA LYS A 119 3.10 3.50 -6.78
C LYS A 119 2.81 2.15 -6.13
N VAL A 120 1.63 2.00 -5.55
CA VAL A 120 1.27 0.77 -4.86
C VAL A 120 0.24 -0.04 -5.64
N LEU A 121 0.46 -1.34 -5.73
CA LEU A 121 -0.47 -2.22 -6.43
C LEU A 121 -1.39 -2.89 -5.41
N ILE A 122 -2.69 -2.74 -5.60
CA ILE A 122 -3.66 -3.33 -4.69
C ILE A 122 -4.44 -4.46 -5.35
N ALA A 123 -4.52 -5.60 -4.67
CA ALA A 123 -5.23 -6.75 -5.19
C ALA A 123 -6.54 -6.98 -4.45
N LEU A 124 -7.61 -7.22 -5.21
CA LEU A 124 -8.92 -7.46 -4.63
C LEU A 124 -9.19 -8.97 -4.58
N ALA A 125 -9.51 -9.47 -3.39
CA ALA A 125 -9.77 -10.90 -3.22
C ALA A 125 -11.16 -11.15 -2.62
N LYS A 126 -11.67 -12.36 -2.83
CA LYS A 126 -12.99 -12.72 -2.32
C LYS A 126 -12.93 -14.09 -1.63
N GLY A 127 -13.82 -14.29 -0.66
CA GLY A 127 -13.86 -15.54 0.06
C GLY A 127 -13.96 -15.35 1.56
N LYS A 128 -12.81 -15.16 2.20
CA LYS A 128 -12.76 -14.97 3.64
C LYS A 128 -13.30 -16.20 4.38
N LYS A 129 -13.22 -16.17 5.71
CA LYS A 129 -13.72 -17.28 6.52
C LYS A 129 -15.23 -17.34 6.51
N LEU A 130 -15.87 -16.17 6.40
CA LEU A 130 -17.32 -16.09 6.38
C LEU A 130 -17.88 -16.66 5.08
N TYR A 131 -19.20 -16.67 4.96
CA TYR A 131 -19.86 -17.19 3.77
C TYR A 131 -19.50 -18.65 3.54
N ASP A 132 -20.29 -19.32 2.70
CA ASP A 132 -20.06 -20.74 2.40
C ASP A 132 -19.18 -20.88 1.17
N ARG A 133 -19.28 -19.94 0.24
CA ARG A 133 -18.49 -19.96 -0.98
C ARG A 133 -17.00 -19.84 -0.66
N GLY A 1 27.01 2.07 -10.63
CA GLY A 1 28.04 2.56 -11.58
C GLY A 1 27.71 2.24 -13.02
N LYS A 2 26.95 1.18 -13.23
CA LYS A 2 26.55 0.77 -14.57
C LYS A 2 25.51 1.73 -15.15
N SER A 3 24.42 1.90 -14.42
CA SER A 3 23.35 2.79 -14.85
C SER A 3 22.30 2.95 -13.76
N ASP A 4 21.37 3.88 -13.97
CA ASP A 4 20.31 4.14 -13.01
C ASP A 4 19.31 2.98 -12.97
N LYS A 5 18.52 2.92 -11.90
CA LYS A 5 17.53 1.86 -11.74
C LYS A 5 16.39 2.31 -10.83
N ILE A 6 15.25 1.64 -10.94
CA ILE A 6 14.09 1.97 -10.12
C ILE A 6 14.15 1.27 -8.76
N ILE A 7 13.73 1.97 -7.72
CA ILE A 7 13.74 1.41 -6.37
C ILE A 7 12.40 0.75 -6.04
N PRO A 8 12.42 -0.54 -5.66
CA PRO A 8 11.20 -1.28 -5.34
C PRO A 8 10.85 -1.21 -3.85
N ILE A 9 9.55 -1.23 -3.56
CA ILE A 9 9.08 -1.19 -2.19
C ILE A 9 7.88 -2.11 -2.04
N ALA A 10 7.48 -2.29 -0.79
CA ALA A 10 6.34 -3.14 -0.44
C ALA A 10 6.51 -4.55 -1.00
N GLU A 11 5.82 -5.51 -0.39
CA GLU A 11 5.90 -6.90 -0.83
C GLU A 11 4.99 -7.80 0.00
N ASN A 12 4.15 -8.57 -0.67
CA ASN A 12 3.22 -9.47 0.01
C ASN A 12 2.36 -10.22 -1.00
N LYS A 13 2.22 -11.53 -0.79
CA LYS A 13 1.41 -12.36 -1.69
C LYS A 13 0.48 -13.26 -0.90
N GLU A 14 -0.07 -12.73 0.19
CA GLU A 14 -0.99 -13.49 1.04
C GLU A 14 -2.32 -13.72 0.33
N ALA A 15 -2.90 -12.65 -0.21
CA ALA A 15 -4.17 -12.73 -0.90
C ALA A 15 -4.15 -13.80 -1.98
N LYS A 16 -3.21 -13.67 -2.91
CA LYS A 16 -3.08 -14.62 -4.03
C LYS A 16 -3.11 -16.06 -3.52
N ALA A 17 -2.30 -16.35 -2.50
CA ALA A 17 -2.24 -17.69 -1.94
C ALA A 17 -3.64 -18.25 -1.64
N LYS A 18 -4.45 -17.45 -0.95
CA LYS A 18 -5.81 -17.87 -0.61
C LYS A 18 -6.84 -16.95 -1.27
N TYR A 19 -7.07 -15.78 -0.66
CA TYR A 19 -8.03 -14.81 -1.16
C TYR A 19 -7.83 -14.58 -2.66
N ASP A 20 -8.76 -15.09 -3.44
CA ASP A 20 -8.69 -14.95 -4.89
C ASP A 20 -9.00 -13.52 -5.30
N ILE A 21 -8.07 -12.92 -6.04
CA ILE A 21 -8.23 -11.55 -6.51
C ILE A 21 -9.06 -11.48 -7.78
N LEU A 22 -9.71 -10.33 -8.00
CA LEU A 22 -10.53 -10.13 -9.18
C LEU A 22 -10.16 -8.83 -9.87
N GLU A 23 -10.48 -7.71 -9.23
CA GLU A 23 -10.16 -6.39 -9.77
C GLU A 23 -9.00 -5.78 -8.99
N THR A 24 -8.48 -4.65 -9.49
CA THR A 24 -7.35 -4.00 -8.82
C THR A 24 -7.54 -2.48 -8.76
N TYR A 25 -6.78 -1.84 -7.87
CA TYR A 25 -6.83 -0.40 -7.70
C TYR A 25 -5.46 0.22 -7.96
N GLU A 26 -5.44 1.46 -8.44
CA GLU A 26 -4.19 2.13 -8.71
C GLU A 26 -4.12 3.46 -7.97
N ALA A 27 -3.08 3.65 -7.18
CA ALA A 27 -2.90 4.87 -6.41
C ALA A 27 -1.46 5.38 -6.50
N GLY A 28 -1.29 6.69 -6.30
CA GLY A 28 0.03 7.28 -6.35
C GLY A 28 0.38 8.02 -5.08
N ILE A 29 1.49 7.65 -4.45
CA ILE A 29 1.92 8.29 -3.21
C ILE A 29 3.10 9.22 -3.44
N VAL A 30 3.37 10.07 -2.46
CA VAL A 30 4.47 11.03 -2.54
C VAL A 30 5.25 11.05 -1.23
N LEU A 31 6.00 12.12 -0.99
CA LEU A 31 6.78 12.25 0.23
C LEU A 31 6.23 13.35 1.13
N LYS A 32 6.83 13.50 2.30
CA LYS A 32 6.39 14.53 3.25
C LYS A 32 7.55 15.02 4.11
N GLY A 33 8.19 14.10 4.82
CA GLY A 33 9.31 14.45 5.66
C GLY A 33 10.52 13.58 5.44
N SER A 34 11.27 13.85 4.38
CA SER A 34 12.47 13.08 4.05
C SER A 34 12.15 11.58 3.99
N GLU A 35 10.90 11.26 3.71
CA GLU A 35 10.48 9.87 3.62
C GLU A 35 11.07 9.19 2.38
N VAL A 36 10.90 9.86 1.23
CA VAL A 36 11.40 9.34 -0.04
C VAL A 36 12.87 8.90 0.06
N LYS A 37 13.69 9.79 0.60
CA LYS A 37 15.12 9.52 0.76
C LYS A 37 15.40 8.43 1.78
N SER A 38 14.81 8.55 2.96
CA SER A 38 15.01 7.58 4.03
C SER A 38 14.82 6.14 3.52
N LEU A 39 13.70 5.88 2.86
CA LEU A 39 13.41 4.56 2.34
C LEU A 39 14.32 4.20 1.16
N ARG A 40 14.42 5.11 0.20
CA ARG A 40 15.26 4.88 -0.98
C ARG A 40 16.65 4.40 -0.58
N GLU A 41 17.28 5.10 0.34
CA GLU A 41 18.61 4.75 0.82
C GLU A 41 18.64 3.33 1.38
N LYS A 42 17.97 3.13 2.50
CA LYS A 42 17.93 1.81 3.14
C LYS A 42 17.02 1.82 4.36
N GLY A 43 15.71 1.86 4.13
CA GLY A 43 14.76 1.86 5.22
C GLY A 43 14.87 0.64 6.10
N THR A 44 13.79 0.31 6.81
CA THR A 44 13.77 -0.84 7.70
C THR A 44 12.36 -1.42 7.81
N VAL A 45 12.28 -2.74 7.83
CA VAL A 45 10.99 -3.43 7.94
C VAL A 45 11.09 -4.63 8.87
N SER A 46 10.62 -4.45 10.11
CA SER A 46 10.64 -5.51 11.10
C SER A 46 9.60 -6.58 10.79
N PHE A 47 8.34 -6.28 11.12
CA PHE A 47 7.24 -7.21 10.88
C PHE A 47 6.54 -6.90 9.56
N LYS A 48 5.35 -7.45 9.38
CA LYS A 48 4.56 -7.23 8.17
C LYS A 48 3.07 -7.30 8.47
N ASP A 49 2.35 -6.23 8.11
CA ASP A 49 0.91 -6.17 8.35
C ASP A 49 0.35 -4.81 7.94
N SER A 50 0.10 -4.64 6.65
CA SER A 50 -0.43 -3.37 6.13
C SER A 50 -1.67 -3.61 5.28
N PHE A 51 -2.66 -2.74 5.46
CA PHE A 51 -3.92 -2.83 4.70
C PHE A 51 -4.20 -1.51 3.99
N VAL A 52 -5.03 -1.56 2.96
CA VAL A 52 -5.37 -0.37 2.20
C VAL A 52 -6.88 -0.16 2.13
N ARG A 53 -7.33 1.05 2.46
CA ARG A 53 -8.74 1.37 2.43
C ARG A 53 -9.00 2.59 1.54
N ILE A 54 -9.87 2.43 0.56
CA ILE A 54 -10.20 3.52 -0.36
C ILE A 54 -11.56 4.13 -0.04
N GLU A 55 -11.57 5.44 0.19
CA GLU A 55 -12.82 6.14 0.49
C GLU A 55 -12.86 7.51 -0.17
N ASN A 56 -14.03 8.14 -0.11
CA ASN A 56 -14.23 9.46 -0.70
C ASN A 56 -13.90 9.46 -2.19
N GLY A 57 -12.67 9.84 -2.54
CA GLY A 57 -12.29 9.86 -3.94
C GLY A 57 -10.82 9.51 -4.18
N GLU A 58 -10.08 9.24 -3.10
CA GLU A 58 -8.67 8.89 -3.22
C GLU A 58 -8.34 7.63 -2.42
N ALA A 59 -7.44 6.82 -2.96
CA ALA A 59 -7.03 5.59 -2.28
C ALA A 59 -6.09 5.90 -1.13
N TRP A 60 -6.33 5.29 0.02
CA TRP A 60 -5.50 5.52 1.20
C TRP A 60 -4.66 4.29 1.54
N LEU A 61 -3.40 4.52 1.88
CA LEU A 61 -2.48 3.43 2.23
C LEU A 61 -2.20 3.43 3.73
N TYR A 62 -2.44 2.28 4.37
CA TYR A 62 -2.20 2.13 5.79
C TYR A 62 -1.18 1.03 6.05
N ASN A 63 -0.11 1.36 6.76
CA ASN A 63 0.94 0.39 7.07
C ASN A 63 1.19 0.30 8.56
N LEU A 64 1.16 -0.92 9.09
CA LEU A 64 1.39 -1.14 10.50
C LEU A 64 2.60 -2.05 10.71
N TYR A 65 3.55 -1.98 9.78
CA TYR A 65 4.76 -2.80 9.86
C TYR A 65 6.01 -1.98 9.52
N ILE A 66 5.85 -0.66 9.45
CA ILE A 66 6.98 0.22 9.13
C ILE A 66 7.77 0.57 10.38
N ALA A 67 9.09 0.69 10.22
CA ALA A 67 9.97 1.03 11.34
C ALA A 67 11.05 2.01 10.90
N PRO A 68 10.71 3.31 10.83
CA PRO A 68 11.66 4.35 10.42
C PRO A 68 12.93 4.34 11.27
N TYR A 69 13.94 5.08 10.82
CA TYR A 69 15.21 5.16 11.53
C TYR A 69 16.17 6.12 10.83
N LYS A 70 16.40 7.28 11.45
CA LYS A 70 17.29 8.28 10.88
C LYS A 70 18.48 8.54 11.80
N HIS A 71 18.23 8.50 13.11
CA HIS A 71 19.29 8.74 14.08
C HIS A 71 18.96 8.09 15.42
N ALA A 72 18.13 7.05 15.39
CA ALA A 72 17.75 6.33 16.60
C ALA A 72 17.19 7.30 17.64
N THR A 73 16.85 6.76 18.81
CA THR A 73 16.30 7.57 19.90
C THR A 73 15.04 8.29 19.45
N ILE A 74 13.92 7.59 19.48
CA ILE A 74 12.65 8.17 19.08
C ILE A 74 11.60 8.02 20.17
N GLU A 75 10.95 9.12 20.54
CA GLU A 75 9.93 9.12 21.58
C GLU A 75 8.57 9.47 20.99
N ASN A 76 7.61 8.55 21.15
CA ASN A 76 6.26 8.75 20.64
C ASN A 76 6.28 8.92 19.12
N HIS A 77 6.65 7.85 18.42
CA HIS A 77 6.71 7.87 16.97
C HIS A 77 5.39 7.42 16.37
N ASP A 78 5.29 7.49 15.04
CA ASP A 78 4.08 7.09 14.33
C ASP A 78 4.37 5.95 13.36
N PRO A 79 4.19 4.69 13.78
CA PRO A 79 4.45 3.52 12.94
C PRO A 79 3.35 3.28 11.91
N LEU A 80 2.31 4.14 11.93
CA LEU A 80 1.21 4.01 10.99
C LEU A 80 1.64 4.40 9.58
N ARG A 81 2.38 5.50 9.47
CA ARG A 81 2.86 5.97 8.18
C ARG A 81 1.68 6.25 7.23
N LYS A 82 0.74 7.06 7.70
CA LYS A 82 -0.43 7.40 6.90
C LYS A 82 -0.02 8.11 5.61
N ARG A 83 -0.32 7.47 4.47
CA ARG A 83 0.02 8.05 3.17
C ARG A 83 -1.24 8.20 2.31
N LYS A 84 -1.37 9.35 1.66
CA LYS A 84 -2.52 9.62 0.82
C LYS A 84 -2.17 9.46 -0.65
N LEU A 85 -2.93 8.61 -1.34
CA LEU A 85 -2.72 8.36 -2.76
C LEU A 85 -3.80 9.02 -3.60
N LEU A 86 -3.41 9.54 -4.77
CA LEU A 86 -4.34 10.20 -5.66
C LEU A 86 -5.28 9.21 -6.35
N LEU A 87 -6.40 9.71 -6.86
CA LEU A 87 -7.37 8.88 -7.56
C LEU A 87 -8.54 9.74 -8.05
N HIS A 88 -9.10 9.35 -9.19
CA HIS A 88 -10.22 10.07 -9.79
C HIS A 88 -11.45 10.03 -8.87
N LYS A 89 -12.55 10.59 -9.35
CA LYS A 89 -13.80 10.62 -8.58
C LYS A 89 -14.78 9.58 -9.11
N ARG A 90 -14.77 9.37 -10.42
CA ARG A 90 -15.67 8.40 -11.04
C ARG A 90 -15.26 6.97 -10.69
N GLU A 91 -13.98 6.66 -10.87
CA GLU A 91 -13.46 5.32 -10.59
C GLU A 91 -13.63 4.93 -9.12
N ILE A 92 -13.23 5.82 -8.21
CA ILE A 92 -13.33 5.55 -6.78
C ILE A 92 -14.74 5.08 -6.40
N MET A 93 -15.72 5.93 -6.63
CA MET A 93 -17.11 5.60 -6.30
C MET A 93 -17.52 4.24 -6.88
N ARG A 94 -17.24 4.04 -8.15
CA ARG A 94 -17.60 2.80 -8.84
C ARG A 94 -16.99 1.58 -8.16
N LEU A 95 -15.67 1.46 -8.21
CA LEU A 95 -14.97 0.32 -7.62
C LEU A 95 -15.33 0.11 -6.16
N TYR A 96 -15.24 1.18 -5.38
CA TYR A 96 -15.55 1.11 -3.94
C TYR A 96 -16.89 0.44 -3.69
N GLY A 97 -17.93 0.88 -4.40
CA GLY A 97 -19.25 0.32 -4.22
C GLY A 97 -19.29 -1.19 -4.45
N LYS A 98 -18.87 -1.61 -5.63
CA LYS A 98 -18.87 -3.03 -5.99
C LYS A 98 -18.03 -3.86 -5.03
N VAL A 99 -16.75 -3.52 -4.92
CA VAL A 99 -15.84 -4.26 -4.04
C VAL A 99 -16.35 -4.38 -2.61
N GLN A 100 -16.36 -3.28 -1.88
CA GLN A 100 -16.79 -3.28 -0.48
C GLN A 100 -18.23 -3.76 -0.29
N GLU A 101 -19.18 -3.00 -0.82
CA GLU A 101 -20.60 -3.31 -0.66
C GLU A 101 -20.95 -4.75 -1.03
N LYS A 102 -20.73 -5.13 -2.28
CA LYS A 102 -21.06 -6.48 -2.73
C LYS A 102 -20.50 -7.53 -1.78
N GLY A 103 -19.22 -7.41 -1.44
CA GLY A 103 -18.61 -8.37 -0.54
C GLY A 103 -17.17 -8.66 -0.88
N TYR A 104 -16.32 -7.64 -0.84
CA TYR A 104 -14.91 -7.81 -1.15
C TYR A 104 -14.03 -6.99 -0.22
N THR A 105 -12.73 -7.22 -0.29
CA THR A 105 -11.77 -6.51 0.56
C THR A 105 -10.62 -5.94 -0.28
N ILE A 106 -9.91 -4.97 0.29
CA ILE A 106 -8.79 -4.34 -0.40
C ILE A 106 -7.49 -4.50 0.39
N ILE A 107 -6.48 -5.03 -0.29
CA ILE A 107 -5.18 -5.25 0.33
C ILE A 107 -4.06 -4.72 -0.56
N PRO A 108 -2.95 -4.27 0.04
CA PRO A 108 -1.80 -3.74 -0.70
C PRO A 108 -0.88 -4.84 -1.20
N LEU A 109 -0.17 -4.56 -2.31
CA LEU A 109 0.75 -5.54 -2.88
C LEU A 109 2.16 -4.96 -2.97
N LYS A 110 2.53 -4.45 -4.16
CA LYS A 110 3.87 -3.89 -4.34
C LYS A 110 3.82 -2.45 -4.84
N LEU A 111 4.49 -1.58 -4.11
CA LEU A 111 4.58 -0.18 -4.45
C LEU A 111 6.05 0.23 -4.54
N TYR A 112 6.42 0.78 -5.68
CA TYR A 112 7.80 1.21 -5.92
C TYR A 112 7.80 2.60 -6.54
N TRP A 113 8.86 3.38 -6.33
CA TRP A 113 8.88 4.72 -6.92
C TRP A 113 9.91 4.83 -8.03
N LYS A 114 9.42 5.24 -9.20
CA LYS A 114 10.26 5.41 -10.38
C LYS A 114 10.32 6.89 -10.72
N ASN A 115 11.43 7.33 -11.30
CA ASN A 115 11.58 8.73 -11.65
C ASN A 115 11.79 9.56 -10.38
N ASN A 116 10.84 9.47 -9.44
CA ASN A 116 10.97 10.20 -8.19
C ASN A 116 9.82 9.93 -7.21
N LYS A 117 8.74 9.27 -7.65
CA LYS A 117 7.63 9.02 -6.72
C LYS A 117 7.09 7.59 -6.80
N VAL A 118 6.33 7.23 -5.77
CA VAL A 118 5.79 5.87 -5.62
C VAL A 118 4.39 5.66 -6.19
N LYS A 119 4.21 4.45 -6.71
CA LYS A 119 2.95 3.98 -7.23
C LYS A 119 2.64 2.67 -6.51
N VAL A 120 1.48 2.59 -5.88
CA VAL A 120 1.10 1.39 -5.13
C VAL A 120 -0.02 0.63 -5.82
N LEU A 121 0.21 -0.64 -6.10
CA LEU A 121 -0.78 -1.48 -6.75
C LEU A 121 -1.43 -2.39 -5.72
N ILE A 122 -2.76 -2.34 -5.64
CA ILE A 122 -3.49 -3.16 -4.69
C ILE A 122 -4.43 -4.13 -5.40
N ALA A 123 -4.68 -5.27 -4.78
CA ALA A 123 -5.56 -6.28 -5.36
C ALA A 123 -6.79 -6.50 -4.49
N LEU A 124 -7.94 -6.63 -5.15
CA LEU A 124 -9.20 -6.85 -4.45
C LEU A 124 -9.61 -8.32 -4.55
N ALA A 125 -9.88 -8.94 -3.41
CA ALA A 125 -10.27 -10.34 -3.38
C ALA A 125 -11.58 -10.54 -2.62
N LYS A 126 -12.14 -11.74 -2.74
CA LYS A 126 -13.40 -12.06 -2.07
C LYS A 126 -13.13 -12.80 -0.75
N GLY A 127 -14.12 -12.77 0.13
CA GLY A 127 -13.97 -13.44 1.42
C GLY A 127 -14.37 -14.90 1.37
N LYS A 128 -13.37 -15.77 1.35
CA LYS A 128 -13.62 -17.21 1.30
C LYS A 128 -13.60 -17.82 2.71
N LYS A 129 -14.78 -17.87 3.33
CA LYS A 129 -14.90 -18.42 4.67
C LYS A 129 -15.20 -19.92 4.62
N LEU A 130 -15.94 -20.32 3.61
CA LEU A 130 -16.30 -21.74 3.45
C LEU A 130 -15.11 -22.55 2.98
N TYR A 131 -14.60 -23.40 3.87
CA TYR A 131 -13.44 -24.24 3.55
C TYR A 131 -13.23 -25.30 4.63
N ASP A 132 -13.00 -24.85 5.86
CA ASP A 132 -12.78 -25.76 6.98
C ASP A 132 -14.07 -25.99 7.76
N ARG A 133 -14.47 -27.24 7.86
CA ARG A 133 -15.70 -27.60 8.58
C ARG A 133 -16.91 -26.94 7.94
N GLY A 1 21.14 10.70 -17.27
CA GLY A 1 19.76 10.59 -17.83
C GLY A 1 18.68 10.90 -16.81
N LYS A 2 18.71 12.11 -16.27
CA LYS A 2 17.74 12.53 -15.28
C LYS A 2 17.80 11.64 -14.04
N SER A 3 18.99 11.15 -13.73
CA SER A 3 19.19 10.28 -12.58
C SER A 3 18.35 9.00 -12.70
N ASP A 4 19.03 7.89 -12.97
CA ASP A 4 18.35 6.60 -13.11
C ASP A 4 18.62 5.71 -11.89
N LYS A 5 17.61 5.60 -11.03
CA LYS A 5 17.74 4.77 -9.83
C LYS A 5 16.40 4.15 -9.46
N ILE A 6 16.32 2.83 -9.57
CA ILE A 6 15.09 2.11 -9.24
C ILE A 6 15.20 1.41 -7.89
N ILE A 7 14.28 1.70 -7.00
CA ILE A 7 14.28 1.10 -5.66
C ILE A 7 12.96 0.37 -5.39
N PRO A 8 13.04 -0.93 -5.03
CA PRO A 8 11.85 -1.74 -4.75
C PRO A 8 11.40 -1.63 -3.29
N ILE A 9 10.10 -1.52 -3.07
CA ILE A 9 9.54 -1.43 -1.75
C ILE A 9 8.28 -2.29 -1.64
N ALA A 10 7.87 -2.52 -0.42
CA ALA A 10 6.69 -3.31 -0.10
C ALA A 10 6.72 -4.68 -0.79
N GLU A 11 5.94 -5.61 -0.25
CA GLU A 11 5.87 -6.96 -0.80
C GLU A 11 4.91 -7.84 0.02
N ASN A 12 4.15 -8.68 -0.67
CA ASN A 12 3.20 -9.57 -0.01
C ASN A 12 2.64 -10.61 -0.98
N LYS A 13 2.11 -11.70 -0.43
CA LYS A 13 1.55 -12.76 -1.25
C LYS A 13 0.54 -13.60 -0.47
N GLU A 14 0.07 -13.06 0.65
CA GLU A 14 -0.90 -13.75 1.50
C GLU A 14 -2.27 -13.84 0.82
N ALA A 15 -2.76 -12.70 0.33
CA ALA A 15 -4.06 -12.63 -0.33
C ALA A 15 -4.21 -13.70 -1.39
N LYS A 16 -3.25 -13.80 -2.30
CA LYS A 16 -3.30 -14.79 -3.38
C LYS A 16 -3.61 -16.18 -2.84
N ALA A 17 -2.89 -16.60 -1.81
CA ALA A 17 -3.07 -17.92 -1.21
C ALA A 17 -4.39 -18.06 -0.46
N LYS A 18 -4.57 -17.26 0.60
CA LYS A 18 -5.78 -17.35 1.42
C LYS A 18 -6.91 -16.45 0.93
N TYR A 19 -6.85 -16.02 -0.33
CA TYR A 19 -7.90 -15.16 -0.89
C TYR A 19 -7.90 -15.21 -2.42
N ASP A 20 -9.06 -15.51 -2.99
CA ASP A 20 -9.19 -15.58 -4.45
C ASP A 20 -9.17 -14.19 -5.07
N ILE A 21 -8.25 -13.98 -6.01
CA ILE A 21 -8.12 -12.70 -6.68
C ILE A 21 -9.15 -12.56 -7.80
N LEU A 22 -9.58 -11.32 -8.05
CA LEU A 22 -10.56 -11.04 -9.09
C LEU A 22 -10.19 -9.78 -9.87
N GLU A 23 -10.18 -8.65 -9.17
CA GLU A 23 -9.83 -7.38 -9.79
C GLU A 23 -8.81 -6.62 -8.95
N THR A 24 -7.94 -5.86 -9.62
CA THR A 24 -6.91 -5.09 -8.93
C THR A 24 -7.08 -3.60 -9.18
N TYR A 25 -6.29 -2.79 -8.49
CA TYR A 25 -6.35 -1.34 -8.63
C TYR A 25 -4.95 -0.74 -8.74
N GLU A 26 -4.87 0.49 -9.25
CA GLU A 26 -3.60 1.17 -9.40
C GLU A 26 -3.61 2.51 -8.70
N ALA A 27 -2.65 2.72 -7.81
CA ALA A 27 -2.55 3.98 -7.07
C ALA A 27 -1.12 4.49 -7.04
N GLY A 28 -0.97 5.81 -6.89
CA GLY A 28 0.36 6.39 -6.83
C GLY A 28 0.56 7.17 -5.55
N ILE A 29 1.62 6.82 -4.82
CA ILE A 29 1.91 7.48 -3.56
C ILE A 29 2.79 8.71 -3.76
N VAL A 30 2.49 9.78 -3.02
CA VAL A 30 3.24 11.02 -3.12
C VAL A 30 3.75 11.45 -1.74
N LEU A 31 4.95 11.00 -1.39
CA LEU A 31 5.55 11.33 -0.11
C LEU A 31 5.50 12.82 0.18
N LYS A 32 5.99 13.21 1.36
CA LYS A 32 6.00 14.61 1.76
C LYS A 32 7.10 14.87 2.78
N GLY A 33 8.25 15.35 2.31
CA GLY A 33 9.35 15.64 3.21
C GLY A 33 10.60 14.85 2.86
N SER A 34 11.28 14.35 3.89
CA SER A 34 12.50 13.58 3.68
C SER A 34 12.21 12.07 3.73
N GLU A 35 10.97 11.70 3.44
CA GLU A 35 10.57 10.29 3.45
C GLU A 35 11.20 9.55 2.29
N VAL A 36 11.07 10.11 1.09
CA VAL A 36 11.62 9.50 -0.12
C VAL A 36 13.08 9.09 0.06
N LYS A 37 13.89 10.01 0.57
CA LYS A 37 15.31 9.76 0.79
C LYS A 37 15.55 8.74 1.90
N SER A 38 14.92 8.96 3.04
CA SER A 38 15.09 8.07 4.20
C SER A 38 14.92 6.60 3.79
N LEU A 39 13.77 6.29 3.18
CA LEU A 39 13.47 4.93 2.75
C LEU A 39 14.45 4.47 1.67
N ARG A 40 14.65 5.30 0.65
CA ARG A 40 15.56 4.96 -0.45
C ARG A 40 16.92 4.49 0.09
N GLU A 41 17.48 5.26 1.01
CA GLU A 41 18.77 4.93 1.62
C GLU A 41 18.77 3.51 2.18
N LYS A 42 17.96 3.28 3.21
CA LYS A 42 17.88 1.96 3.84
C LYS A 42 16.78 1.90 4.88
N GLY A 43 15.54 1.72 4.42
CA GLY A 43 14.41 1.64 5.34
C GLY A 43 14.10 0.22 5.75
N THR A 44 13.67 0.05 7.00
CA THR A 44 13.34 -1.27 7.51
C THR A 44 11.83 -1.46 7.62
N VAL A 45 11.42 -2.69 7.93
CA VAL A 45 10.00 -3.01 8.06
C VAL A 45 9.79 -4.18 9.02
N SER A 46 9.39 -3.86 10.24
CA SER A 46 9.16 -4.88 11.27
C SER A 46 7.84 -5.60 11.02
N PHE A 47 7.92 -6.83 10.52
CA PHE A 47 6.74 -7.62 10.25
C PHE A 47 5.83 -6.91 9.25
N LYS A 48 4.62 -7.44 9.07
CA LYS A 48 3.66 -6.85 8.14
C LYS A 48 2.30 -6.64 8.81
N ASP A 49 1.65 -5.53 8.48
CA ASP A 49 0.35 -5.20 9.05
C ASP A 49 -0.21 -3.93 8.40
N SER A 50 0.03 -3.78 7.09
CA SER A 50 -0.44 -2.62 6.36
C SER A 50 -1.51 -3.00 5.34
N PHE A 51 -2.66 -2.34 5.42
CA PHE A 51 -3.76 -2.61 4.50
C PHE A 51 -4.07 -1.37 3.66
N VAL A 52 -4.88 -1.55 2.62
CA VAL A 52 -5.24 -0.44 1.75
C VAL A 52 -6.76 -0.25 1.67
N ARG A 53 -7.21 0.96 1.97
CA ARG A 53 -8.63 1.28 1.92
C ARG A 53 -8.88 2.47 1.00
N ILE A 54 -9.77 2.29 0.03
CA ILE A 54 -10.09 3.35 -0.92
C ILE A 54 -11.11 4.32 -0.34
N GLU A 55 -10.78 5.61 -0.38
CA GLU A 55 -11.67 6.64 0.14
C GLU A 55 -12.21 7.51 -0.99
N ASN A 56 -13.46 7.97 -0.83
CA ASN A 56 -14.12 8.82 -1.83
C ASN A 56 -13.14 9.81 -2.45
N GLY A 57 -12.60 9.43 -3.61
CA GLY A 57 -11.65 10.28 -4.30
C GLY A 57 -10.55 9.48 -4.95
N GLU A 58 -9.67 8.91 -4.12
CA GLU A 58 -8.55 8.11 -4.63
C GLU A 58 -8.27 6.94 -3.68
N ALA A 59 -7.33 6.08 -4.08
CA ALA A 59 -6.97 4.93 -3.26
C ALA A 59 -6.05 5.38 -2.12
N TRP A 60 -6.40 5.00 -0.90
CA TRP A 60 -5.60 5.36 0.27
C TRP A 60 -4.85 4.16 0.81
N LEU A 61 -3.70 4.41 1.43
CA LEU A 61 -2.88 3.33 2.00
C LEU A 61 -2.59 3.59 3.47
N TYR A 62 -2.84 2.57 4.29
CA TYR A 62 -2.60 2.67 5.73
C TYR A 62 -1.65 1.56 6.18
N ASN A 63 -0.56 1.95 6.83
CA ASN A 63 0.43 0.98 7.31
C ASN A 63 0.59 1.08 8.82
N LEU A 64 0.40 -0.05 9.50
CA LEU A 64 0.54 -0.10 10.96
C LEU A 64 1.54 -1.17 11.38
N TYR A 65 2.75 -1.10 10.85
CA TYR A 65 3.80 -2.06 11.18
C TYR A 65 5.08 -1.75 10.41
N ILE A 66 5.74 -0.65 10.78
CA ILE A 66 6.98 -0.25 10.14
C ILE A 66 7.96 0.33 11.16
N ALA A 67 9.21 -0.11 11.09
CA ALA A 67 10.24 0.36 12.01
C ALA A 67 11.49 0.79 11.26
N PRO A 68 11.47 2.00 10.66
CA PRO A 68 12.61 2.54 9.91
C PRO A 68 13.72 3.05 10.82
N TYR A 69 14.71 3.70 10.22
CA TYR A 69 15.83 4.25 10.96
C TYR A 69 16.62 3.14 11.65
N LYS A 70 17.93 3.35 11.80
CA LYS A 70 18.79 2.36 12.44
C LYS A 70 18.99 2.70 13.92
N HIS A 71 19.72 3.77 14.19
CA HIS A 71 19.98 4.19 15.56
C HIS A 71 18.70 4.72 16.22
N ALA A 72 18.82 5.19 17.45
CA ALA A 72 17.67 5.72 18.18
C ALA A 72 17.91 7.17 18.61
N THR A 73 17.00 7.68 19.43
CA THR A 73 17.10 9.06 19.91
C THR A 73 16.46 9.19 21.30
N ILE A 74 15.99 10.39 21.64
CA ILE A 74 15.36 10.63 22.94
C ILE A 74 13.85 10.42 22.86
N GLU A 75 13.42 9.52 21.99
CA GLU A 75 12.00 9.23 21.84
C GLU A 75 11.23 10.48 21.45
N ASN A 76 10.96 10.64 20.16
CA ASN A 76 10.22 11.79 19.66
C ASN A 76 9.72 11.54 18.24
N HIS A 77 9.42 10.28 17.93
CA HIS A 77 8.93 9.92 16.62
C HIS A 77 7.76 8.93 16.72
N ASP A 78 7.06 8.73 15.61
CA ASP A 78 5.93 7.81 15.59
C ASP A 78 6.08 6.79 14.47
N PRO A 79 5.88 5.49 14.78
CA PRO A 79 6.00 4.41 13.80
C PRO A 79 4.80 4.34 12.86
N LEU A 80 3.61 4.47 13.42
CA LEU A 80 2.38 4.42 12.64
C LEU A 80 2.29 5.61 11.68
N ARG A 81 1.71 5.38 10.51
CA ARG A 81 1.56 6.45 9.52
C ARG A 81 0.80 5.93 8.30
N LYS A 82 0.34 6.85 7.47
CA LYS A 82 -0.40 6.50 6.26
C LYS A 82 -0.01 7.42 5.10
N ARG A 83 -0.40 7.03 3.89
CA ARG A 83 -0.09 7.81 2.69
C ARG A 83 -1.32 7.94 1.80
N LYS A 84 -1.34 8.98 0.97
CA LYS A 84 -2.46 9.22 0.06
C LYS A 84 -2.07 8.87 -1.37
N LEU A 85 -2.85 7.99 -1.99
CA LEU A 85 -2.59 7.59 -3.37
C LEU A 85 -3.61 8.20 -4.32
N LEU A 86 -3.13 8.91 -5.34
CA LEU A 86 -4.01 9.56 -6.31
C LEU A 86 -4.70 8.52 -7.20
N LEU A 87 -5.78 8.95 -7.84
CA LEU A 87 -6.54 8.08 -8.74
C LEU A 87 -7.24 8.90 -9.82
N HIS A 88 -8.25 8.31 -10.46
CA HIS A 88 -9.00 9.00 -11.50
C HIS A 88 -10.24 9.69 -10.92
N LYS A 89 -11.26 8.89 -10.59
CA LYS A 89 -12.49 9.43 -10.03
C LYS A 89 -13.60 8.37 -10.02
N ARG A 90 -14.17 8.13 -11.20
CA ARG A 90 -15.25 7.15 -11.35
C ARG A 90 -14.85 5.78 -10.77
N GLU A 91 -13.67 5.31 -11.15
CA GLU A 91 -13.19 4.01 -10.68
C GLU A 91 -13.29 3.88 -9.16
N ILE A 92 -12.79 4.88 -8.45
CA ILE A 92 -12.83 4.87 -6.99
C ILE A 92 -14.25 4.66 -6.47
N MET A 93 -15.19 5.47 -6.97
CA MET A 93 -16.58 5.39 -6.55
C MET A 93 -17.13 3.97 -6.73
N ARG A 94 -17.20 3.52 -7.97
CA ARG A 94 -17.71 2.18 -8.28
C ARG A 94 -17.06 1.11 -7.40
N LEU A 95 -15.73 1.13 -7.36
CA LEU A 95 -14.97 0.16 -6.56
C LEU A 95 -15.45 0.14 -5.10
N TYR A 96 -15.54 1.31 -4.49
CA TYR A 96 -15.96 1.42 -3.10
C TYR A 96 -17.30 0.70 -2.86
N GLY A 97 -18.32 1.11 -3.59
CA GLY A 97 -19.65 0.52 -3.43
C GLY A 97 -19.65 -0.98 -3.59
N LYS A 98 -19.44 -1.46 -4.82
CA LYS A 98 -19.45 -2.88 -5.12
C LYS A 98 -18.53 -3.69 -4.19
N VAL A 99 -17.24 -3.41 -4.25
CA VAL A 99 -16.26 -4.13 -3.44
C VAL A 99 -16.64 -4.21 -1.96
N GLN A 100 -16.56 -3.08 -1.26
CA GLN A 100 -16.86 -3.04 0.16
C GLN A 100 -18.24 -3.56 0.53
N GLU A 101 -19.28 -2.98 -0.06
CA GLU A 101 -20.66 -3.36 0.25
C GLU A 101 -20.97 -4.83 -0.04
N LYS A 102 -20.88 -5.23 -1.30
CA LYS A 102 -21.18 -6.61 -1.68
C LYS A 102 -20.48 -7.61 -0.78
N GLY A 103 -19.17 -7.42 -0.59
CA GLY A 103 -18.42 -8.32 0.27
C GLY A 103 -17.03 -8.58 -0.25
N TYR A 104 -16.26 -7.51 -0.46
CA TYR A 104 -14.89 -7.65 -0.95
C TYR A 104 -13.90 -6.94 -0.05
N THR A 105 -12.62 -7.25 -0.22
CA THR A 105 -11.56 -6.66 0.58
C THR A 105 -10.42 -6.16 -0.31
N ILE A 106 -9.75 -5.09 0.14
CA ILE A 106 -8.64 -4.51 -0.62
C ILE A 106 -7.38 -4.45 0.24
N ILE A 107 -6.29 -5.01 -0.28
CA ILE A 107 -5.02 -5.01 0.42
C ILE A 107 -3.88 -4.62 -0.52
N PRO A 108 -2.79 -4.06 0.02
CA PRO A 108 -1.63 -3.63 -0.77
C PRO A 108 -0.66 -4.79 -1.03
N LEU A 109 0.11 -4.67 -2.11
CA LEU A 109 1.08 -5.69 -2.46
C LEU A 109 2.50 -5.13 -2.50
N LYS A 110 2.95 -4.70 -3.68
CA LYS A 110 4.30 -4.14 -3.82
C LYS A 110 4.28 -2.75 -4.43
N LEU A 111 4.88 -1.81 -3.72
CA LEU A 111 5.00 -0.44 -4.16
C LEU A 111 6.47 -0.03 -4.17
N TYR A 112 6.95 0.41 -5.31
CA TYR A 112 8.33 0.83 -5.47
C TYR A 112 8.39 2.15 -6.22
N TRP A 113 9.44 2.95 -6.02
CA TRP A 113 9.52 4.22 -6.74
C TRP A 113 10.62 4.22 -7.79
N LYS A 114 10.21 4.50 -9.02
CA LYS A 114 11.12 4.56 -10.14
C LYS A 114 11.19 6.00 -10.63
N ASN A 115 12.35 6.39 -11.14
CA ASN A 115 12.54 7.76 -11.61
C ASN A 115 12.63 8.70 -10.41
N ASN A 116 11.62 8.68 -9.54
CA ASN A 116 11.62 9.53 -8.36
C ASN A 116 10.40 9.34 -7.46
N LYS A 117 9.37 8.59 -7.89
CA LYS A 117 8.19 8.42 -7.04
C LYS A 117 7.67 6.98 -7.02
N VAL A 118 6.87 6.69 -5.99
CA VAL A 118 6.32 5.36 -5.75
C VAL A 118 4.95 5.10 -6.37
N LYS A 119 4.81 3.88 -6.87
CA LYS A 119 3.57 3.37 -7.43
C LYS A 119 3.23 2.08 -6.69
N VAL A 120 2.04 2.01 -6.11
CA VAL A 120 1.64 0.83 -5.35
C VAL A 120 0.53 0.06 -6.05
N LEU A 121 0.70 -1.26 -6.14
CA LEU A 121 -0.29 -2.11 -6.77
C LEU A 121 -1.07 -2.88 -5.72
N ILE A 122 -2.39 -2.77 -5.75
CA ILE A 122 -3.24 -3.45 -4.78
C ILE A 122 -4.12 -4.50 -5.46
N ALA A 123 -4.51 -5.52 -4.71
CA ALA A 123 -5.35 -6.58 -5.24
C ALA A 123 -6.58 -6.80 -4.36
N LEU A 124 -7.73 -6.97 -5.00
CA LEU A 124 -8.98 -7.21 -4.28
C LEU A 124 -9.43 -8.66 -4.44
N ALA A 125 -9.74 -9.30 -3.32
CA ALA A 125 -10.16 -10.69 -3.34
C ALA A 125 -11.47 -10.89 -2.57
N LYS A 126 -12.03 -12.09 -2.65
CA LYS A 126 -13.27 -12.41 -1.97
C LYS A 126 -13.00 -12.86 -0.53
N GLY A 127 -13.82 -12.37 0.40
CA GLY A 127 -13.65 -12.73 1.80
C GLY A 127 -14.15 -14.13 2.09
N LYS A 128 -13.49 -15.13 1.49
CA LYS A 128 -13.87 -16.52 1.70
C LYS A 128 -15.30 -16.78 1.23
N LYS A 129 -15.59 -18.02 0.88
CA LYS A 129 -16.92 -18.40 0.41
C LYS A 129 -17.48 -19.55 1.25
N LEU A 130 -18.70 -19.36 1.75
CA LEU A 130 -19.35 -20.39 2.56
C LEU A 130 -20.23 -21.29 1.70
N TYR A 131 -19.62 -22.33 1.14
CA TYR A 131 -20.35 -23.27 0.29
C TYR A 131 -20.06 -24.71 0.70
N ASP A 132 -18.78 -25.02 0.90
CA ASP A 132 -18.37 -26.36 1.29
C ASP A 132 -18.05 -26.41 2.78
N ARG A 133 -18.77 -25.61 3.57
CA ARG A 133 -18.56 -25.57 5.01
C ARG A 133 -19.89 -25.55 5.75
N GLY A 1 22.77 -4.42 -15.98
CA GLY A 1 21.48 -3.80 -15.55
C GLY A 1 21.47 -2.30 -15.76
N LYS A 2 22.51 -1.63 -15.29
CA LYS A 2 22.62 -0.18 -15.44
C LYS A 2 21.46 0.52 -14.73
N SER A 3 21.75 1.11 -13.57
CA SER A 3 20.73 1.82 -12.81
C SER A 3 20.53 3.23 -13.33
N ASP A 4 19.33 3.77 -13.12
CA ASP A 4 19.02 5.12 -13.58
C ASP A 4 18.52 5.98 -12.42
N LYS A 5 17.27 5.76 -12.02
CA LYS A 5 16.68 6.52 -10.92
C LYS A 5 15.43 5.82 -10.39
N ILE A 6 15.42 4.49 -10.47
CA ILE A 6 14.29 3.70 -10.00
C ILE A 6 14.67 2.87 -8.79
N ILE A 7 13.94 3.02 -7.70
CA ILE A 7 14.22 2.28 -6.48
C ILE A 7 13.00 1.49 -6.00
N PRO A 8 13.16 0.17 -5.78
CA PRO A 8 12.07 -0.70 -5.33
C PRO A 8 11.82 -0.57 -3.83
N ILE A 9 10.57 -0.30 -3.47
CA ILE A 9 10.20 -0.16 -2.07
C ILE A 9 9.01 -1.06 -1.74
N ALA A 10 9.13 -1.69 -0.61
CA ALA A 10 8.09 -2.59 -0.09
C ALA A 10 8.00 -3.88 -0.91
N GLU A 11 7.49 -4.93 -0.28
CA GLU A 11 7.32 -6.22 -0.94
C GLU A 11 6.31 -7.08 -0.18
N ASN A 12 5.35 -7.64 -0.92
CA ASN A 12 4.31 -8.46 -0.32
C ASN A 12 3.95 -9.63 -1.22
N LYS A 13 3.03 -10.47 -0.74
CA LYS A 13 2.59 -11.64 -1.49
C LYS A 13 1.49 -12.38 -0.74
N GLU A 14 0.60 -11.62 -0.10
CA GLU A 14 -0.49 -12.19 0.67
C GLU A 14 -1.53 -12.83 -0.25
N ALA A 15 -1.95 -12.10 -1.27
CA ALA A 15 -2.95 -12.59 -2.21
C ALA A 15 -2.57 -13.97 -2.75
N LYS A 16 -1.38 -14.07 -3.31
CA LYS A 16 -0.90 -15.34 -3.86
C LYS A 16 -1.08 -16.48 -2.86
N ALA A 17 -0.64 -16.26 -1.62
CA ALA A 17 -0.76 -17.27 -0.58
C ALA A 17 -2.17 -17.85 -0.50
N LYS A 18 -3.12 -17.05 -0.04
CA LYS A 18 -4.50 -17.49 0.09
C LYS A 18 -5.46 -16.55 -0.64
N TYR A 19 -5.62 -15.34 -0.11
CA TYR A 19 -6.50 -14.34 -0.69
C TYR A 19 -6.37 -14.31 -2.22
N ASP A 20 -7.36 -14.85 -2.90
CA ASP A 20 -7.34 -14.91 -4.35
C ASP A 20 -7.57 -13.52 -4.94
N ILE A 21 -6.63 -13.08 -5.78
CA ILE A 21 -6.71 -11.77 -6.40
C ILE A 21 -7.64 -11.78 -7.62
N LEU A 22 -8.30 -10.65 -7.86
CA LEU A 22 -9.21 -10.51 -8.98
C LEU A 22 -8.91 -9.25 -9.78
N GLU A 23 -9.12 -8.10 -9.14
CA GLU A 23 -8.86 -6.80 -9.77
C GLU A 23 -7.90 -5.98 -8.92
N THR A 24 -7.18 -5.06 -9.56
CA THR A 24 -6.23 -4.22 -8.83
C THR A 24 -6.35 -2.75 -9.25
N TYR A 25 -5.89 -1.87 -8.36
CA TYR A 25 -5.92 -0.44 -8.62
C TYR A 25 -4.54 0.18 -8.42
N GLU A 26 -4.41 1.47 -8.71
CA GLU A 26 -3.13 2.15 -8.56
C GLU A 26 -3.28 3.43 -7.75
N ALA A 27 -2.32 3.66 -6.86
CA ALA A 27 -2.33 4.85 -6.01
C ALA A 27 -0.96 5.54 -6.03
N GLY A 28 -0.96 6.86 -5.92
CA GLY A 28 0.30 7.60 -5.93
C GLY A 28 0.48 8.46 -4.70
N ILE A 29 1.58 8.27 -3.99
CA ILE A 29 1.87 9.04 -2.80
C ILE A 29 2.68 10.29 -3.13
N VAL A 30 2.66 11.27 -2.22
CA VAL A 30 3.38 12.52 -2.43
C VAL A 30 4.44 12.72 -1.35
N LEU A 31 5.71 12.69 -1.75
CA LEU A 31 6.82 12.87 -0.82
C LEU A 31 6.68 14.17 -0.04
N LYS A 32 7.67 14.46 0.78
CA LYS A 32 7.67 15.69 1.59
C LYS A 32 9.07 16.28 1.72
N GLY A 33 9.87 15.74 2.63
CA GLY A 33 11.22 16.23 2.82
C GLY A 33 12.22 15.11 2.97
N SER A 34 12.09 14.35 4.06
CA SER A 34 12.99 13.23 4.33
C SER A 34 12.44 11.93 3.72
N GLU A 35 11.40 12.06 2.91
CA GLU A 35 10.79 10.90 2.28
C GLU A 35 11.75 10.23 1.28
N VAL A 36 12.34 11.05 0.42
CA VAL A 36 13.28 10.57 -0.60
C VAL A 36 14.34 9.64 -0.01
N LYS A 37 15.12 10.14 0.93
CA LYS A 37 16.20 9.35 1.54
C LYS A 37 15.66 8.23 2.44
N SER A 38 14.75 8.57 3.34
CA SER A 38 14.19 7.57 4.25
C SER A 38 13.74 6.32 3.51
N LEU A 39 12.90 6.50 2.49
CA LEU A 39 12.39 5.39 1.71
C LEU A 39 13.47 4.74 0.84
N ARG A 40 14.22 5.54 0.09
CA ARG A 40 15.28 5.00 -0.78
C ARG A 40 16.16 4.03 0.00
N GLU A 41 16.62 4.46 1.17
CA GLU A 41 17.48 3.63 2.01
C GLU A 41 16.83 2.29 2.33
N LYS A 42 15.75 2.31 3.10
CA LYS A 42 15.05 1.09 3.46
C LYS A 42 13.67 1.38 4.03
N GLY A 43 12.70 1.58 3.15
CA GLY A 43 11.34 1.88 3.57
C GLY A 43 10.84 0.95 4.66
N THR A 44 9.66 1.27 5.20
CA THR A 44 9.06 0.46 6.26
C THR A 44 8.16 -0.62 5.67
N VAL A 45 7.09 -0.97 6.38
CA VAL A 45 6.14 -1.99 5.95
C VAL A 45 6.87 -3.24 5.44
N SER A 46 7.02 -4.23 6.32
CA SER A 46 7.69 -5.47 5.98
C SER A 46 6.80 -6.66 6.34
N PHE A 47 6.23 -6.62 7.54
CA PHE A 47 5.36 -7.69 8.01
C PHE A 47 4.03 -7.68 7.28
N LYS A 48 3.05 -8.39 7.82
CA LYS A 48 1.72 -8.45 7.22
C LYS A 48 0.67 -7.82 8.14
N ASP A 49 0.83 -6.53 8.39
CA ASP A 49 -0.11 -5.80 9.24
C ASP A 49 -0.51 -4.47 8.62
N SER A 50 -0.31 -4.35 7.31
CA SER A 50 -0.66 -3.13 6.59
C SER A 50 -1.84 -3.37 5.66
N PHE A 51 -2.88 -2.56 5.81
CA PHE A 51 -4.08 -2.68 4.98
C PHE A 51 -4.44 -1.35 4.33
N VAL A 52 -5.15 -1.41 3.21
CA VAL A 52 -5.55 -0.20 2.50
C VAL A 52 -7.07 -0.09 2.43
N ARG A 53 -7.58 1.11 2.68
CA ARG A 53 -9.02 1.35 2.63
C ARG A 53 -9.34 2.48 1.65
N ILE A 54 -10.21 2.19 0.70
CA ILE A 54 -10.60 3.19 -0.30
C ILE A 54 -11.69 4.10 0.23
N GLU A 55 -11.44 5.41 0.19
CA GLU A 55 -12.39 6.39 0.67
C GLU A 55 -12.85 7.29 -0.48
N ASN A 56 -14.15 7.62 -0.48
CA ASN A 56 -14.74 8.48 -1.50
C ASN A 56 -13.76 9.53 -2.00
N GLY A 57 -13.07 9.21 -3.08
CA GLY A 57 -12.08 10.12 -3.63
C GLY A 57 -10.87 9.41 -4.17
N GLU A 58 -10.03 8.90 -3.26
CA GLU A 58 -8.82 8.18 -3.67
C GLU A 58 -8.53 7.02 -2.72
N ALA A 59 -7.50 6.24 -3.05
CA ALA A 59 -7.12 5.10 -2.24
C ALA A 59 -6.24 5.55 -1.06
N TRP A 60 -6.50 4.98 0.11
CA TRP A 60 -5.75 5.32 1.31
C TRP A 60 -4.94 4.12 1.79
N LEU A 61 -3.82 4.39 2.45
CA LEU A 61 -2.95 3.32 2.95
C LEU A 61 -2.70 3.45 4.45
N TYR A 62 -2.92 2.36 5.17
CA TYR A 62 -2.71 2.33 6.60
C TYR A 62 -1.73 1.21 6.96
N ASN A 63 -0.66 1.56 7.67
CA ASN A 63 0.35 0.58 8.07
C ASN A 63 0.47 0.50 9.59
N LEU A 64 0.38 -0.72 10.11
CA LEU A 64 0.48 -0.94 11.54
C LEU A 64 1.82 -1.60 11.91
N TYR A 65 2.50 -2.15 10.91
CA TYR A 65 3.79 -2.80 11.14
C TYR A 65 4.92 -2.03 10.47
N ILE A 66 5.76 -1.39 11.30
CA ILE A 66 6.89 -0.63 10.80
C ILE A 66 8.21 -1.15 11.37
N ALA A 67 9.10 -1.60 10.51
CA ALA A 67 10.39 -2.13 10.94
C ALA A 67 11.40 -1.01 11.20
N PRO A 68 11.79 -0.25 10.15
CA PRO A 68 12.75 0.84 10.28
C PRO A 68 12.17 2.04 11.03
N TYR A 69 12.88 3.16 10.98
CA TYR A 69 12.44 4.37 11.66
C TYR A 69 12.11 5.47 10.66
N LYS A 70 11.69 6.62 11.17
CA LYS A 70 11.35 7.76 10.32
C LYS A 70 12.40 8.86 10.43
N HIS A 71 12.65 9.32 11.65
CA HIS A 71 13.63 10.36 11.89
C HIS A 71 14.47 10.05 13.12
N ALA A 72 13.80 9.70 14.21
CA ALA A 72 14.48 9.38 15.46
C ALA A 72 14.78 7.90 15.56
N THR A 73 15.85 7.55 16.26
CA THR A 73 16.25 6.15 16.43
C THR A 73 16.67 5.89 17.87
N ILE A 74 16.04 6.58 18.81
CA ILE A 74 16.37 6.41 20.22
C ILE A 74 15.21 5.74 20.97
N GLU A 75 14.08 6.42 21.02
CA GLU A 75 12.90 5.89 21.71
C GLU A 75 11.67 5.98 20.81
N ASN A 76 11.54 5.03 19.88
CA ASN A 76 10.42 5.00 18.97
C ASN A 76 9.12 4.71 19.71
N HIS A 77 8.15 5.61 19.58
CA HIS A 77 6.87 5.44 20.24
C HIS A 77 5.71 5.83 19.32
N ASP A 78 5.92 5.66 18.02
CA ASP A 78 4.91 6.00 17.03
C ASP A 78 5.14 5.24 15.73
N PRO A 79 5.04 3.90 15.75
CA PRO A 79 5.24 3.07 14.57
C PRO A 79 4.16 3.31 13.50
N LEU A 80 2.91 3.15 13.90
CA LEU A 80 1.79 3.34 12.98
C LEU A 80 1.88 4.68 12.26
N ARG A 81 1.28 4.75 11.07
CA ARG A 81 1.30 5.97 10.28
C ARG A 81 0.13 5.99 9.30
N LYS A 82 0.14 6.94 8.37
CA LYS A 82 -0.93 7.07 7.39
C LYS A 82 -0.51 7.94 6.22
N ARG A 83 -0.81 7.50 5.00
CA ARG A 83 -0.45 8.24 3.80
C ARG A 83 -1.64 8.33 2.85
N LYS A 84 -1.70 9.39 2.06
CA LYS A 84 -2.78 9.58 1.11
C LYS A 84 -2.30 9.43 -0.33
N LEU A 85 -3.03 8.63 -1.11
CA LEU A 85 -2.69 8.39 -2.51
C LEU A 85 -3.82 8.89 -3.40
N LEU A 86 -3.45 9.46 -4.55
CA LEU A 86 -4.44 9.98 -5.50
C LEU A 86 -5.21 8.85 -6.18
N LEU A 87 -6.19 9.23 -6.99
CA LEU A 87 -7.02 8.25 -7.71
C LEU A 87 -8.06 8.97 -8.57
N HIS A 88 -8.83 8.19 -9.33
CA HIS A 88 -9.86 8.75 -10.20
C HIS A 88 -11.23 8.68 -9.52
N LYS A 89 -12.07 9.67 -9.80
CA LYS A 89 -13.41 9.71 -9.22
C LYS A 89 -14.20 8.47 -9.59
N ARG A 90 -14.10 8.06 -10.84
CA ARG A 90 -14.80 6.87 -11.32
C ARG A 90 -14.21 5.61 -10.72
N GLU A 91 -12.89 5.48 -10.80
CA GLU A 91 -12.19 4.31 -10.27
C GLU A 91 -12.62 4.00 -8.84
N ILE A 92 -12.41 4.96 -7.93
CA ILE A 92 -12.77 4.78 -6.53
C ILE A 92 -14.23 4.34 -6.38
N MET A 93 -15.13 5.04 -7.04
CA MET A 93 -16.56 4.73 -6.98
C MET A 93 -16.80 3.25 -7.24
N ARG A 94 -16.26 2.75 -8.34
CA ARG A 94 -16.41 1.35 -8.70
C ARG A 94 -15.85 0.45 -7.61
N LEU A 95 -14.63 0.75 -7.18
CA LEU A 95 -13.95 -0.02 -6.14
C LEU A 95 -14.84 -0.21 -4.91
N TYR A 96 -15.27 0.90 -4.32
CA TYR A 96 -16.12 0.86 -3.13
C TYR A 96 -17.32 -0.06 -3.32
N GLY A 97 -18.24 0.34 -4.19
CA GLY A 97 -19.44 -0.44 -4.43
C GLY A 97 -19.18 -1.92 -4.71
N LYS A 98 -18.61 -2.21 -5.87
CA LYS A 98 -18.35 -3.59 -6.28
C LYS A 98 -17.54 -4.36 -5.24
N VAL A 99 -16.28 -4.01 -5.07
CA VAL A 99 -15.41 -4.71 -4.13
C VAL A 99 -16.03 -4.86 -2.74
N GLN A 100 -16.16 -3.76 -2.02
CA GLN A 100 -16.70 -3.78 -0.66
C GLN A 100 -18.09 -4.44 -0.57
N GLU A 101 -19.09 -3.77 -1.12
CA GLU A 101 -20.47 -4.25 -1.06
C GLU A 101 -20.63 -5.72 -1.49
N LYS A 102 -20.23 -6.02 -2.72
CA LYS A 102 -20.35 -7.39 -3.23
C LYS A 102 -19.78 -8.40 -2.24
N GLY A 103 -18.57 -8.13 -1.78
CA GLY A 103 -17.94 -9.03 -0.83
C GLY A 103 -16.45 -9.18 -1.10
N TYR A 104 -15.73 -8.07 -1.11
CA TYR A 104 -14.30 -8.10 -1.37
C TYR A 104 -13.56 -7.13 -0.45
N THR A 105 -12.23 -7.24 -0.43
CA THR A 105 -11.40 -6.38 0.40
C THR A 105 -10.17 -5.91 -0.38
N ILE A 106 -9.52 -4.87 0.13
CA ILE A 106 -8.33 -4.32 -0.53
C ILE A 106 -7.11 -4.42 0.38
N ILE A 107 -6.03 -4.94 -0.17
CA ILE A 107 -4.80 -5.10 0.58
C ILE A 107 -3.61 -4.50 -0.17
N PRO A 108 -2.70 -3.82 0.54
CA PRO A 108 -1.53 -3.19 -0.08
C PRO A 108 -0.40 -4.18 -0.31
N LEU A 109 0.39 -3.94 -1.34
CA LEU A 109 1.52 -4.82 -1.66
C LEU A 109 2.84 -4.05 -1.55
N LYS A 110 3.40 -3.65 -2.69
CA LYS A 110 4.66 -2.92 -2.70
C LYS A 110 4.59 -1.65 -3.53
N LEU A 111 5.21 -0.60 -3.02
CA LEU A 111 5.25 0.67 -3.71
C LEU A 111 6.71 1.09 -3.88
N TYR A 112 7.08 1.33 -5.13
CA TYR A 112 8.44 1.74 -5.48
C TYR A 112 8.38 3.03 -6.29
N TRP A 113 9.38 3.91 -6.18
CA TRP A 113 9.32 5.15 -6.96
C TRP A 113 10.24 5.10 -8.17
N LYS A 114 9.64 5.33 -9.33
CA LYS A 114 10.35 5.35 -10.59
C LYS A 114 10.32 6.77 -11.14
N ASN A 115 11.37 7.16 -11.85
CA ASN A 115 11.45 8.51 -12.38
C ASN A 115 11.73 9.49 -11.26
N ASN A 116 10.88 9.48 -10.22
CA ASN A 116 11.07 10.37 -9.08
C ASN A 116 10.01 10.20 -7.99
N LYS A 117 8.91 9.48 -8.25
CA LYS A 117 7.88 9.31 -7.22
C LYS A 117 7.38 7.87 -7.11
N VAL A 118 6.72 7.59 -5.98
CA VAL A 118 6.25 6.25 -5.67
C VAL A 118 4.85 5.92 -6.20
N LYS A 119 4.73 4.67 -6.62
CA LYS A 119 3.49 4.11 -7.10
C LYS A 119 3.22 2.84 -6.28
N VAL A 120 2.05 2.79 -5.65
CA VAL A 120 1.68 1.65 -4.81
C VAL A 120 0.65 0.77 -5.51
N LEU A 121 0.97 -0.51 -5.64
CA LEU A 121 0.06 -1.46 -6.29
C LEU A 121 -0.80 -2.18 -5.26
N ILE A 122 -2.11 -2.10 -5.42
CA ILE A 122 -3.04 -2.74 -4.50
C ILE A 122 -3.83 -3.84 -5.20
N ALA A 123 -3.92 -5.00 -4.56
CA ALA A 123 -4.65 -6.13 -5.12
C ALA A 123 -5.89 -6.46 -4.30
N LEU A 124 -7.01 -6.61 -4.98
CA LEU A 124 -8.27 -6.95 -4.33
C LEU A 124 -8.51 -8.46 -4.38
N ALA A 125 -8.87 -9.04 -3.24
CA ALA A 125 -9.12 -10.46 -3.17
C ALA A 125 -10.36 -10.78 -2.34
N LYS A 126 -10.83 -12.02 -2.45
CA LYS A 126 -12.01 -12.46 -1.72
C LYS A 126 -11.81 -13.88 -1.18
N GLY A 127 -12.79 -14.35 -0.41
CA GLY A 127 -12.70 -15.68 0.15
C GLY A 127 -12.87 -15.69 1.66
N LYS A 128 -11.79 -15.39 2.37
CA LYS A 128 -11.82 -15.37 3.84
C LYS A 128 -12.20 -16.75 4.39
N LYS A 129 -11.21 -17.46 4.90
CA LYS A 129 -11.44 -18.79 5.46
C LYS A 129 -12.43 -18.72 6.62
N LEU A 130 -13.69 -18.99 6.32
CA LEU A 130 -14.74 -18.96 7.34
C LEU A 130 -16.00 -19.66 6.85
N TYR A 131 -16.82 -20.12 7.79
CA TYR A 131 -18.06 -20.82 7.44
C TYR A 131 -19.14 -19.82 7.05
N ASP A 132 -20.12 -20.30 6.26
CA ASP A 132 -21.21 -19.45 5.81
C ASP A 132 -20.69 -18.28 4.99
N ARG A 133 -20.25 -18.56 3.76
CA ARG A 133 -19.72 -17.52 2.88
C ARG A 133 -20.08 -17.81 1.43
#